data_6NE3
#
_entry.id   6NE3
#
_cell.length_a   1
_cell.length_b   1
_cell.length_c   1
_cell.angle_alpha   90.00
_cell.angle_beta   90.00
_cell.angle_gamma   90.00
#
_symmetry.space_group_name_H-M   'P 1'
#
loop_
_entity.id
_entity.type
_entity.pdbx_description
1 polymer 'Histone H3.2'
2 polymer 'Histone H4'
3 polymer 'Histone H2A type 1'
4 polymer 'Histone H2B'
5 polymer 'Histone H2B'
6 polymer 'DNA (156-MER)'
7 polymer 'DNA (156-MER)'
8 polymer 'SWI/SNF-related matrix-associated actin-dependent regulator of chromatin subfamily A member 5'
9 non-polymer "ADENOSINE-5'-DIPHOSPHATE"
#
loop_
_entity_poly.entity_id
_entity_poly.type
_entity_poly.pdbx_seq_one_letter_code
_entity_poly.pdbx_strand_id
1 'polypeptide(L)'
;MARTKQTARKSTGGKAPRKQLATKAARKSAPATGGVKKPHRYRPGTVALREIRRYQKSTELLIRKLPFQRLVREIAQDFK
TDLRFQSSAVMALQEASEAYLVALFEDTNLCAIHAKRVTIMPKDIQLARRIRGERA
;
A,E
2 'polypeptide(L)'
;MSGRGKGGKGLGKGGAKRHRKVLRDNIQGITKPAIRRLARRGGVKRISGLIYEETRGVLKVFLENVIRDAVTYTEHAKRK
TVTAMDVVYALKRQGRTLYGFGG
;
B,F
3 'polypeptide(L)'
;MSGRGKQGGKTRAKAKTRSSRAGLQFPVGRVHRLLRKGNYAERVGAGAPVYLAAVLEYLTAEILELAGNAARDNKKTRII
PRHLQLAVRNDEELNKLLGRVTIAQGGVLPNIQSVLLPKKTESAKSAKSK
;
C,G
4 'polypeptide(L)'
;KKRRKTRKESYAIYVYKVLKQVHPDTGISSKAMSIMNSFVNDVFERIAGEASRLAHYNKRSTITSREIQTAVRLLLPGEL
AKHAVSEGTKAVTKYTSAK
;
D
5 'polypeptide(L)'
;TRKESYAIYVYKVLKQVHPDTGISSKAMSIMNSFVNDVFERIAGEASRLAHYNKRSTITSREIQTAVRLLLPGELAKHAV
SEGTKAVTKYTSA
;
H
6 'polydeoxyribonucleotide'
;(DC)(DT)(DG)(DG)(DA)(DG)(DA)(DA)(DT)(DC)(DC)(DC)(DG)(DG)(DT)(DG)(DC)(DC)(DG)(DA)
(DG)(DG)(DC)(DC)(DG)(DC)(DT)(DC)(DA)(DA)(DT)(DT)(DG)(DG)(DT)(DC)(DG)(DT)(DA)(DG)
(DA)(DC)(DA)(DG)(DC)(DT)(DC)(DT)(DA)(DG)(DC)(DA)(DC)(DC)(DG)(DC)(DT)(DT)(DA)(DA)
(DA)(DC)(DG)(DC)(DA)(DC)(DG)(DT)(DA)(DC)(DG)(DC)(DG)(DC)(DT)(DG)(DT)(DC)(DC)(DC)
(DC)(DC)(DG)(DC)(DG)(DT)(DT)(DT)(DT)(DA)(DA)(DC)(DC)(DG)(DC)(DC)(DA)(DA)(DG)(DG)
(DG)(DG)(DA)(DT)(DT)(DA)(DC)(DT)(DC)(DC)(DC)(DT)(DA)(DG)(DT)(DC)(DT)(DC)(DC)(DA)
(DG)(DG)(DC)(DA)(DC)(DG)(DT)(DG)(DT)(DC)(DA)(DG)(DA)(DT)(DA)(DT)(DA)(DT)(DA)(DC)
(DA)(DT)(DC)(DC)(DT)(DG)(DT)(DG)(DC)(DA)(DT)(DG)(DT)(DA)(DT)(DT)
;
J
7 'polydeoxyribonucleotide'
;(DA)(DA)(DT)(DA)(DC)(DA)(DT)(DG)(DC)(DA)(DC)(DA)(DG)(DG)(DA)(DT)(DG)(DT)(DA)(DT)
(DA)(DT)(DA)(DT)(DC)(DT)(DG)(DA)(DC)(DA)(DC)(DG)(DT)(DG)(DC)(DC)(DT)(DG)(DG)(DA)
(DG)(DA)(DC)(DT)(DA)(DG)(DG)(DG)(DA)(DG)(DT)(DA)(DA)(DT)(DC)(DC)(DC)(DC)(DT)(DT)
(DG)(DG)(DC)(DG)(DG)(DT)(DT)(DA)(DA)(DA)(DA)(DC)(DG)(DC)(DG)(DG)(DG)(DG)(DG)(DA)
(DC)(DA)(DG)(DC)(DG)(DC)(DG)(DT)(DA)(DC)(DG)(DT)(DG)(DC)(DG)(DT)(DT)(DT)(DA)(DA)
(DG)(DC)(DG)(DG)(DT)(DG)(DC)(DT)(DA)(DG)(DA)(DG)(DC)(DT)(DG)(DT)(DC)(DT)(DA)(DC)
(DG)(DA)(DC)(DC)(DA)(DA)(DT)(DT)(DG)(DA)(DG)(DC)(DG)(DG)(DC)(DC)(DT)(DC)(DG)(DG)
(DC)(DA)(DC)(DC)(DG)(DG)(DG)(DA)(DT)(DT)(DC)(DT)(DC)(DC)(DA)(DG)
;
I
8 'polypeptide(L)'
;TRFEDSPSYVKWGKLRDYQVRGLNWLISLYENGINGILADEMGLGKTLQTISLLGYMKHYRNIPGPHMVLVPKSTLHNWM
SEFKRWVPTLRSVCLIGDKEQRAAFVRDVLLPGEWDVCVTSYEMLIKEKSVFKKFNWRYLVIDEAHRIKNEKSKLSEIVR
EFKTTNRLLLTGTPLQNNLHELWSLLNFLLPDVFNSADDFDSWFDTNCLGQKLVERLHMVLRPFLLRRIKADVEKSLPPK
KEVKIYVGLSKMQREWYTRILMKDIDILNSAGKMDKMRLLNILMQLRKCCNHPYLFDGAEPGPPYTTDMHLVTNSGKMVV
LDKLLPKLKEQGSRVLIFSQMTRVLDILEDYCMWRNYEYCRLDGQTPHDERQDSINAYNEPNSTKFVFMLSTRAGGLGIN
LATADVVILYDSDWNPQVDLQAMDRAHRIGQTKTVRVFRFITDNTVEERIVERAEMKLRLDSIVIQQ
;
W
#
loop_
_chem_comp.id
_chem_comp.type
_chem_comp.name
_chem_comp.formula
ADP non-polymer ADENOSINE-5'-DIPHOSPHATE 'C10 H15 N5 O10 P2'
DA DNA linking 2'-DEOXYADENOSINE-5'-MONOPHOSPHATE 'C10 H14 N5 O6 P'
DC DNA linking 2'-DEOXYCYTIDINE-5'-MONOPHOSPHATE 'C9 H14 N3 O7 P'
DG DNA linking 2'-DEOXYGUANOSINE-5'-MONOPHOSPHATE 'C10 H14 N5 O7 P'
DT DNA linking THYMIDINE-5'-MONOPHOSPHATE 'C10 H15 N2 O8 P'
#
# COMPACT_ATOMS: atom_id res chain seq x y z
N LYS A 37 -10.18 15.75 -45.01
CA LYS A 37 -9.02 15.93 -45.86
C LYS A 37 -7.85 16.52 -45.07
N LYS A 38 -6.69 15.86 -45.19
CA LYS A 38 -5.43 16.17 -44.49
C LYS A 38 -5.64 16.26 -42.98
N PRO A 39 -5.80 15.13 -42.30
CA PRO A 39 -6.08 15.17 -40.85
C PRO A 39 -4.89 15.72 -40.08
N HIS A 40 -5.21 16.31 -38.93
CA HIS A 40 -4.25 17.09 -38.16
C HIS A 40 -3.54 16.17 -37.17
N ARG A 41 -2.43 15.59 -37.61
CA ARG A 41 -1.58 14.80 -36.74
C ARG A 41 -0.60 15.71 -36.04
N TYR A 42 -0.48 15.54 -34.73
CA TYR A 42 0.47 16.32 -33.96
C TYR A 42 1.88 15.81 -34.19
N ARG A 43 2.83 16.73 -34.10
CA ARG A 43 4.23 16.39 -34.33
C ARG A 43 4.74 15.52 -33.18
N PRO A 44 5.73 14.67 -33.44
CA PRO A 44 6.38 13.94 -32.36
C PRO A 44 7.10 14.88 -31.42
N GLY A 45 6.70 14.87 -30.16
CA GLY A 45 7.21 15.80 -29.19
C GLY A 45 6.32 16.98 -28.90
N THR A 46 5.01 16.86 -29.11
CA THR A 46 4.05 17.86 -28.68
C THR A 46 3.06 17.30 -27.68
N VAL A 47 2.50 16.13 -27.99
CA VAL A 47 1.65 15.44 -27.04
C VAL A 47 2.46 14.98 -25.85
N ALA A 48 3.76 14.70 -26.04
CA ALA A 48 4.65 14.41 -24.92
C ALA A 48 4.73 15.60 -23.97
N LEU A 49 4.88 16.81 -24.52
CA LEU A 49 4.97 18.00 -23.68
C LEU A 49 3.67 18.27 -22.95
N ARG A 50 2.53 18.16 -23.65
CA ARG A 50 1.27 18.41 -22.99
C ARG A 50 0.94 17.32 -21.98
N GLU A 51 1.40 16.09 -22.21
CA GLU A 51 1.22 15.03 -21.22
C GLU A 51 2.05 15.27 -19.99
N ILE A 52 3.29 15.75 -20.17
CA ILE A 52 4.15 16.08 -19.04
C ILE A 52 3.53 17.19 -18.21
N ARG A 53 3.05 18.24 -18.87
CA ARG A 53 2.46 19.35 -18.12
C ARG A 53 1.16 18.95 -17.43
N ARG A 54 0.35 18.10 -18.06
CA ARG A 54 -0.90 17.70 -17.45
C ARG A 54 -0.66 16.76 -16.27
N TYR A 55 0.28 15.83 -16.40
CA TYR A 55 0.50 14.92 -15.29
C TYR A 55 1.34 15.53 -14.17
N GLN A 56 2.14 16.54 -14.46
CA GLN A 56 2.84 17.23 -13.38
C GLN A 56 1.94 18.23 -12.69
N LYS A 57 0.94 18.76 -13.37
CA LYS A 57 0.00 19.65 -12.71
C LYS A 57 -1.08 18.93 -11.93
N SER A 58 -1.05 17.61 -11.86
CA SER A 58 -2.01 16.84 -11.10
C SER A 58 -1.30 16.12 -9.96
N THR A 59 -2.07 15.41 -9.15
CA THR A 59 -1.52 14.72 -8.00
C THR A 59 -2.14 13.36 -7.75
N GLU A 60 -2.99 12.86 -8.63
CA GLU A 60 -3.63 11.57 -8.41
C GLU A 60 -2.66 10.43 -8.71
N LEU A 61 -3.12 9.21 -8.53
CA LEU A 61 -2.29 8.06 -8.80
C LEU A 61 -2.18 7.82 -10.30
N LEU A 62 -1.27 6.93 -10.66
CA LEU A 62 -1.07 6.59 -12.07
C LEU A 62 -1.18 5.10 -12.32
N ILE A 63 -0.68 4.28 -11.41
CA ILE A 63 -0.85 2.84 -11.53
C ILE A 63 -2.26 2.47 -11.12
N ARG A 64 -2.86 1.56 -11.87
CA ARG A 64 -4.22 1.15 -11.56
C ARG A 64 -4.22 0.21 -10.37
N LYS A 65 -5.24 0.35 -9.52
CA LYS A 65 -5.13 -0.11 -8.15
C LYS A 65 -5.27 -1.62 -8.03
N LEU A 66 -6.10 -2.24 -8.84
CA LEU A 66 -6.24 -3.69 -8.72
C LEU A 66 -5.05 -4.50 -9.25
N PRO A 67 -4.39 -4.16 -10.36
CA PRO A 67 -3.14 -4.87 -10.68
C PRO A 67 -2.04 -4.64 -9.66
N PHE A 68 -1.96 -3.43 -9.09
CA PHE A 68 -0.98 -3.19 -8.05
C PHE A 68 -1.28 -3.98 -6.79
N GLN A 69 -2.56 -4.11 -6.44
CA GLN A 69 -2.94 -4.87 -5.27
C GLN A 69 -2.63 -6.35 -5.45
N ARG A 70 -2.90 -6.89 -6.64
CA ARG A 70 -2.59 -8.29 -6.88
C ARG A 70 -1.08 -8.53 -6.94
N LEU A 71 -0.32 -7.55 -7.45
CA LEU A 71 1.14 -7.66 -7.44
C LEU A 71 1.70 -7.66 -6.03
N VAL A 72 1.15 -6.80 -5.16
CA VAL A 72 1.59 -6.72 -3.78
C VAL A 72 1.24 -8.00 -3.05
N ARG A 73 0.08 -8.57 -3.34
CA ARG A 73 -0.29 -9.84 -2.71
C ARG A 73 0.58 -10.98 -3.19
N GLU A 74 1.04 -10.95 -4.43
CA GLU A 74 1.95 -12.00 -4.86
C GLU A 74 3.35 -11.84 -4.32
N ILE A 75 3.79 -10.61 -4.07
CA ILE A 75 5.08 -10.43 -3.42
C ILE A 75 5.00 -10.88 -1.97
N ALA A 76 3.96 -10.43 -1.26
CA ALA A 76 3.77 -10.78 0.14
C ALA A 76 3.42 -12.23 0.35
N GLN A 77 2.97 -12.93 -0.69
CA GLN A 77 2.71 -14.35 -0.53
C GLN A 77 4.00 -15.15 -0.38
N ASP A 78 5.10 -14.64 -0.91
CA ASP A 78 6.37 -15.36 -0.86
C ASP A 78 6.92 -15.44 0.56
N PHE A 79 6.73 -14.39 1.35
CA PHE A 79 7.32 -14.38 2.69
C PHE A 79 6.46 -15.15 3.68
N LYS A 80 5.14 -14.99 3.60
CA LYS A 80 4.23 -15.68 4.49
C LYS A 80 2.88 -15.77 3.78
N THR A 81 2.14 -16.85 4.06
CA THR A 81 1.01 -17.20 3.21
C THR A 81 -0.24 -16.40 3.54
N ASP A 82 -0.77 -16.57 4.75
CA ASP A 82 -2.07 -16.06 5.14
C ASP A 82 -1.92 -14.61 5.54
N LEU A 83 -1.88 -13.73 4.54
CA LEU A 83 -1.72 -12.30 4.78
C LEU A 83 -2.92 -11.53 4.27
N ARG A 84 -3.64 -10.90 5.20
CA ARG A 84 -4.64 -9.92 4.85
C ARG A 84 -3.95 -8.58 4.61
N PHE A 85 -4.71 -7.54 4.33
CA PHE A 85 -4.14 -6.22 4.18
C PHE A 85 -5.13 -5.20 4.67
N GLN A 86 -4.66 -3.97 4.83
CA GLN A 86 -5.48 -2.97 5.50
C GLN A 86 -6.47 -2.31 4.57
N SER A 87 -6.24 -2.39 3.26
CA SER A 87 -6.89 -1.69 2.14
C SER A 87 -6.57 -0.19 2.13
N SER A 88 -5.88 0.32 3.14
CA SER A 88 -5.13 1.56 3.04
C SER A 88 -3.65 1.28 3.00
N ALA A 89 -3.23 0.08 3.39
CA ALA A 89 -1.83 -0.31 3.31
C ALA A 89 -1.36 -0.34 1.87
N VAL A 90 -2.18 -0.91 0.98
CA VAL A 90 -1.79 -1.00 -0.42
C VAL A 90 -1.77 0.38 -1.07
N MET A 91 -2.65 1.28 -0.64
CA MET A 91 -2.59 2.65 -1.12
C MET A 91 -1.35 3.36 -0.61
N ALA A 92 -0.95 3.04 0.63
CA ALA A 92 0.26 3.63 1.20
C ALA A 92 1.51 3.23 0.44
N LEU A 93 1.69 1.93 0.21
CA LEU A 93 2.91 1.60 -0.51
C LEU A 93 2.75 1.78 -2.01
N GLN A 94 1.54 2.01 -2.51
CA GLN A 94 1.40 2.51 -3.86
C GLN A 94 1.94 3.91 -3.99
N GLU A 95 1.62 4.78 -3.03
CA GLU A 95 2.21 6.12 -3.02
C GLU A 95 3.72 6.07 -2.84
N ALA A 96 4.21 5.11 -2.06
CA ALA A 96 5.64 4.95 -1.87
C ALA A 96 6.34 4.55 -3.17
N SER A 97 5.84 3.50 -3.82
CA SER A 97 6.46 3.02 -5.06
C SER A 97 6.33 4.05 -6.17
N GLU A 98 5.25 4.81 -6.16
CA GLU A 98 5.09 5.87 -7.15
C GLU A 98 6.12 6.97 -6.94
N ALA A 99 6.33 7.39 -5.69
CA ALA A 99 7.34 8.42 -5.43
C ALA A 99 8.75 7.92 -5.77
N TYR A 100 9.01 6.64 -5.50
CA TYR A 100 10.29 6.05 -5.83
C TYR A 100 10.54 6.05 -7.33
N LEU A 101 9.56 5.59 -8.11
CA LEU A 101 9.76 5.54 -9.55
C LEU A 101 9.77 6.91 -10.18
N VAL A 102 9.07 7.89 -9.59
CA VAL A 102 9.12 9.23 -10.14
C VAL A 102 10.49 9.85 -9.93
N ALA A 103 11.08 9.65 -8.75
CA ALA A 103 12.44 10.14 -8.53
C ALA A 103 13.45 9.43 -9.43
N LEU A 104 13.25 8.12 -9.63
CA LEU A 104 14.13 7.34 -10.49
C LEU A 104 14.03 7.81 -11.95
N PHE A 105 12.83 8.06 -12.43
CA PHE A 105 12.69 8.57 -13.78
C PHE A 105 13.19 10.00 -13.92
N GLU A 106 13.13 10.78 -12.83
CA GLU A 106 13.64 12.13 -12.91
C GLU A 106 15.16 12.14 -13.09
N ASP A 107 15.89 11.43 -12.24
CA ASP A 107 17.34 11.51 -12.43
C ASP A 107 17.83 10.63 -13.57
N THR A 108 17.01 9.66 -13.98
CA THR A 108 17.26 8.97 -15.25
C THR A 108 17.18 9.93 -16.42
N ASN A 109 16.16 10.79 -16.44
CA ASN A 109 16.06 11.82 -17.46
C ASN A 109 17.21 12.80 -17.37
N LEU A 110 17.69 13.07 -16.15
CA LEU A 110 18.84 13.96 -15.96
C LEU A 110 20.09 13.40 -16.62
N CYS A 111 20.43 12.15 -16.32
CA CYS A 111 21.62 11.56 -16.89
C CYS A 111 21.49 11.28 -18.38
N ALA A 112 20.28 11.03 -18.86
CA ALA A 112 20.07 10.88 -20.30
C ALA A 112 20.21 12.20 -21.04
N ILE A 113 19.78 13.29 -20.42
CA ILE A 113 20.06 14.63 -20.95
C ILE A 113 21.55 14.88 -20.96
N HIS A 114 22.25 14.39 -19.94
CA HIS A 114 23.69 14.58 -19.86
C HIS A 114 24.43 13.86 -20.97
N ALA A 115 23.90 12.74 -21.46
CA ALA A 115 24.58 11.97 -22.48
C ALA A 115 24.37 12.49 -23.89
N LYS A 116 24.01 13.76 -24.03
CA LYS A 116 23.68 14.43 -25.30
C LYS A 116 22.58 13.66 -26.03
N ARG A 117 21.49 13.47 -25.32
CA ARG A 117 20.44 12.59 -25.78
C ARG A 117 19.14 13.02 -25.10
N VAL A 118 18.03 12.59 -25.66
CA VAL A 118 16.72 12.83 -25.08
C VAL A 118 16.06 11.55 -24.61
N THR A 119 16.21 10.46 -25.37
CA THR A 119 15.61 9.19 -25.01
C THR A 119 16.35 8.57 -23.85
N ILE A 120 15.61 8.08 -22.87
CA ILE A 120 16.21 7.31 -21.79
C ILE A 120 16.40 5.87 -22.25
N MET A 121 17.31 5.16 -21.58
CA MET A 121 17.75 3.85 -22.04
C MET A 121 18.01 2.97 -20.81
N PRO A 122 18.29 1.67 -20.96
CA PRO A 122 18.65 0.87 -19.79
C PRO A 122 19.90 1.32 -19.05
N LYS A 123 20.92 1.78 -19.77
CA LYS A 123 22.12 2.26 -19.10
C LYS A 123 21.87 3.52 -18.30
N ASP A 124 20.82 4.27 -18.65
CA ASP A 124 20.45 5.44 -17.85
C ASP A 124 20.01 5.05 -16.46
N ILE A 125 19.03 4.13 -16.36
CA ILE A 125 18.57 3.75 -15.03
C ILE A 125 19.60 2.87 -14.32
N GLN A 126 20.49 2.19 -15.05
CA GLN A 126 21.54 1.45 -14.38
C GLN A 126 22.55 2.39 -13.74
N LEU A 127 22.93 3.46 -14.45
CA LEU A 127 23.83 4.45 -13.88
C LEU A 127 23.17 5.22 -12.75
N ALA A 128 21.87 5.50 -12.89
CA ALA A 128 21.16 6.23 -11.86
C ALA A 128 21.02 5.41 -10.58
N ARG A 129 20.71 4.13 -10.72
CA ARG A 129 20.67 3.27 -9.55
C ARG A 129 22.05 2.97 -8.98
N ARG A 130 23.10 3.05 -9.79
CA ARG A 130 24.42 2.83 -9.23
C ARG A 130 24.88 4.03 -8.42
N ILE A 131 24.99 5.20 -9.05
CA ILE A 131 25.53 6.36 -8.34
C ILE A 131 24.49 7.01 -7.44
N ARG A 132 23.25 6.55 -7.49
CA ARG A 132 22.25 7.00 -6.53
C ARG A 132 22.58 6.51 -5.12
N GLY A 133 23.22 5.35 -5.02
CA GLY A 133 23.56 4.80 -3.73
C GLY A 133 22.75 3.55 -3.46
N GLU A 134 22.30 2.91 -4.53
CA GLU A 134 21.52 1.68 -4.40
C GLU A 134 22.25 0.52 -5.06
N ARG A 135 21.58 -0.63 -5.14
CA ARG A 135 22.18 -1.82 -5.71
C ARG A 135 22.32 -1.70 -7.23
N ALA B 16 -8.43 -15.86 -32.37
CA ALA B 16 -8.32 -15.03 -31.17
C ALA B 16 -7.77 -15.86 -30.00
N LYS B 17 -8.64 -16.17 -29.04
CA LYS B 17 -8.27 -17.00 -27.90
C LYS B 17 -9.36 -18.03 -27.65
N ARG B 18 -8.97 -19.08 -26.94
CA ARG B 18 -9.90 -20.11 -26.49
C ARG B 18 -10.27 -19.82 -25.04
N HIS B 19 -11.28 -20.54 -24.54
CA HIS B 19 -11.89 -20.32 -23.25
C HIS B 19 -10.92 -20.59 -22.09
N ARG B 20 -11.42 -20.34 -20.88
CA ARG B 20 -10.65 -20.31 -19.63
C ARG B 20 -9.46 -19.36 -19.75
N LYS B 21 -9.79 -18.09 -19.96
CA LYS B 21 -8.78 -17.06 -20.22
C LYS B 21 -8.21 -16.58 -18.90
N VAL B 22 -7.12 -17.23 -18.45
CA VAL B 22 -6.32 -16.78 -17.32
C VAL B 22 -4.92 -16.52 -17.85
N LEU B 23 -4.49 -15.26 -17.80
CA LEU B 23 -3.26 -14.85 -18.48
C LEU B 23 -2.70 -13.63 -17.77
N ARG B 24 -1.70 -13.00 -18.39
CA ARG B 24 -1.06 -11.76 -17.94
C ARG B 24 -0.47 -11.89 -16.55
N ASP B 25 0.64 -12.64 -16.44
CA ASP B 25 1.42 -12.80 -15.22
C ASP B 25 1.63 -11.49 -14.48
N ASN B 26 1.53 -11.55 -13.16
CA ASN B 26 1.09 -10.43 -12.34
C ASN B 26 2.05 -9.25 -12.33
N ILE B 27 3.33 -9.46 -12.62
CA ILE B 27 4.21 -8.31 -12.74
C ILE B 27 3.91 -7.56 -14.03
N GLN B 28 3.55 -8.28 -15.10
CA GLN B 28 3.23 -7.65 -16.37
C GLN B 28 1.89 -6.94 -16.33
N GLY B 29 1.10 -7.14 -15.27
CA GLY B 29 -0.09 -6.35 -15.05
C GLY B 29 0.17 -4.87 -14.84
N ILE B 30 1.37 -4.50 -14.42
CA ILE B 30 1.77 -3.11 -14.42
C ILE B 30 2.02 -2.72 -15.86
N THR B 31 1.03 -2.08 -16.48
CA THR B 31 1.01 -1.98 -17.91
C THR B 31 1.95 -0.89 -18.41
N LYS B 32 2.22 -0.93 -19.70
CA LYS B 32 3.18 -0.04 -20.34
C LYS B 32 2.73 1.42 -20.40
N PRO B 33 1.46 1.76 -20.66
CA PRO B 33 1.08 3.16 -20.48
C PRO B 33 1.09 3.63 -19.04
N ALA B 34 1.04 2.73 -18.05
CA ALA B 34 1.20 3.20 -16.67
C ALA B 34 2.64 3.64 -16.41
N ILE B 35 3.60 2.91 -16.94
CA ILE B 35 5.00 3.32 -16.86
C ILE B 35 5.22 4.57 -17.69
N ARG B 36 4.50 4.71 -18.80
CA ARG B 36 4.56 5.93 -19.58
C ARG B 36 4.02 7.11 -18.81
N ARG B 37 2.93 6.92 -18.07
CA ARG B 37 2.34 7.98 -17.28
C ARG B 37 3.25 8.37 -16.13
N LEU B 38 3.90 7.39 -15.52
CA LEU B 38 4.92 7.67 -14.51
C LEU B 38 6.10 8.43 -15.10
N ALA B 39 6.43 8.13 -16.35
CA ALA B 39 7.53 8.82 -17.01
C ALA B 39 7.21 10.28 -17.26
N ARG B 40 6.04 10.56 -17.83
CA ARG B 40 5.64 11.95 -18.04
C ARG B 40 5.40 12.67 -16.73
N ARG B 41 5.00 11.93 -15.70
CA ARG B 41 4.96 12.52 -14.36
C ARG B 41 6.37 12.86 -13.89
N GLY B 42 7.33 11.98 -14.19
CA GLY B 42 8.71 12.29 -13.89
C GLY B 42 9.31 13.35 -14.78
N GLY B 43 8.68 13.62 -15.92
CA GLY B 43 9.11 14.74 -16.73
C GLY B 43 10.17 14.37 -17.73
N VAL B 44 9.90 13.36 -18.56
CA VAL B 44 10.83 12.92 -19.58
C VAL B 44 10.09 12.82 -20.91
N LYS B 45 10.72 13.31 -21.98
CA LYS B 45 10.03 13.51 -23.24
C LYS B 45 9.85 12.20 -24.02
N ARG B 46 10.80 11.27 -23.91
CA ARG B 46 10.82 10.18 -24.88
C ARG B 46 11.44 8.95 -24.26
N ILE B 47 10.73 7.83 -24.30
CA ILE B 47 11.14 6.61 -23.65
C ILE B 47 11.62 5.63 -24.71
N SER B 48 12.47 4.71 -24.32
CA SER B 48 12.87 3.64 -25.23
C SER B 48 11.83 2.54 -25.20
N GLY B 49 12.17 1.39 -25.76
CA GLY B 49 11.29 0.24 -25.72
C GLY B 49 11.75 -0.79 -24.72
N LEU B 50 12.88 -0.53 -24.06
CA LEU B 50 13.44 -1.47 -23.11
C LEU B 50 13.28 -1.01 -21.68
N ILE B 51 12.75 0.19 -21.45
CA ILE B 51 12.66 0.74 -20.10
C ILE B 51 11.67 -0.04 -19.25
N TYR B 52 10.63 -0.60 -19.88
CA TYR B 52 9.50 -1.14 -19.15
C TYR B 52 9.86 -2.42 -18.39
N GLU B 53 10.69 -3.27 -18.98
CA GLU B 53 10.99 -4.55 -18.35
C GLU B 53 11.88 -4.39 -17.13
N GLU B 54 12.96 -3.63 -17.28
CA GLU B 54 13.80 -3.32 -16.14
C GLU B 54 13.10 -2.44 -15.12
N THR B 55 12.13 -1.64 -15.54
CA THR B 55 11.35 -0.88 -14.57
C THR B 55 10.50 -1.79 -13.72
N ARG B 56 9.89 -2.80 -14.35
CA ARG B 56 9.18 -3.82 -13.59
C ARG B 56 10.11 -4.58 -12.66
N GLY B 57 11.35 -4.84 -13.09
CA GLY B 57 12.31 -5.48 -12.21
C GLY B 57 12.69 -4.62 -11.01
N VAL B 58 12.93 -3.33 -11.24
CA VAL B 58 13.23 -2.37 -10.18
C VAL B 58 12.10 -2.31 -9.17
N LEU B 59 10.86 -2.25 -9.67
CA LEU B 59 9.72 -2.13 -8.79
C LEU B 59 9.50 -3.39 -7.99
N LYS B 60 9.75 -4.56 -8.60
CA LYS B 60 9.63 -5.80 -7.86
C LYS B 60 10.69 -5.90 -6.77
N VAL B 61 11.91 -5.42 -7.04
CA VAL B 61 12.97 -5.41 -6.02
C VAL B 61 12.58 -4.52 -4.84
N PHE B 62 12.14 -3.31 -5.15
CA PHE B 62 11.81 -2.33 -4.11
C PHE B 62 10.65 -2.80 -3.26
N LEU B 63 9.59 -3.30 -3.90
CA LEU B 63 8.45 -3.81 -3.15
C LEU B 63 8.81 -5.07 -2.38
N GLU B 64 9.75 -5.88 -2.88
CA GLU B 64 10.15 -7.06 -2.14
C GLU B 64 10.84 -6.69 -0.83
N ASN B 65 11.71 -5.68 -0.88
CA ASN B 65 12.39 -5.22 0.33
C ASN B 65 11.40 -4.63 1.34
N VAL B 66 10.54 -3.73 0.88
CA VAL B 66 9.63 -3.04 1.78
C VAL B 66 8.60 -4.00 2.36
N ILE B 67 8.07 -4.90 1.54
CA ILE B 67 7.08 -5.86 2.01
C ILE B 67 7.73 -6.89 2.92
N ARG B 68 9.00 -7.22 2.71
CA ARG B 68 9.69 -8.12 3.64
C ARG B 68 9.83 -7.48 5.01
N ASP B 69 10.14 -6.19 5.06
CA ASP B 69 10.21 -5.52 6.36
C ASP B 69 8.85 -5.44 7.04
N ALA B 70 7.79 -5.13 6.28
CA ALA B 70 6.47 -4.99 6.87
C ALA B 70 5.92 -6.33 7.34
N VAL B 71 6.23 -7.40 6.62
CA VAL B 71 5.85 -8.74 7.03
C VAL B 71 6.60 -9.15 8.27
N THR B 72 7.86 -8.72 8.40
CA THR B 72 8.61 -8.98 9.63
C THR B 72 8.00 -8.25 10.83
N TYR B 73 7.60 -6.99 10.63
CA TYR B 73 6.94 -6.23 11.69
C TYR B 73 5.65 -6.89 12.13
N THR B 74 4.79 -7.25 11.18
CA THR B 74 3.50 -7.84 11.52
C THR B 74 3.64 -9.26 12.03
N GLU B 75 4.72 -9.95 11.68
CA GLU B 75 5.00 -11.22 12.32
C GLU B 75 5.43 -11.03 13.75
N HIS B 76 6.12 -9.93 14.06
CA HIS B 76 6.53 -9.74 15.44
C HIS B 76 5.35 -9.39 16.33
N ALA B 77 4.40 -8.61 15.83
CA ALA B 77 3.23 -8.28 16.61
C ALA B 77 2.21 -9.41 16.68
N LYS B 78 2.53 -10.57 16.11
CA LYS B 78 1.73 -11.79 16.13
C LYS B 78 0.36 -11.58 15.50
N ARG B 79 0.28 -10.66 14.54
CA ARG B 79 -0.96 -10.38 13.86
C ARG B 79 -1.05 -11.22 12.60
N LYS B 80 -2.02 -10.88 11.76
CA LYS B 80 -2.13 -11.49 10.44
C LYS B 80 -2.39 -10.45 9.37
N THR B 81 -2.72 -9.21 9.73
CA THR B 81 -3.10 -8.19 8.78
C THR B 81 -2.02 -7.13 8.76
N VAL B 82 -1.42 -6.92 7.59
CA VAL B 82 -0.52 -5.79 7.41
C VAL B 82 -1.33 -4.51 7.52
N THR B 83 -0.91 -3.64 8.43
CA THR B 83 -1.59 -2.37 8.60
C THR B 83 -0.94 -1.31 7.71
N ALA B 84 -1.42 -0.09 7.81
CA ALA B 84 -0.69 1.01 7.23
C ALA B 84 0.50 1.39 8.10
N MET B 85 0.39 1.18 9.41
CA MET B 85 1.48 1.54 10.31
C MET B 85 2.71 0.67 10.08
N ASP B 86 2.50 -0.60 9.72
CA ASP B 86 3.62 -1.49 9.48
C ASP B 86 4.42 -1.04 8.27
N VAL B 87 3.74 -0.61 7.21
CA VAL B 87 4.47 -0.15 6.04
C VAL B 87 4.98 1.27 6.20
N VAL B 88 4.46 2.04 7.15
CA VAL B 88 5.14 3.30 7.43
C VAL B 88 6.41 3.06 8.23
N TYR B 89 6.40 2.11 9.16
CA TYR B 89 7.61 1.78 9.89
C TYR B 89 8.65 1.14 8.99
N ALA B 90 8.20 0.32 8.04
CA ALA B 90 9.12 -0.32 7.10
C ALA B 90 9.77 0.69 6.19
N LEU B 91 9.00 1.64 5.67
CA LEU B 91 9.56 2.66 4.80
C LEU B 91 10.42 3.65 5.57
N LYS B 92 10.07 3.92 6.82
CA LYS B 92 10.91 4.78 7.65
C LYS B 92 12.24 4.12 7.96
N ARG B 93 12.22 2.80 8.19
CA ARG B 93 13.44 2.08 8.48
C ARG B 93 14.34 1.96 7.25
N GLN B 94 13.79 2.17 6.06
CA GLN B 94 14.58 2.17 4.85
C GLN B 94 15.17 3.53 4.50
N GLY B 95 14.63 4.60 5.07
CA GLY B 95 15.09 5.93 4.73
C GLY B 95 14.12 6.75 3.91
N ARG B 96 12.93 6.24 3.66
CA ARG B 96 11.89 6.99 2.94
C ARG B 96 10.71 7.14 3.88
N THR B 97 10.70 8.19 4.68
CA THR B 97 9.59 8.41 5.59
C THR B 97 8.37 8.87 4.79
N LEU B 98 7.28 8.13 4.92
CA LEU B 98 6.02 8.43 4.25
C LEU B 98 5.10 9.14 5.23
N TYR B 99 4.74 10.38 4.91
CA TYR B 99 3.75 11.08 5.72
C TYR B 99 2.37 10.69 5.24
N GLY B 100 1.34 11.19 5.92
CA GLY B 100 0.02 10.87 5.46
C GLY B 100 -0.59 9.66 6.14
N PHE B 101 -0.42 8.49 5.51
CA PHE B 101 -1.03 7.25 5.93
C PHE B 101 -0.65 6.88 7.35
N GLY B 102 -1.64 6.79 8.22
CA GLY B 102 -1.38 6.44 9.60
C GLY B 102 -0.66 7.51 10.39
N GLY B 103 -0.38 7.22 11.66
CA GLY B 103 0.19 8.21 12.54
C GLY B 103 -0.83 9.28 12.86
N GLY C 9 25.03 -21.18 55.00
CA GLY C 9 24.56 -21.23 53.63
C GLY C 9 25.57 -20.70 52.64
N LYS C 10 25.46 -21.15 51.39
CA LYS C 10 26.37 -20.72 50.33
C LYS C 10 25.97 -19.33 49.86
N THR C 11 26.41 -18.31 50.61
CA THR C 11 26.16 -16.92 50.24
C THR C 11 26.96 -16.48 49.04
N ARG C 12 27.99 -17.23 48.66
CA ARG C 12 28.71 -17.00 47.42
C ARG C 12 29.20 -18.37 46.95
N ALA C 13 28.46 -18.98 46.02
CA ALA C 13 28.84 -20.25 45.45
C ALA C 13 29.82 -20.02 44.29
N LYS C 14 30.04 -21.05 43.48
CA LYS C 14 30.97 -20.96 42.35
C LYS C 14 30.40 -20.01 41.31
N ALA C 15 31.02 -18.83 41.18
CA ALA C 15 30.49 -17.75 40.36
C ALA C 15 30.69 -18.07 38.89
N LYS C 16 29.77 -18.89 38.38
CA LYS C 16 29.78 -19.27 36.97
C LYS C 16 29.17 -18.13 36.16
N THR C 17 30.01 -17.45 35.39
CA THR C 17 29.55 -16.32 34.60
C THR C 17 28.61 -16.77 33.50
N ARG C 18 27.80 -15.84 33.02
CA ARG C 18 26.79 -16.18 32.04
C ARG C 18 27.36 -16.43 30.65
N SER C 19 28.52 -15.84 30.35
CA SER C 19 29.19 -16.15 29.09
C SER C 19 29.64 -17.61 29.04
N SER C 20 30.09 -18.15 30.15
CA SER C 20 30.33 -19.58 30.23
C SER C 20 29.06 -20.37 30.47
N ARG C 21 27.99 -19.72 30.89
CA ARG C 21 26.74 -20.42 31.12
C ARG C 21 25.85 -20.41 29.89
N ALA C 22 26.17 -19.60 28.88
CA ALA C 22 25.51 -19.65 27.60
C ALA C 22 26.36 -20.35 26.55
N GLY C 23 27.56 -20.78 26.92
CA GLY C 23 28.48 -21.31 25.94
C GLY C 23 28.99 -20.25 24.98
N LEU C 24 29.20 -19.04 25.47
CA LEU C 24 29.50 -17.89 24.66
C LEU C 24 30.88 -17.36 25.00
N GLN C 25 31.27 -16.26 24.36
CA GLN C 25 32.54 -15.61 24.60
C GLN C 25 32.43 -14.12 24.81
N PHE C 26 31.27 -13.59 24.96
CA PHE C 26 31.02 -12.16 25.02
C PHE C 26 30.40 -11.76 26.37
N PRO C 27 30.65 -10.53 26.83
CA PRO C 27 30.26 -10.18 28.20
C PRO C 27 28.77 -9.97 28.38
N VAL C 28 28.06 -11.05 28.71
CA VAL C 28 26.62 -11.03 28.91
C VAL C 28 26.21 -10.01 29.96
N GLY C 29 26.97 -9.94 31.06
CA GLY C 29 26.64 -9.00 32.10
C GLY C 29 26.86 -7.55 31.69
N ARG C 30 27.93 -7.30 30.94
CA ARG C 30 28.20 -5.95 30.48
C ARG C 30 27.18 -5.51 29.44
N VAL C 31 26.72 -6.44 28.60
CA VAL C 31 25.67 -6.13 27.64
C VAL C 31 24.36 -5.87 28.35
N HIS C 32 24.08 -6.63 29.41
CA HIS C 32 22.90 -6.41 30.24
C HIS C 32 22.93 -5.03 30.89
N ARG C 33 24.11 -4.63 31.37
CA ARG C 33 24.24 -3.33 32.00
C ARG C 33 24.11 -2.21 30.99
N LEU C 34 24.66 -2.39 29.80
CA LEU C 34 24.53 -1.37 28.77
C LEU C 34 23.14 -1.32 28.18
N LEU C 35 22.38 -2.39 28.29
CA LEU C 35 20.98 -2.31 27.91
C LEU C 35 20.16 -1.61 28.98
N ARG C 36 20.50 -1.83 30.25
CA ARG C 36 19.76 -1.18 31.33
C ARG C 36 20.02 0.32 31.35
N LYS C 37 21.30 0.71 31.33
CA LYS C 37 21.63 2.13 31.36
C LYS C 37 21.37 2.80 30.02
N GLY C 38 21.17 2.02 28.96
CA GLY C 38 21.14 2.59 27.64
C GLY C 38 19.87 3.32 27.26
N ASN C 39 18.90 3.44 28.17
CA ASN C 39 17.64 4.16 27.96
C ASN C 39 16.86 3.61 26.77
N TYR C 40 16.74 2.29 26.73
CA TYR C 40 16.14 1.61 25.60
C TYR C 40 14.71 1.18 25.88
N ALA C 41 14.45 0.63 27.05
CA ALA C 41 13.09 0.38 27.50
C ALA C 41 13.07 0.49 29.00
N GLU C 42 11.89 0.29 29.58
CA GLU C 42 11.78 0.31 31.04
C GLU C 42 12.47 -0.89 31.63
N ARG C 43 12.04 -2.09 31.26
CA ARG C 43 12.67 -3.30 31.74
C ARG C 43 13.27 -4.06 30.57
N VAL C 44 14.29 -4.84 30.88
CA VAL C 44 15.06 -5.58 29.89
C VAL C 44 14.99 -7.05 30.27
N GLY C 45 14.51 -7.88 29.35
CA GLY C 45 14.31 -9.28 29.66
C GLY C 45 15.61 -10.02 29.87
N ALA C 46 15.52 -11.13 30.60
CA ALA C 46 16.71 -11.90 30.93
C ALA C 46 17.27 -12.65 29.75
N GLY C 47 16.43 -13.12 28.84
CA GLY C 47 16.88 -13.78 27.64
C GLY C 47 17.39 -12.85 26.56
N ALA C 48 17.34 -11.55 26.77
CA ALA C 48 17.77 -10.59 25.76
C ALA C 48 19.28 -10.45 25.61
N PRO C 49 20.09 -10.18 26.66
CA PRO C 49 21.51 -9.91 26.38
C PRO C 49 22.30 -11.13 25.98
N VAL C 50 21.82 -12.34 26.30
CA VAL C 50 22.43 -13.55 25.77
C VAL C 50 22.28 -13.59 24.25
N TYR C 51 21.08 -13.31 23.75
CA TYR C 51 20.84 -13.29 22.32
C TYR C 51 21.66 -12.20 21.65
N LEU C 52 21.74 -11.03 22.29
CA LEU C 52 22.45 -9.92 21.68
C LEU C 52 23.95 -10.18 21.62
N ALA C 53 24.52 -10.72 22.70
CA ALA C 53 25.94 -11.02 22.70
C ALA C 53 26.26 -12.17 21.76
N ALA C 54 25.35 -13.11 21.59
CA ALA C 54 25.59 -14.18 20.63
C ALA C 54 25.60 -13.66 19.20
N VAL C 55 24.68 -12.74 18.88
CA VAL C 55 24.64 -12.18 17.54
C VAL C 55 25.89 -11.36 17.26
N LEU C 56 26.32 -10.56 18.24
CA LEU C 56 27.54 -9.77 18.08
C LEU C 56 28.77 -10.66 17.97
N GLU C 57 28.78 -11.78 18.69
CA GLU C 57 29.86 -12.73 18.60
C GLU C 57 29.94 -13.37 17.22
N TYR C 58 28.78 -13.71 16.64
CA TYR C 58 28.80 -14.33 15.32
C TYR C 58 29.25 -13.33 14.25
N LEU C 59 28.79 -12.08 14.36
CA LEU C 59 29.20 -11.07 13.39
C LEU C 59 30.70 -10.80 13.44
N THR C 60 31.24 -10.69 14.65
CA THR C 60 32.67 -10.50 14.81
C THR C 60 33.45 -11.71 14.30
N ALA C 61 32.91 -12.92 14.49
CA ALA C 61 33.56 -14.11 13.99
C ALA C 61 33.61 -14.13 12.47
N GLU C 62 32.55 -13.64 11.82
CA GLU C 62 32.53 -13.59 10.37
C GLU C 62 33.55 -12.59 9.84
N ILE C 63 33.57 -11.39 10.43
CA ILE C 63 34.50 -10.35 9.96
C ILE C 63 35.94 -10.78 10.19
N LEU C 64 36.21 -11.44 11.31
CA LEU C 64 37.58 -11.86 11.58
C LEU C 64 38.00 -13.01 10.69
N GLU C 65 37.08 -13.91 10.33
CA GLU C 65 37.40 -14.97 9.38
C GLU C 65 37.82 -14.39 8.03
N LEU C 66 37.03 -13.44 7.52
CA LEU C 66 37.36 -12.88 6.22
C LEU C 66 38.61 -12.01 6.26
N ALA C 67 38.82 -11.28 7.37
CA ALA C 67 40.00 -10.46 7.48
C ALA C 67 41.26 -11.30 7.62
N GLY C 68 41.17 -12.40 8.37
CA GLY C 68 42.31 -13.30 8.47
C GLY C 68 42.64 -13.97 7.16
N ASN C 69 41.61 -14.32 6.38
CA ASN C 69 41.86 -14.89 5.05
C ASN C 69 42.54 -13.89 4.13
N ALA C 70 42.04 -12.65 4.09
CA ALA C 70 42.65 -11.65 3.23
C ALA C 70 44.02 -11.21 3.72
N ALA C 71 44.31 -11.34 5.02
CA ALA C 71 45.63 -10.99 5.51
C ALA C 71 46.63 -12.12 5.26
N ARG C 72 46.19 -13.36 5.41
CA ARG C 72 47.05 -14.49 5.07
C ARG C 72 47.36 -14.53 3.59
N ASP C 73 46.42 -14.09 2.75
CA ASP C 73 46.71 -13.97 1.33
C ASP C 73 47.71 -12.87 1.04
N ASN C 74 47.89 -11.92 1.94
CA ASN C 74 48.96 -10.94 1.83
C ASN C 74 50.16 -11.31 2.70
N LYS C 75 50.21 -12.55 3.18
CA LYS C 75 51.31 -13.19 3.90
C LYS C 75 51.61 -12.59 5.27
N LYS C 76 50.86 -11.59 5.71
CA LYS C 76 51.13 -10.97 7.00
C LYS C 76 50.52 -11.81 8.12
N THR C 77 50.74 -11.36 9.35
CA THR C 77 50.33 -12.11 10.53
C THR C 77 49.46 -11.23 11.41
N ARG C 78 49.28 -9.98 11.02
CA ARG C 78 48.46 -9.07 11.79
C ARG C 78 47.42 -8.46 10.87
N ILE C 79 46.16 -8.50 11.30
CA ILE C 79 45.09 -7.84 10.59
C ILE C 79 45.25 -6.33 10.73
N ILE C 80 45.38 -5.64 9.60
CA ILE C 80 45.54 -4.19 9.62
C ILE C 80 44.23 -3.63 9.07
N PRO C 81 43.98 -2.30 9.09
CA PRO C 81 42.73 -1.79 8.50
C PRO C 81 42.50 -2.11 7.03
N ARG C 82 43.57 -2.28 6.25
CA ARG C 82 43.40 -2.62 4.85
C ARG C 82 42.77 -3.99 4.70
N HIS C 83 43.15 -4.94 5.54
CA HIS C 83 42.55 -6.27 5.49
C HIS C 83 41.10 -6.24 5.92
N LEU C 84 40.74 -5.36 6.84
CA LEU C 84 39.34 -5.24 7.22
C LEU C 84 38.52 -4.63 6.10
N GLN C 85 39.08 -3.65 5.38
CA GLN C 85 38.38 -3.05 4.26
C GLN C 85 38.16 -4.04 3.14
N LEU C 86 39.20 -4.81 2.78
CA LEU C 86 39.05 -5.79 1.72
C LEU C 86 38.13 -6.93 2.13
N ALA C 87 38.11 -7.27 3.42
CA ALA C 87 37.20 -8.31 3.90
C ALA C 87 35.75 -7.84 3.85
N VAL C 88 35.50 -6.59 4.22
CA VAL C 88 34.11 -6.16 4.25
C VAL C 88 33.61 -5.79 2.86
N ARG C 89 34.49 -5.37 1.96
CA ARG C 89 34.01 -5.03 0.62
C ARG C 89 34.01 -6.21 -0.33
N ASN C 90 34.80 -7.24 -0.07
CA ASN C 90 34.73 -8.44 -0.89
C ASN C 90 33.76 -9.47 -0.30
N ASP C 91 32.57 -8.98 0.06
CA ASP C 91 31.46 -9.83 0.47
C ASP C 91 30.22 -8.98 0.31
N GLU C 92 29.14 -9.59 -0.17
CA GLU C 92 27.99 -8.78 -0.58
C GLU C 92 27.18 -8.31 0.62
N GLU C 93 26.80 -9.22 1.51
CA GLU C 93 25.91 -8.86 2.61
C GLU C 93 26.61 -7.98 3.62
N LEU C 94 27.91 -8.17 3.82
CA LEU C 94 28.64 -7.26 4.68
C LEU C 94 28.83 -5.90 4.03
N ASN C 95 28.89 -5.84 2.71
CA ASN C 95 28.92 -4.55 2.06
C ASN C 95 27.58 -3.83 2.19
N LYS C 96 26.49 -4.58 2.14
CA LYS C 96 25.18 -3.96 2.30
C LYS C 96 24.91 -3.58 3.75
N LEU C 97 25.50 -4.32 4.69
CA LEU C 97 25.39 -3.92 6.10
C LEU C 97 26.24 -2.68 6.37
N LEU C 98 27.32 -2.51 5.64
CA LEU C 98 28.21 -1.37 5.81
C LEU C 98 28.26 -0.51 4.56
N GLY C 99 27.11 -0.24 3.98
CA GLY C 99 27.03 0.58 2.78
C GLY C 99 27.32 2.05 3.01
N ARG C 100 27.30 2.51 4.25
CA ARG C 100 27.64 3.87 4.58
C ARG C 100 28.96 4.00 5.30
N VAL C 101 29.44 2.92 5.93
CA VAL C 101 30.56 3.01 6.84
C VAL C 101 31.86 3.17 6.06
N THR C 102 32.55 4.27 6.30
CA THR C 102 33.96 4.34 5.95
C THR C 102 34.77 3.89 7.15
N ILE C 103 35.90 3.26 6.88
CA ILE C 103 36.83 2.89 7.93
C ILE C 103 38.12 3.66 7.71
N ALA C 104 38.85 3.91 8.78
CA ALA C 104 40.06 4.69 8.68
C ALA C 104 41.19 3.83 8.13
N GLN C 105 42.05 4.46 7.34
CA GLN C 105 43.24 3.84 6.72
C GLN C 105 42.90 2.62 5.89
N GLY C 106 41.70 2.60 5.31
CA GLY C 106 41.20 1.37 4.72
C GLY C 106 41.60 1.17 3.28
N GLY C 107 41.71 2.25 2.52
CA GLY C 107 41.95 2.12 1.11
C GLY C 107 40.69 1.75 0.36
N VAL C 108 40.86 1.53 -0.94
CA VAL C 108 39.76 1.17 -1.82
C VAL C 108 40.05 -0.22 -2.36
N LEU C 109 38.99 -0.93 -2.72
CA LEU C 109 39.12 -2.12 -3.54
C LEU C 109 39.76 -1.77 -4.88
N PRO C 110 40.68 -2.59 -5.37
CA PRO C 110 41.31 -2.29 -6.67
C PRO C 110 40.34 -2.60 -7.80
N ASN C 111 39.98 -1.57 -8.56
CA ASN C 111 39.01 -1.75 -9.64
C ASN C 111 39.22 -0.66 -10.69
N ILE C 112 39.90 -1.02 -11.77
CA ILE C 112 39.96 -0.14 -12.94
C ILE C 112 38.77 -0.44 -13.82
N GLN C 113 38.19 0.59 -14.42
CA GLN C 113 37.09 0.39 -15.35
C GLN C 113 37.61 -0.23 -16.64
N SER C 114 36.77 -1.06 -17.25
CA SER C 114 37.18 -1.80 -18.44
C SER C 114 37.37 -0.90 -19.65
N VAL C 115 36.69 0.25 -19.69
CA VAL C 115 36.85 1.15 -20.83
C VAL C 115 38.20 1.83 -20.78
N LEU C 116 38.67 2.18 -19.58
CA LEU C 116 39.93 2.91 -19.45
C LEU C 116 41.16 2.05 -19.68
N LEU C 117 40.99 0.74 -19.87
CA LEU C 117 42.10 -0.10 -20.31
C LEU C 117 42.58 0.36 -21.68
N PRO C 118 43.88 0.23 -21.96
CA PRO C 118 44.41 0.85 -23.18
C PRO C 118 43.95 0.12 -24.45
N LYS C 119 43.74 0.91 -25.49
CA LYS C 119 43.21 0.40 -26.74
C LYS C 119 44.26 -0.43 -27.47
N LYS C 120 43.79 -1.30 -28.36
CA LYS C 120 44.53 -2.45 -28.90
C LYS C 120 45.16 -3.24 -27.76
N THR C 121 44.28 -3.76 -26.89
CA THR C 121 44.75 -4.45 -25.69
C THR C 121 45.35 -5.81 -26.04
N GLU C 122 44.71 -6.52 -26.97
CA GLU C 122 45.16 -7.83 -27.50
C GLU C 122 45.39 -8.89 -26.43
N LYS D 1 49.90 6.94 42.02
CA LYS D 1 50.34 7.03 40.64
C LYS D 1 49.81 8.30 39.98
N LYS D 2 48.96 8.12 38.97
CA LYS D 2 48.39 9.25 38.24
C LYS D 2 46.87 9.15 38.32
N ARG D 3 46.36 8.95 39.53
CA ARG D 3 44.95 8.77 39.87
C ARG D 3 44.32 7.54 39.22
N ARG D 4 45.15 6.59 38.74
CA ARG D 4 44.74 5.31 38.16
C ARG D 4 43.74 5.51 37.02
N LYS D 5 44.28 6.06 35.92
CA LYS D 5 43.57 6.56 34.73
C LYS D 5 42.37 5.71 34.33
N THR D 6 41.24 6.38 34.13
CA THR D 6 39.90 5.85 34.32
C THR D 6 39.60 4.66 33.41
N ARG D 7 38.69 3.81 33.89
CA ARG D 7 38.43 2.51 33.28
C ARG D 7 37.67 2.70 31.98
N LYS D 8 38.43 2.94 30.91
CA LYS D 8 37.87 3.04 29.58
C LYS D 8 37.52 1.62 29.13
N GLU D 9 36.29 1.22 29.44
CA GLU D 9 35.87 -0.13 29.13
C GLU D 9 35.59 -0.28 27.64
N SER D 10 36.05 -1.38 27.07
CA SER D 10 35.92 -1.61 25.64
C SER D 10 35.84 -3.11 25.39
N TYR D 11 35.82 -3.48 24.11
CA TYR D 11 35.60 -4.85 23.68
C TYR D 11 36.88 -5.50 23.17
N ALA D 12 38.01 -5.21 23.80
CA ALA D 12 39.28 -5.68 23.25
C ALA D 12 39.45 -7.18 23.42
N ILE D 13 39.28 -7.68 24.65
CA ILE D 13 39.63 -9.06 24.94
C ILE D 13 38.65 -10.03 24.33
N TYR D 14 37.42 -9.61 24.06
CA TYR D 14 36.46 -10.53 23.46
C TYR D 14 36.72 -10.70 21.97
N VAL D 15 37.04 -9.59 21.29
CA VAL D 15 37.55 -9.63 19.92
C VAL D 15 38.78 -10.51 19.84
N TYR D 16 39.68 -10.37 20.81
CA TYR D 16 40.92 -11.14 20.76
C TYR D 16 40.67 -12.62 21.02
N LYS D 17 39.73 -12.96 21.90
CA LYS D 17 39.37 -14.36 22.13
C LYS D 17 38.74 -14.98 20.89
N VAL D 18 37.86 -14.25 20.23
CA VAL D 18 37.23 -14.77 19.02
C VAL D 18 38.26 -14.92 17.91
N LEU D 19 39.21 -13.98 17.82
CA LEU D 19 40.29 -14.07 16.84
C LEU D 19 41.17 -15.29 17.10
N LYS D 20 41.41 -15.60 18.36
CA LYS D 20 42.13 -16.83 18.64
C LYS D 20 41.26 -18.07 18.40
N GLN D 21 39.94 -17.91 18.38
CA GLN D 21 39.12 -19.06 18.02
C GLN D 21 39.17 -19.37 16.54
N VAL D 22 39.00 -18.38 15.67
CA VAL D 22 38.88 -18.67 14.24
C VAL D 22 40.26 -18.88 13.60
N HIS D 23 41.13 -17.87 13.66
CA HIS D 23 42.48 -17.96 13.11
C HIS D 23 43.45 -17.99 14.28
N PRO D 24 43.80 -19.18 14.79
CA PRO D 24 44.48 -19.25 16.09
C PRO D 24 45.93 -18.81 16.08
N ASP D 25 46.45 -18.34 14.95
CA ASP D 25 47.84 -17.93 14.84
C ASP D 25 47.94 -16.60 14.11
N THR D 26 47.13 -15.64 14.52
CA THR D 26 47.08 -14.36 13.81
C THR D 26 46.79 -13.25 14.80
N GLY D 27 47.73 -12.32 14.93
CA GLY D 27 47.56 -11.16 15.77
C GLY D 27 46.71 -10.10 15.09
N ILE D 28 46.75 -8.91 15.65
CA ILE D 28 45.91 -7.81 15.16
C ILE D 28 46.53 -6.50 15.60
N SER D 29 46.62 -5.56 14.67
CA SER D 29 47.12 -4.25 15.01
C SER D 29 46.13 -3.52 15.89
N SER D 30 46.61 -2.52 16.62
CA SER D 30 45.76 -1.83 17.57
C SER D 30 44.72 -0.94 16.89
N LYS D 31 45.07 -0.35 15.75
CA LYS D 31 44.07 0.43 15.02
C LYS D 31 42.97 -0.46 14.46
N ALA D 32 43.32 -1.68 14.06
CA ALA D 32 42.28 -2.62 13.66
C ALA D 32 41.43 -3.06 14.83
N MET D 33 42.02 -3.12 16.03
CA MET D 33 41.22 -3.42 17.21
C MET D 33 40.27 -2.30 17.53
N SER D 34 40.71 -1.05 17.34
CA SER D 34 39.80 0.08 17.51
C SER D 34 38.71 0.08 16.45
N ILE D 35 39.01 -0.39 15.24
CA ILE D 35 38.00 -0.52 14.20
C ILE D 35 36.95 -1.54 14.60
N MET D 36 37.38 -2.71 15.07
CA MET D 36 36.44 -3.75 15.46
C MET D 36 35.62 -3.34 16.68
N ASN D 37 36.24 -2.58 17.60
CA ASN D 37 35.51 -2.12 18.77
C ASN D 37 34.46 -1.09 18.40
N SER D 38 34.80 -0.13 17.54
CA SER D 38 33.82 0.82 17.07
C SER D 38 32.73 0.14 16.26
N PHE D 39 33.09 -0.93 15.55
CA PHE D 39 32.14 -1.69 14.77
C PHE D 39 31.13 -2.38 15.66
N VAL D 40 31.60 -3.04 16.72
CA VAL D 40 30.69 -3.81 17.54
C VAL D 40 29.85 -2.87 18.41
N ASN D 41 30.39 -1.69 18.73
CA ASN D 41 29.57 -0.69 19.41
C ASN D 41 28.47 -0.17 18.50
N ASP D 42 28.79 0.06 17.23
CA ASP D 42 27.79 0.53 16.29
C ASP D 42 26.71 -0.50 16.03
N VAL D 43 27.09 -1.77 15.88
CA VAL D 43 26.11 -2.81 15.58
C VAL D 43 25.22 -3.05 16.80
N PHE D 44 25.80 -3.01 18.00
CA PHE D 44 24.99 -3.12 19.21
C PHE D 44 24.04 -1.94 19.35
N GLU D 45 24.50 -0.75 18.96
CA GLU D 45 23.62 0.42 18.98
C GLU D 45 22.47 0.27 17.99
N ARG D 46 22.74 -0.28 16.81
CA ARG D 46 21.70 -0.45 15.81
C ARG D 46 20.65 -1.44 16.26
N ILE D 47 21.08 -2.60 16.77
CA ILE D 47 20.13 -3.61 17.21
C ILE D 47 19.36 -3.14 18.44
N ALA D 48 20.02 -2.36 19.31
CA ALA D 48 19.33 -1.85 20.50
C ALA D 48 18.28 -0.83 20.12
N GLY D 49 18.60 0.10 19.21
CA GLY D 49 17.62 1.07 18.77
C GLY D 49 16.46 0.44 18.04
N GLU D 50 16.74 -0.61 17.26
CA GLU D 50 15.67 -1.30 16.54
C GLU D 50 14.75 -2.04 17.49
N ALA D 51 15.30 -2.76 18.46
CA ALA D 51 14.45 -3.49 19.40
C ALA D 51 13.68 -2.54 20.31
N SER D 52 14.28 -1.39 20.63
CA SER D 52 13.58 -0.38 21.40
C SER D 52 12.40 0.18 20.63
N ARG D 53 12.57 0.45 19.34
CA ARG D 53 11.45 0.98 18.57
C ARG D 53 10.38 -0.06 18.35
N LEU D 54 10.76 -1.34 18.23
CA LEU D 54 9.77 -2.42 18.16
C LEU D 54 8.93 -2.50 19.42
N ALA D 55 9.58 -2.54 20.57
CA ALA D 55 8.85 -2.62 21.84
C ALA D 55 8.05 -1.37 22.11
N HIS D 56 8.46 -0.22 21.57
CA HIS D 56 7.65 0.98 21.64
C HIS D 56 6.41 0.87 20.76
N TYR D 57 6.56 0.29 19.56
CA TYR D 57 5.44 0.24 18.63
C TYR D 57 4.37 -0.74 19.07
N ASN D 58 4.76 -1.83 19.72
CA ASN D 58 3.76 -2.76 20.21
C ASN D 58 3.20 -2.36 21.58
N LYS D 59 3.53 -1.16 22.06
CA LYS D 59 3.07 -0.61 23.33
C LYS D 59 3.45 -1.52 24.50
N ARG D 60 4.66 -2.06 24.45
CA ARG D 60 5.19 -2.83 25.55
C ARG D 60 6.38 -2.11 26.14
N SER D 61 6.97 -2.69 27.17
CA SER D 61 8.07 -2.03 27.85
C SER D 61 9.21 -2.99 28.17
N THR D 62 9.16 -4.23 27.70
CA THR D 62 10.13 -5.26 28.04
C THR D 62 10.87 -5.67 26.78
N ILE D 63 12.10 -5.20 26.63
CA ILE D 63 12.95 -5.73 25.58
C ILE D 63 13.35 -7.15 25.98
N THR D 64 12.80 -8.15 25.30
CA THR D 64 13.18 -9.52 25.53
C THR D 64 13.75 -10.09 24.23
N SER D 65 13.95 -11.41 24.22
CA SER D 65 14.64 -12.06 23.12
C SER D 65 13.90 -11.97 21.80
N ARG D 66 12.57 -11.89 21.84
CA ARG D 66 11.80 -11.85 20.60
C ARG D 66 12.02 -10.54 19.84
N GLU D 67 12.20 -9.44 20.57
CA GLU D 67 12.43 -8.18 19.89
C GLU D 67 13.83 -8.10 19.31
N ILE D 68 14.81 -8.73 19.94
CA ILE D 68 16.13 -8.77 19.34
C ILE D 68 16.14 -9.70 18.14
N GLN D 69 15.32 -10.76 18.19
CA GLN D 69 15.16 -11.64 17.05
C GLN D 69 14.60 -10.91 15.84
N THR D 70 13.54 -10.14 16.05
CA THR D 70 13.02 -9.41 14.90
C THR D 70 13.88 -8.19 14.54
N ALA D 71 14.68 -7.67 15.46
CA ALA D 71 15.55 -6.56 15.11
C ALA D 71 16.70 -7.02 14.24
N VAL D 72 17.24 -8.21 14.52
CA VAL D 72 18.27 -8.71 13.64
C VAL D 72 17.69 -9.33 12.39
N ARG D 73 16.40 -9.67 12.38
CA ARG D 73 15.78 -10.01 11.11
C ARG D 73 15.60 -8.78 10.24
N LEU D 74 15.38 -7.63 10.85
CA LEU D 74 15.28 -6.41 10.06
C LEU D 74 16.63 -5.90 9.59
N LEU D 75 17.62 -5.88 10.48
CA LEU D 75 18.87 -5.20 10.16
C LEU D 75 19.76 -6.02 9.23
N LEU D 76 20.00 -7.27 9.57
CA LEU D 76 20.96 -8.06 8.81
C LEU D 76 20.31 -8.57 7.52
N PRO D 77 21.02 -8.49 6.40
CA PRO D 77 20.43 -8.95 5.13
C PRO D 77 20.64 -10.44 4.87
N GLY D 78 19.53 -11.17 4.77
CA GLY D 78 19.53 -12.51 4.21
C GLY D 78 20.24 -13.61 4.98
N GLU D 79 21.30 -14.15 4.37
CA GLU D 79 21.97 -15.32 4.90
C GLU D 79 22.65 -15.02 6.22
N LEU D 80 23.21 -13.81 6.33
CA LEU D 80 23.76 -13.32 7.58
C LEU D 80 22.72 -13.31 8.68
N ALA D 81 21.51 -12.85 8.35
CA ALA D 81 20.43 -12.80 9.32
C ALA D 81 20.01 -14.19 9.76
N LYS D 82 19.90 -15.12 8.82
CA LYS D 82 19.44 -16.46 9.18
C LYS D 82 20.47 -17.19 10.03
N HIS D 83 21.75 -17.04 9.70
CA HIS D 83 22.79 -17.69 10.48
C HIS D 83 22.92 -17.08 11.87
N ALA D 84 22.78 -15.76 11.96
CA ALA D 84 22.84 -15.09 13.26
C ALA D 84 21.65 -15.46 14.14
N VAL D 85 20.46 -15.59 13.54
CA VAL D 85 19.28 -15.97 14.31
C VAL D 85 19.40 -17.40 14.81
N SER D 86 19.91 -18.30 13.98
CA SER D 86 20.13 -19.67 14.41
C SER D 86 21.13 -19.75 15.56
N GLU D 87 22.22 -18.98 15.46
CA GLU D 87 23.23 -19.00 16.51
C GLU D 87 22.72 -18.39 17.81
N GLY D 88 22.00 -17.28 17.72
CA GLY D 88 21.46 -16.65 18.92
C GLY D 88 20.42 -17.50 19.61
N THR D 89 19.55 -18.15 18.84
CA THR D 89 18.56 -19.04 19.43
C THR D 89 19.22 -20.25 20.08
N LYS D 90 20.30 -20.75 19.49
CA LYS D 90 21.04 -21.84 20.12
C LYS D 90 21.66 -21.42 21.43
N ALA D 91 22.23 -20.20 21.47
CA ALA D 91 22.84 -19.72 22.70
C ALA D 91 21.80 -19.49 23.79
N VAL D 92 20.64 -18.95 23.42
CA VAL D 92 19.60 -18.69 24.40
C VAL D 92 19.00 -19.98 24.93
N THR D 93 18.80 -20.98 24.06
CA THR D 93 18.25 -22.23 24.58
C THR D 93 19.28 -23.02 25.38
N LYS D 94 20.57 -22.81 25.11
CA LYS D 94 21.57 -23.45 25.97
C LYS D 94 21.63 -22.79 27.33
N TYR D 95 21.55 -21.47 27.37
CA TYR D 95 21.60 -20.75 28.63
C TYR D 95 20.34 -20.97 29.46
N THR D 96 19.19 -21.13 28.81
CA THR D 96 17.97 -21.42 29.55
C THR D 96 17.95 -22.87 30.02
N SER D 97 18.41 -23.80 29.18
CA SER D 97 18.49 -25.19 29.60
C SER D 97 19.57 -25.40 30.65
N ALA D 98 20.61 -24.58 30.64
CA ALA D 98 21.69 -24.65 31.62
C ALA D 98 21.84 -23.26 32.24
N LYS D 99 21.05 -23.00 33.27
CA LYS D 99 21.11 -21.72 33.97
C LYS D 99 21.60 -21.90 35.40
N LYS E 38 65.24 9.55 -28.98
CA LYS E 38 66.24 9.06 -28.05
C LYS E 38 65.84 9.08 -26.54
N PRO E 39 65.25 10.20 -25.99
CA PRO E 39 64.77 10.11 -24.60
C PRO E 39 63.48 9.33 -24.53
N HIS E 40 63.57 8.00 -24.40
CA HIS E 40 62.48 7.04 -24.52
C HIS E 40 61.29 7.39 -23.65
N ARG E 41 60.16 7.66 -24.29
CA ARG E 41 58.97 8.19 -23.64
C ARG E 41 57.94 7.10 -23.45
N TYR E 42 56.87 7.47 -22.74
CA TYR E 42 55.71 6.61 -22.56
C TYR E 42 54.55 7.22 -23.31
N ARG E 43 53.65 6.40 -23.73
CA ARG E 43 52.52 6.90 -24.50
C ARG E 43 51.52 7.57 -23.56
N PRO E 44 50.95 8.71 -23.95
CA PRO E 44 49.98 9.40 -23.09
C PRO E 44 48.76 8.55 -22.77
N GLY E 45 48.63 8.17 -21.51
CA GLY E 45 47.54 7.34 -21.10
C GLY E 45 47.97 6.09 -20.35
N THR E 46 49.26 5.82 -20.23
CA THR E 46 49.70 4.63 -19.51
C THR E 46 50.32 4.93 -18.16
N VAL E 47 50.89 6.12 -17.96
CA VAL E 47 51.38 6.48 -16.65
C VAL E 47 50.20 6.72 -15.71
N ALA E 48 49.07 7.14 -16.26
CA ALA E 48 47.85 7.26 -15.47
C ALA E 48 47.37 5.90 -14.99
N LEU E 49 47.50 4.87 -15.83
CA LEU E 49 47.11 3.54 -15.37
C LEU E 49 48.09 2.99 -14.35
N ARG E 50 49.38 3.32 -14.52
CA ARG E 50 50.38 3.01 -13.51
C ARG E 50 50.04 3.64 -12.17
N GLU E 51 49.64 4.90 -12.20
CA GLU E 51 49.28 5.61 -10.97
C GLU E 51 47.99 5.07 -10.38
N ILE E 52 47.06 4.62 -11.21
CA ILE E 52 45.80 4.09 -10.70
C ILE E 52 46.06 2.80 -9.94
N ARG E 53 46.86 1.90 -10.51
CA ARG E 53 47.20 0.67 -9.80
C ARG E 53 48.01 0.96 -8.54
N ARG E 54 48.91 1.94 -8.60
CA ARG E 54 49.75 2.24 -7.45
C ARG E 54 48.96 2.86 -6.30
N TYR E 55 48.04 3.76 -6.59
CA TYR E 55 47.29 4.38 -5.50
C TYR E 55 46.17 3.51 -4.99
N GLN E 56 45.55 2.68 -5.83
CA GLN E 56 44.58 1.73 -5.30
C GLN E 56 45.24 0.63 -4.51
N LYS E 57 46.50 0.31 -4.80
CA LYS E 57 47.23 -0.61 -3.96
C LYS E 57 47.55 0.01 -2.60
N SER E 58 47.86 1.31 -2.58
CA SER E 58 48.23 1.98 -1.35
C SER E 58 47.00 2.34 -0.52
N THR E 59 47.25 2.75 0.72
CA THR E 59 46.18 3.15 1.61
C THR E 59 46.56 4.36 2.47
N GLU E 60 47.44 5.21 1.97
CA GLU E 60 47.96 6.31 2.76
C GLU E 60 47.03 7.51 2.68
N LEU E 61 47.50 8.65 3.14
CA LEU E 61 46.79 9.91 2.99
C LEU E 61 47.37 10.64 1.78
N LEU E 62 46.54 10.83 0.76
CA LEU E 62 47.03 11.39 -0.48
C LEU E 62 47.20 12.90 -0.42
N ILE E 63 46.45 13.57 0.44
CA ILE E 63 46.65 14.98 0.69
C ILE E 63 47.53 15.11 1.93
N ARG E 64 48.51 16.01 1.88
CA ARG E 64 49.39 16.20 3.01
C ARG E 64 48.63 16.85 4.16
N LYS E 65 49.14 16.66 5.38
CA LYS E 65 48.33 16.86 6.56
C LYS E 65 48.34 18.29 7.06
N LEU E 66 49.46 18.98 6.95
CA LEU E 66 49.55 20.32 7.50
C LEU E 66 48.74 21.37 6.73
N PRO E 67 48.71 21.40 5.39
CA PRO E 67 47.78 22.35 4.74
C PRO E 67 46.33 21.99 4.96
N PHE E 68 46.02 20.71 5.15
CA PHE E 68 44.66 20.34 5.49
C PHE E 68 44.30 20.84 6.89
N GLN E 69 45.24 20.77 7.82
CA GLN E 69 45.01 21.28 9.17
C GLN E 69 44.81 22.79 9.16
N ARG E 70 45.61 23.50 8.35
CA ARG E 70 45.41 24.93 8.22
C ARG E 70 44.08 25.26 7.56
N LEU E 71 43.60 24.41 6.66
CA LEU E 71 42.28 24.62 6.06
C LEU E 71 41.17 24.47 7.08
N VAL E 72 41.26 23.43 7.92
CA VAL E 72 40.21 23.18 8.90
C VAL E 72 40.18 24.30 9.93
N ARG E 73 41.34 24.78 10.35
CA ARG E 73 41.38 25.93 11.26
C ARG E 73 40.89 27.20 10.57
N GLU E 74 41.15 27.34 9.27
CA GLU E 74 40.70 28.51 8.53
C GLU E 74 39.19 28.59 8.44
N ILE E 75 38.52 27.44 8.23
CA ILE E 75 37.07 27.49 8.14
C ILE E 75 36.38 27.25 9.47
N ALA E 76 37.09 26.87 10.51
CA ALA E 76 36.52 26.90 11.84
C ALA E 76 36.80 28.21 12.53
N GLN E 77 37.55 29.11 11.88
CA GLN E 77 37.85 30.40 12.48
C GLN E 77 36.62 31.29 12.59
N ASP E 78 35.59 31.05 11.78
CA ASP E 78 34.41 31.91 11.77
C ASP E 78 33.18 31.25 12.36
N PHE E 79 33.31 30.08 12.96
CA PHE E 79 32.20 29.49 13.71
C PHE E 79 32.33 29.78 15.19
N LYS E 80 33.45 29.40 15.78
CA LYS E 80 33.81 29.80 17.12
C LYS E 80 35.29 30.14 17.12
N THR E 81 35.62 31.32 17.58
CA THR E 81 37.01 31.76 17.54
C THR E 81 37.82 31.08 18.63
N ASP E 82 39.09 30.83 18.33
CA ASP E 82 40.10 30.29 19.25
C ASP E 82 39.69 28.91 19.78
N LEU E 83 39.59 27.96 18.85
CA LEU E 83 39.36 26.57 19.20
C LEU E 83 40.68 25.82 19.20
N ARG E 84 40.63 24.59 19.67
CA ARG E 84 41.78 23.71 19.67
C ARG E 84 41.37 22.38 19.07
N PHE E 85 42.27 21.79 18.29
CA PHE E 85 41.99 20.52 17.65
C PHE E 85 42.85 19.44 18.28
N GLN E 86 42.26 18.29 18.55
CA GLN E 86 42.97 17.25 19.27
C GLN E 86 43.92 16.48 18.37
N SER E 87 43.88 16.75 17.06
CA SER E 87 44.69 16.26 15.94
C SER E 87 44.41 14.82 15.58
N SER E 88 43.77 14.08 16.49
CA SER E 88 43.01 12.93 16.06
C SER E 88 41.74 13.38 15.38
N ALA E 89 41.23 14.55 15.76
CA ALA E 89 40.14 15.17 15.02
C ALA E 89 40.57 15.52 13.61
N VAL E 90 41.78 16.05 13.45
CA VAL E 90 42.25 16.40 12.10
C VAL E 90 42.55 15.15 11.30
N MET E 91 43.04 14.09 11.94
CA MET E 91 43.20 12.81 11.24
C MET E 91 41.86 12.25 10.80
N ALA E 92 40.84 12.37 11.66
CA ALA E 92 39.53 11.85 11.32
C ALA E 92 38.90 12.67 10.20
N LEU E 93 39.14 13.98 10.19
CA LEU E 93 38.61 14.80 9.13
C LEU E 93 39.30 14.52 7.81
N GLN E 94 40.61 14.26 7.85
CA GLN E 94 41.31 13.93 6.62
C GLN E 94 40.85 12.60 6.06
N GLU E 95 40.61 11.62 6.93
CA GLU E 95 40.10 10.34 6.47
C GLU E 95 38.69 10.47 5.92
N ALA E 96 37.84 11.27 6.55
CA ALA E 96 36.45 11.40 6.10
C ALA E 96 36.37 12.13 4.78
N SER E 97 37.08 13.25 4.65
CA SER E 97 37.04 14.01 3.40
C SER E 97 37.73 13.26 2.28
N GLU E 98 38.77 12.47 2.59
CA GLU E 98 39.42 11.68 1.55
C GLU E 98 38.52 10.58 1.05
N ALA E 99 37.82 9.88 1.96
CA ALA E 99 36.91 8.84 1.51
C ALA E 99 35.72 9.42 0.75
N TYR E 100 35.25 10.59 1.17
CA TYR E 100 34.14 11.23 0.49
C TYR E 100 34.53 11.67 -0.92
N LEU E 101 35.70 12.29 -1.06
CA LEU E 101 36.15 12.74 -2.37
C LEU E 101 36.50 11.57 -3.27
N VAL E 102 36.99 10.46 -2.71
CA VAL E 102 37.30 9.31 -3.54
C VAL E 102 36.03 8.67 -4.07
N ALA E 103 35.00 8.55 -3.23
CA ALA E 103 33.71 8.04 -3.72
C ALA E 103 33.10 8.99 -4.75
N LEU E 104 33.27 10.29 -4.55
CA LEU E 104 32.77 11.26 -5.52
C LEU E 104 33.47 11.13 -6.86
N PHE E 105 34.80 10.96 -6.84
CA PHE E 105 35.51 10.84 -8.12
C PHE E 105 35.25 9.52 -8.78
N GLU E 106 34.97 8.47 -8.01
CA GLU E 106 34.58 7.20 -8.60
C GLU E 106 33.25 7.33 -9.34
N ASP E 107 32.26 7.96 -8.72
CA ASP E 107 30.97 8.10 -9.38
C ASP E 107 31.02 9.12 -10.52
N THR E 108 31.88 10.12 -10.41
CA THR E 108 32.09 11.04 -11.52
C THR E 108 32.74 10.35 -12.71
N ASN E 109 33.66 9.43 -12.43
CA ASN E 109 34.27 8.65 -13.50
C ASN E 109 33.25 7.75 -14.17
N LEU E 110 32.36 7.16 -13.37
CA LEU E 110 31.24 6.40 -13.92
C LEU E 110 30.38 7.26 -14.83
N CYS E 111 30.12 8.49 -14.44
CA CYS E 111 29.33 9.41 -15.25
C CYS E 111 29.99 9.72 -16.58
N ALA E 112 31.25 10.13 -16.54
CA ALA E 112 31.91 10.53 -17.78
C ALA E 112 32.31 9.34 -18.64
N ILE E 113 32.25 8.12 -18.11
CA ILE E 113 32.33 6.96 -18.99
C ILE E 113 30.99 6.66 -19.64
N HIS E 114 29.89 6.78 -18.89
CA HIS E 114 28.56 6.59 -19.46
C HIS E 114 28.26 7.61 -20.55
N ALA E 115 28.80 8.82 -20.43
CA ALA E 115 28.60 9.85 -21.44
C ALA E 115 29.57 9.74 -22.61
N LYS E 116 30.15 8.55 -22.83
CA LYS E 116 31.03 8.24 -23.96
C LYS E 116 32.26 9.14 -23.99
N ARG E 117 32.95 9.17 -22.86
CA ARG E 117 34.21 9.89 -22.76
C ARG E 117 35.15 9.12 -21.85
N VAL E 118 36.36 9.65 -21.72
CA VAL E 118 37.35 9.16 -20.79
C VAL E 118 37.70 10.21 -19.74
N THR E 119 37.92 11.44 -20.20
CA THR E 119 38.18 12.56 -19.32
C THR E 119 36.95 12.89 -18.49
N ILE E 120 37.16 13.44 -17.30
CA ILE E 120 36.08 13.92 -16.46
C ILE E 120 36.10 15.44 -16.46
N MET E 121 34.93 16.04 -16.31
CA MET E 121 34.73 17.47 -16.54
C MET E 121 33.70 17.95 -15.52
N PRO E 122 33.57 19.27 -15.26
CA PRO E 122 32.69 19.72 -14.17
C PRO E 122 31.21 19.38 -14.33
N LYS E 123 30.73 19.16 -15.55
CA LYS E 123 29.35 18.74 -15.70
C LYS E 123 29.13 17.34 -15.15
N ASP E 124 30.16 16.49 -15.17
CA ASP E 124 30.02 15.13 -14.64
C ASP E 124 29.91 15.14 -13.13
N ILE E 125 30.74 15.92 -12.46
CA ILE E 125 30.70 15.94 -11.00
C ILE E 125 29.46 16.70 -10.53
N GLN E 126 28.99 17.68 -11.31
CA GLN E 126 27.74 18.33 -10.97
C GLN E 126 26.56 17.37 -11.13
N LEU E 127 26.60 16.52 -12.15
CA LEU E 127 25.57 15.50 -12.30
C LEU E 127 25.66 14.47 -11.18
N ALA E 128 26.88 14.15 -10.75
CA ALA E 128 27.04 13.14 -9.69
C ALA E 128 26.47 13.63 -8.37
N ARG E 129 26.72 14.89 -8.02
CA ARG E 129 26.11 15.42 -6.81
C ARG E 129 24.63 15.71 -6.97
N ARG E 130 24.16 16.00 -8.19
CA ARG E 130 22.73 16.21 -8.38
C ARG E 130 21.95 14.90 -8.28
N ILE E 131 22.47 13.83 -8.87
CA ILE E 131 21.80 12.54 -8.79
C ILE E 131 21.90 11.97 -7.39
N ARG E 132 23.08 12.08 -6.77
CA ARG E 132 23.25 11.51 -5.44
C ARG E 132 22.49 12.30 -4.38
N GLY E 133 22.22 13.57 -4.63
CA GLY E 133 21.37 14.34 -3.74
C GLY E 133 22.08 15.29 -2.81
N GLU E 134 23.40 15.38 -2.89
CA GLU E 134 24.10 16.42 -2.14
C GLU E 134 23.79 17.80 -2.68
N ARG E 135 23.56 17.91 -3.98
CA ARG E 135 23.07 19.13 -4.59
C ARG E 135 21.59 18.98 -4.89
N ALA E 136 20.84 20.05 -4.64
CA ALA E 136 19.40 20.03 -4.88
C ALA E 136 19.11 20.11 -6.37
N LYS F 21 44.45 35.14 15.23
CA LYS F 21 45.17 34.98 13.97
C LYS F 21 44.36 34.19 12.96
N VAL F 22 43.56 34.90 12.17
CA VAL F 22 42.73 34.26 11.16
C VAL F 22 43.60 33.92 9.95
N LEU F 23 43.35 32.76 9.36
CA LEU F 23 44.12 32.29 8.22
C LEU F 23 43.42 32.68 6.92
N ARG F 24 44.21 32.94 5.88
CA ARG F 24 43.71 33.46 4.62
C ARG F 24 44.18 32.57 3.48
N ASP F 25 43.22 32.07 2.69
CA ASP F 25 43.42 31.31 1.45
C ASP F 25 44.25 30.04 1.70
N ASN F 26 43.66 29.13 2.46
CA ASN F 26 44.22 27.81 2.59
C ASN F 26 43.53 26.79 1.69
N ILE F 27 42.40 27.15 1.08
CA ILE F 27 41.71 26.22 0.21
C ILE F 27 42.50 26.02 -1.07
N GLN F 28 43.17 27.06 -1.56
CA GLN F 28 44.07 26.93 -2.68
C GLN F 28 45.40 26.31 -2.30
N GLY F 29 45.58 25.97 -1.04
CA GLY F 29 46.69 25.15 -0.61
C GLY F 29 46.50 23.68 -0.90
N ILE F 30 45.30 23.25 -1.24
CA ILE F 30 45.09 21.88 -1.69
C ILE F 30 45.55 21.80 -3.13
N THR F 31 46.80 21.38 -3.34
CA THR F 31 47.48 21.55 -4.60
C THR F 31 46.90 20.63 -5.68
N LYS F 32 47.19 21.00 -6.94
CA LYS F 32 46.72 20.22 -8.08
C LYS F 32 47.18 18.76 -8.10
N PRO F 33 48.45 18.40 -7.83
CA PRO F 33 48.76 16.96 -7.78
C PRO F 33 48.14 16.24 -6.61
N ALA F 34 47.76 16.92 -5.54
CA ALA F 34 47.02 16.24 -4.48
C ALA F 34 45.63 15.86 -4.93
N ILE F 35 44.99 16.74 -5.69
CA ILE F 35 43.69 16.40 -6.27
C ILE F 35 43.85 15.33 -7.32
N ARG F 36 44.98 15.31 -8.03
CA ARG F 36 45.21 14.25 -9.00
C ARG F 36 45.42 12.91 -8.32
N ARG F 37 46.11 12.90 -7.19
CA ARG F 37 46.24 11.66 -6.43
C ARG F 37 44.90 11.20 -5.90
N LEU F 38 44.09 12.15 -5.40
CA LEU F 38 42.77 11.81 -4.88
C LEU F 38 41.85 11.29 -5.96
N ALA F 39 42.04 11.77 -7.19
CA ALA F 39 41.23 11.29 -8.29
C ALA F 39 41.73 9.94 -8.79
N ARG F 40 43.05 9.80 -8.96
CA ARG F 40 43.61 8.57 -9.49
C ARG F 40 43.55 7.42 -8.51
N ARG F 41 43.26 7.69 -7.24
CA ARG F 41 42.81 6.59 -6.41
C ARG F 41 41.42 6.14 -6.85
N GLY F 42 40.56 7.07 -7.23
CA GLY F 42 39.20 6.71 -7.57
C GLY F 42 39.07 5.98 -8.89
N GLY F 43 40.09 6.04 -9.73
CA GLY F 43 40.07 5.26 -10.95
C GLY F 43 39.67 6.05 -12.17
N VAL F 44 40.29 7.19 -12.38
CA VAL F 44 40.03 8.03 -13.55
C VAL F 44 41.35 8.27 -14.29
N LYS F 45 41.32 8.09 -15.61
CA LYS F 45 42.54 8.11 -16.40
C LYS F 45 42.92 9.51 -16.84
N ARG F 46 42.05 10.19 -17.57
CA ARG F 46 42.28 11.56 -17.98
C ARG F 46 41.45 12.47 -17.09
N ILE F 47 42.02 13.61 -16.71
CA ILE F 47 41.37 14.54 -15.82
C ILE F 47 41.50 15.92 -16.44
N SER F 48 40.37 16.54 -16.77
CA SER F 48 40.43 17.79 -17.51
C SER F 48 40.77 18.94 -16.58
N GLY F 49 41.08 20.08 -17.18
CA GLY F 49 41.21 21.29 -16.41
C GLY F 49 39.88 21.74 -15.86
N LEU F 50 39.97 22.65 -14.89
CA LEU F 50 38.83 23.28 -14.21
C LEU F 50 37.92 22.31 -13.48
N ILE F 51 38.37 21.07 -13.30
CA ILE F 51 37.76 20.20 -12.31
C ILE F 51 38.30 20.54 -10.93
N TYR F 52 39.40 21.29 -10.88
CA TYR F 52 40.11 21.51 -9.63
C TYR F 52 39.33 22.43 -8.73
N GLU F 53 38.94 23.61 -9.24
CA GLU F 53 38.22 24.58 -8.43
C GLU F 53 36.86 24.06 -7.99
N GLU F 54 36.23 23.23 -8.83
CA GLU F 54 35.00 22.57 -8.42
C GLU F 54 35.26 21.58 -7.29
N THR F 55 36.40 20.88 -7.32
CA THR F 55 36.74 19.98 -6.21
C THR F 55 37.03 20.75 -4.92
N ARG F 56 37.66 21.92 -5.04
CA ARG F 56 37.86 22.79 -3.88
C ARG F 56 36.53 23.22 -3.29
N GLY F 57 35.58 23.62 -4.14
CA GLY F 57 34.27 24.02 -3.65
C GLY F 57 33.52 22.89 -2.98
N VAL F 58 33.64 21.68 -3.53
CA VAL F 58 32.95 20.52 -2.96
C VAL F 58 33.53 20.17 -1.60
N LEU F 59 34.86 20.08 -1.52
CA LEU F 59 35.53 19.76 -0.27
C LEU F 59 35.27 20.81 0.79
N LYS F 60 35.25 22.08 0.38
CA LYS F 60 35.03 23.16 1.33
C LYS F 60 33.62 23.12 1.88
N VAL F 61 32.62 22.88 1.03
CA VAL F 61 31.26 22.89 1.58
C VAL F 61 30.99 21.63 2.39
N PHE F 62 31.63 20.50 2.07
CA PHE F 62 31.41 19.29 2.85
C PHE F 62 32.01 19.43 4.23
N LEU F 63 33.25 19.89 4.30
CA LEU F 63 33.78 19.97 5.65
C LEU F 63 33.37 21.24 6.35
N GLU F 64 32.75 22.21 5.67
CA GLU F 64 32.00 23.24 6.39
C GLU F 64 30.81 22.63 7.12
N ASN F 65 30.10 21.72 6.45
CA ASN F 65 28.99 21.03 7.11
C ASN F 65 29.45 20.25 8.32
N VAL F 66 30.54 19.48 8.17
CA VAL F 66 30.92 18.66 9.31
C VAL F 66 31.63 19.47 10.40
N ILE F 67 32.26 20.60 10.06
CA ILE F 67 32.85 21.43 11.09
C ILE F 67 31.79 22.18 11.87
N ARG F 68 30.73 22.65 11.22
CA ARG F 68 29.62 23.24 11.96
C ARG F 68 28.95 22.21 12.87
N ASP F 69 28.74 21.00 12.36
CA ASP F 69 28.12 19.99 13.20
C ASP F 69 29.06 19.43 14.27
N ALA F 70 30.36 19.69 14.19
CA ALA F 70 31.24 19.31 15.29
C ALA F 70 31.40 20.42 16.33
N VAL F 71 31.51 21.66 15.86
CA VAL F 71 31.60 22.83 16.74
C VAL F 71 30.35 22.96 17.60
N THR F 72 29.18 22.59 17.06
CA THR F 72 27.97 22.63 17.88
C THR F 72 28.01 21.59 19.00
N TYR F 73 28.56 20.40 18.71
CA TYR F 73 28.75 19.39 19.75
C TYR F 73 29.70 19.88 20.84
N THR F 74 30.82 20.48 20.42
CA THR F 74 31.81 20.96 21.39
C THR F 74 31.25 22.07 22.25
N GLU F 75 30.56 23.03 21.63
CA GLU F 75 29.96 24.12 22.40
C GLU F 75 28.81 23.65 23.27
N HIS F 76 28.17 22.54 22.93
CA HIS F 76 27.20 22.02 23.90
C HIS F 76 27.92 21.37 25.07
N ALA F 77 29.03 20.71 24.81
CA ALA F 77 29.74 20.05 25.90
C ALA F 77 30.53 21.00 26.78
N LYS F 78 30.50 22.31 26.48
CA LYS F 78 31.23 23.36 27.19
C LYS F 78 32.72 23.08 27.21
N ARG F 79 33.31 23.02 26.03
CA ARG F 79 34.74 22.86 25.89
C ARG F 79 35.29 24.00 25.05
N LYS F 80 36.60 23.99 24.88
CA LYS F 80 37.25 24.84 23.91
C LYS F 80 38.03 24.03 22.90
N THR F 81 37.98 22.70 23.01
CA THR F 81 38.83 21.81 22.23
C THR F 81 37.93 20.85 21.47
N VAL F 82 38.04 20.85 20.15
CA VAL F 82 37.29 19.89 19.35
C VAL F 82 37.96 18.54 19.49
N THR F 83 37.26 17.57 20.04
CA THR F 83 37.82 16.24 20.19
C THR F 83 37.54 15.44 18.94
N ALA F 84 38.06 14.22 18.89
CA ALA F 84 37.75 13.34 17.78
C ALA F 84 36.37 12.75 17.89
N MET F 85 35.83 12.65 19.10
CA MET F 85 34.49 12.10 19.26
C MET F 85 33.43 13.03 18.73
N ASP F 86 33.65 14.34 18.79
CA ASP F 86 32.70 15.27 18.19
C ASP F 86 32.67 15.13 16.68
N VAL F 87 33.83 14.92 16.07
CA VAL F 87 33.90 14.68 14.64
C VAL F 87 33.21 13.37 14.29
N VAL F 88 33.40 12.34 15.12
CA VAL F 88 32.77 11.05 14.85
C VAL F 88 31.26 11.16 14.97
N TYR F 89 30.76 11.92 15.94
CA TYR F 89 29.32 12.06 16.08
C TYR F 89 28.73 12.92 14.96
N ALA F 90 29.46 13.96 14.55
CA ALA F 90 28.98 14.81 13.46
C ALA F 90 28.96 14.06 12.14
N LEU F 91 29.90 13.16 11.93
CA LEU F 91 29.82 12.31 10.75
C LEU F 91 28.76 11.24 10.90
N LYS F 92 28.47 10.83 12.13
CA LYS F 92 27.46 9.82 12.35
C LYS F 92 26.07 10.34 12.06
N ARG F 93 25.75 11.55 12.50
CA ARG F 93 24.42 12.07 12.23
C ARG F 93 24.24 12.53 10.80
N GLN F 94 25.31 12.62 10.02
CA GLN F 94 25.20 12.90 8.59
C GLN F 94 25.02 11.63 7.77
N GLY F 95 24.87 10.47 8.41
CA GLY F 95 24.77 9.24 7.68
C GLY F 95 26.06 8.80 7.03
N ARG F 96 27.18 9.31 7.50
CA ARG F 96 28.49 9.09 6.91
C ARG F 96 29.46 8.66 7.98
N THR F 97 29.07 7.64 8.74
CA THR F 97 29.80 7.26 9.95
C THR F 97 31.19 6.74 9.64
N LEU F 98 32.13 7.12 10.48
CA LEU F 98 33.55 6.82 10.30
C LEU F 98 33.97 5.91 11.45
N TYR F 99 34.55 4.78 11.12
CA TYR F 99 35.00 3.88 12.16
C TYR F 99 36.42 4.24 12.55
N GLY F 100 37.04 3.41 13.37
CA GLY F 100 38.45 3.53 13.66
C GLY F 100 38.88 4.48 14.74
N PHE F 101 38.24 5.64 14.82
CA PHE F 101 38.66 6.65 15.80
C PHE F 101 37.87 6.52 17.10
N GLY F 102 37.83 5.30 17.63
CA GLY F 102 37.26 5.03 18.94
C GLY F 102 35.77 5.30 19.03
N GLY F 103 34.99 4.71 18.13
CA GLY F 103 33.56 4.96 18.09
C GLY F 103 32.77 4.40 19.26
N ARG G 12 -5.11 23.92 44.73
CA ARG G 12 -6.50 24.16 45.11
C ARG G 12 -7.11 25.29 44.28
N ALA G 13 -6.23 26.14 43.73
CA ALA G 13 -6.67 27.30 42.98
C ALA G 13 -7.06 26.91 41.56
N LYS G 14 -7.22 27.91 40.70
CA LYS G 14 -7.53 27.67 39.30
C LYS G 14 -6.35 27.03 38.58
N ALA G 15 -6.65 26.09 37.71
CA ALA G 15 -5.63 25.30 37.01
C ALA G 15 -5.20 26.07 35.76
N LYS G 16 -4.01 26.67 35.82
CA LYS G 16 -3.42 27.33 34.66
C LYS G 16 -2.60 26.30 33.90
N THR G 17 -2.99 26.04 32.65
CA THR G 17 -2.18 25.20 31.80
C THR G 17 -0.88 25.89 31.49
N ARG G 18 0.20 25.10 31.41
CA ARG G 18 1.51 25.69 31.21
C ARG G 18 1.67 26.23 29.80
N SER G 19 0.90 25.72 28.86
CA SER G 19 0.82 26.32 27.55
C SER G 19 0.17 27.70 27.56
N SER G 20 -0.71 27.96 28.53
CA SER G 20 -1.27 29.29 28.72
C SER G 20 -0.34 30.19 29.51
N ARG G 21 0.70 29.63 30.13
CA ARG G 21 1.71 30.42 30.79
C ARG G 21 2.98 30.56 29.98
N ALA G 22 3.10 29.81 28.88
CA ALA G 22 4.24 29.95 27.99
C ALA G 22 3.90 30.78 26.77
N GLY G 23 2.66 31.22 26.62
CA GLY G 23 2.23 31.88 25.42
C GLY G 23 2.14 30.99 24.21
N LEU G 24 2.05 29.68 24.40
CA LEU G 24 2.07 28.77 23.28
C LEU G 24 0.67 28.34 22.87
N GLN G 25 0.59 27.67 21.74
CA GLN G 25 -0.62 27.02 21.28
C GLN G 25 -0.50 25.50 21.23
N PHE G 26 0.64 24.99 21.26
CA PHE G 26 0.82 23.56 21.40
C PHE G 26 0.68 23.16 22.87
N PRO G 27 0.28 21.94 23.18
CA PRO G 27 0.24 21.52 24.58
C PRO G 27 1.64 21.19 25.05
N VAL G 28 1.84 21.32 26.36
CA VAL G 28 3.12 20.99 26.96
C VAL G 28 3.00 19.87 27.98
N GLY G 29 1.82 19.64 28.55
CA GLY G 29 1.63 18.48 29.39
C GLY G 29 1.75 17.19 28.59
N ARG G 30 1.18 17.17 27.39
CA ARG G 30 1.30 16.01 26.52
C ARG G 30 2.73 15.83 26.03
N VAL G 31 3.43 16.94 25.77
CA VAL G 31 4.83 16.84 25.35
C VAL G 31 5.70 16.32 26.48
N HIS G 32 5.45 16.76 27.72
CA HIS G 32 6.22 16.28 28.85
C HIS G 32 5.93 14.80 29.13
N ARG G 33 4.66 14.41 29.03
CA ARG G 33 4.32 13.01 29.20
C ARG G 33 4.91 12.15 28.10
N LEU G 34 5.02 12.71 26.90
CA LEU G 34 5.66 11.97 25.82
C LEU G 34 7.17 11.88 26.02
N LEU G 35 7.78 12.92 26.58
CA LEU G 35 9.22 12.86 26.83
C LEU G 35 9.56 11.89 27.94
N ARG G 36 8.72 11.80 28.96
CA ARG G 36 8.98 10.85 30.04
C ARG G 36 8.73 9.42 29.59
N LYS G 37 7.59 9.18 28.94
CA LYS G 37 7.26 7.83 28.54
C LYS G 37 7.97 7.38 27.28
N GLY G 38 8.60 8.28 26.55
CA GLY G 38 9.25 7.88 25.32
C GLY G 38 10.63 7.27 25.48
N ASN G 39 11.12 7.17 26.71
CA ASN G 39 12.43 6.58 27.05
C ASN G 39 13.57 7.29 26.32
N TYR G 40 13.71 8.57 26.62
CA TYR G 40 14.81 9.37 26.10
C TYR G 40 15.89 9.60 27.17
N ALA G 41 15.48 10.00 28.37
CA ALA G 41 16.37 10.01 29.50
C ALA G 41 15.54 9.75 30.74
N GLU G 42 16.23 9.39 31.83
CA GLU G 42 15.52 9.10 33.06
C GLU G 42 14.95 10.36 33.71
N ARG G 43 15.46 11.53 33.38
CA ARG G 43 14.98 12.77 33.93
C ARG G 43 14.75 13.76 32.80
N VAL G 44 13.77 14.64 32.98
CA VAL G 44 13.35 15.58 31.95
C VAL G 44 13.18 16.94 32.59
N GLY G 45 13.87 17.94 32.07
CA GLY G 45 13.84 19.27 32.65
C GLY G 45 12.48 19.93 32.52
N ALA G 46 12.34 21.06 33.20
CA ALA G 46 11.11 21.82 33.16
C ALA G 46 11.14 22.96 32.17
N GLY G 47 12.28 23.22 31.54
CA GLY G 47 12.33 24.14 30.43
C GLY G 47 12.23 23.37 29.14
N ALA G 48 12.39 22.05 29.27
CA ALA G 48 12.44 21.19 28.08
C ALA G 48 11.11 21.10 27.32
N PRO G 49 9.96 20.78 27.92
CA PRO G 49 8.76 20.68 27.09
C PRO G 49 8.29 22.02 26.59
N VAL G 50 8.55 23.09 27.34
CA VAL G 50 8.24 24.45 26.90
C VAL G 50 9.03 24.78 25.64
N TYR G 51 10.34 24.52 25.67
CA TYR G 51 11.18 24.82 24.51
C TYR G 51 10.81 23.95 23.33
N LEU G 52 10.51 22.67 23.57
CA LEU G 52 10.22 21.77 22.46
C LEU G 52 8.89 22.11 21.81
N ALA G 53 7.88 22.46 22.60
CA ALA G 53 6.62 22.88 22.02
C ALA G 53 6.74 24.22 21.33
N ALA G 54 7.64 25.07 21.78
CA ALA G 54 7.89 26.33 21.07
C ALA G 54 8.48 26.08 19.69
N VAL G 55 9.42 25.15 19.58
CA VAL G 55 10.00 24.85 18.28
C VAL G 55 8.98 24.19 17.36
N LEU G 56 8.15 23.30 17.91
CA LEU G 56 7.11 22.67 17.09
C LEU G 56 6.07 23.69 16.61
N GLU G 57 5.75 24.67 17.46
CA GLU G 57 4.81 25.71 17.07
C GLU G 57 5.39 26.62 16.01
N TYR G 58 6.68 26.93 16.10
CA TYR G 58 7.27 27.76 15.06
C TYR G 58 7.37 27.01 13.74
N LEU G 59 7.66 25.71 13.79
CA LEU G 59 7.75 24.94 12.55
C LEU G 59 6.39 24.78 11.88
N THR G 60 5.35 24.56 12.68
CA THR G 60 4.02 24.40 12.10
C THR G 60 3.50 25.72 11.56
N ALA G 61 3.78 26.84 12.24
CA ALA G 61 3.41 28.14 11.68
C ALA G 61 4.17 28.43 10.40
N GLU G 62 5.44 28.00 10.35
CA GLU G 62 6.28 28.22 9.17
C GLU G 62 5.76 27.45 7.97
N ILE G 63 5.30 26.22 8.17
CA ILE G 63 4.74 25.47 7.05
C ILE G 63 3.39 26.04 6.64
N LEU G 64 2.51 26.28 7.62
CA LEU G 64 1.13 26.60 7.29
C LEU G 64 0.97 27.98 6.68
N GLU G 65 1.90 28.90 6.91
CA GLU G 65 1.81 30.19 6.23
C GLU G 65 2.06 30.02 4.73
N LEU G 66 3.08 29.25 4.36
CA LEU G 66 3.37 29.04 2.95
C LEU G 66 2.30 28.18 2.29
N ALA G 67 1.79 27.18 3.02
CA ALA G 67 0.72 26.35 2.45
C ALA G 67 -0.56 27.15 2.27
N GLY G 68 -0.81 28.13 3.15
CA GLY G 68 -1.95 29.00 2.95
C GLY G 68 -1.78 29.91 1.77
N ASN G 69 -0.55 30.38 1.53
CA ASN G 69 -0.30 31.17 0.33
C ASN G 69 -0.50 30.33 -0.94
N ALA G 70 -0.05 29.08 -0.91
CA ALA G 70 -0.20 28.20 -2.07
C ALA G 70 -1.66 27.83 -2.32
N ALA G 71 -2.45 27.64 -1.26
CA ALA G 71 -3.87 27.42 -1.45
C ALA G 71 -4.57 28.69 -1.92
N ARG G 72 -4.02 29.85 -1.58
CA ARG G 72 -4.57 31.08 -2.12
C ARG G 72 -4.26 31.25 -3.60
N ASP G 73 -3.15 30.68 -4.08
CA ASP G 73 -2.84 30.78 -5.50
C ASP G 73 -3.79 29.95 -6.35
N ASN G 74 -4.19 28.78 -5.85
CA ASN G 74 -5.10 27.91 -6.60
C ASN G 74 -6.55 28.18 -6.30
N LYS G 75 -6.87 29.36 -5.75
CA LYS G 75 -8.24 29.88 -5.59
C LYS G 75 -9.10 28.99 -4.71
N LYS G 76 -8.51 28.47 -3.65
CA LYS G 76 -9.23 27.59 -2.74
C LYS G 76 -9.07 28.07 -1.31
N THR G 77 -10.13 27.89 -0.52
CA THR G 77 -10.04 28.18 0.91
C THR G 77 -9.27 27.08 1.63
N ARG G 78 -9.65 25.83 1.40
CA ARG G 78 -9.05 24.69 2.10
C ARG G 78 -7.60 24.50 1.68
N ILE G 79 -6.87 23.76 2.49
CA ILE G 79 -5.48 23.41 2.20
C ILE G 79 -5.42 21.91 1.99
N ILE G 80 -4.98 21.51 0.81
CA ILE G 80 -4.93 20.11 0.41
C ILE G 80 -3.47 19.69 0.47
N PRO G 81 -3.15 18.38 0.43
CA PRO G 81 -1.74 17.97 0.46
C PRO G 81 -0.89 18.49 -0.69
N ARG G 82 -1.49 18.77 -1.84
CA ARG G 82 -0.76 19.37 -2.95
C ARG G 82 -0.25 20.75 -2.57
N HIS G 83 -1.01 21.50 -1.79
CA HIS G 83 -0.59 22.85 -1.41
C HIS G 83 0.63 22.83 -0.52
N LEU G 84 0.59 22.05 0.56
CA LEU G 84 1.74 22.02 1.45
C LEU G 84 2.93 21.28 0.85
N GLN G 85 2.69 20.32 -0.06
CA GLN G 85 3.80 19.69 -0.75
C GLN G 85 4.51 20.66 -1.69
N LEU G 86 3.74 21.47 -2.42
CA LEU G 86 4.34 22.52 -3.22
C LEU G 86 4.99 23.58 -2.36
N ALA G 87 4.45 23.82 -1.16
CA ALA G 87 5.05 24.80 -0.26
C ALA G 87 6.38 24.31 0.31
N VAL G 88 6.49 23.04 0.63
CA VAL G 88 7.76 22.55 1.21
C VAL G 88 8.80 22.38 0.12
N ARG G 89 8.43 21.82 -1.03
CA ARG G 89 9.43 21.61 -2.06
C ARG G 89 9.75 22.89 -2.82
N ASN G 90 8.89 23.90 -2.73
CA ASN G 90 9.18 25.18 -3.32
C ASN G 90 10.10 26.02 -2.46
N ASP G 91 9.98 25.90 -1.14
CA ASP G 91 10.92 26.55 -0.24
C ASP G 91 12.24 25.76 -0.23
N GLU G 92 13.31 26.42 0.22
CA GLU G 92 14.63 25.81 0.29
C GLU G 92 14.84 25.06 1.60
N GLU G 93 14.71 25.76 2.74
CA GLU G 93 15.11 25.19 4.03
C GLU G 93 14.19 24.06 4.44
N LEU G 94 12.90 24.18 4.17
CA LEU G 94 11.98 23.11 4.46
C LEU G 94 12.19 21.92 3.55
N ASN G 95 12.66 22.16 2.32
CA ASN G 95 13.05 21.08 1.44
C ASN G 95 14.26 20.35 2.00
N LYS G 96 15.24 21.09 2.50
CA LYS G 96 16.44 20.47 3.05
C LYS G 96 16.13 19.74 4.35
N LEU G 97 15.13 20.20 5.09
CA LEU G 97 14.69 19.48 6.27
C LEU G 97 13.97 18.20 5.88
N LEU G 98 13.28 18.21 4.75
CA LEU G 98 12.42 17.09 4.40
C LEU G 98 12.84 16.48 3.07
N GLY G 99 14.14 16.23 2.93
CA GLY G 99 14.67 15.70 1.68
C GLY G 99 14.25 14.28 1.37
N ARG G 100 14.40 13.39 2.34
CA ARG G 100 14.05 11.98 2.16
C ARG G 100 12.64 11.69 2.65
N VAL G 101 11.75 12.67 2.56
CA VAL G 101 10.41 12.59 3.11
C VAL G 101 9.40 12.70 1.99
N THR G 102 8.56 11.68 1.86
CA THR G 102 7.61 11.58 0.76
C THR G 102 6.23 11.92 1.26
N ILE G 103 5.71 13.08 0.85
CA ILE G 103 4.36 13.46 1.20
C ILE G 103 3.38 12.66 0.35
N ALA G 104 2.51 11.91 0.99
CA ALA G 104 1.47 11.20 0.27
C ALA G 104 0.45 12.18 -0.28
N GLN G 105 -0.13 11.84 -1.44
CA GLN G 105 -1.08 12.67 -2.17
C GLN G 105 -0.50 14.04 -2.51
N GLY G 106 0.79 14.11 -2.75
CA GLY G 106 1.45 15.39 -2.87
C GLY G 106 1.70 15.80 -4.29
N GLY G 107 2.01 14.84 -5.14
CA GLY G 107 2.37 15.18 -6.49
C GLY G 107 3.78 15.72 -6.58
N VAL G 108 4.13 16.20 -7.77
CA VAL G 108 5.48 16.65 -8.08
C VAL G 108 5.44 18.14 -8.36
N LEU G 109 6.43 18.86 -7.87
CA LEU G 109 6.63 20.24 -8.26
C LEU G 109 6.91 20.30 -9.76
N PRO G 110 6.32 21.27 -10.47
CA PRO G 110 6.47 21.30 -11.93
C PRO G 110 7.87 21.73 -12.33
N ASN G 111 8.52 20.89 -13.13
CA ASN G 111 9.86 21.18 -13.63
C ASN G 111 10.06 20.40 -14.91
N ILE G 112 10.21 21.12 -16.02
CA ILE G 112 10.61 20.53 -17.29
C ILE G 112 11.98 21.05 -17.63
N GLN G 113 12.89 20.15 -17.99
CA GLN G 113 14.24 20.56 -18.34
C GLN G 113 14.24 21.31 -19.65
N SER G 114 15.07 22.35 -19.73
CA SER G 114 15.00 23.33 -20.80
C SER G 114 15.40 22.79 -22.16
N VAL G 115 16.17 21.70 -22.21
CA VAL G 115 16.54 21.11 -23.50
C VAL G 115 15.45 20.21 -24.05
N LEU G 116 14.32 20.08 -23.35
CA LEU G 116 13.19 19.31 -23.82
C LEU G 116 12.04 20.16 -24.33
N LEU G 117 12.02 21.45 -24.02
CA LEU G 117 11.13 22.35 -24.72
C LEU G 117 11.58 22.48 -26.17
N PRO G 118 10.64 22.60 -27.11
CA PRO G 118 11.01 22.74 -28.52
C PRO G 118 11.79 24.02 -28.82
N LYS G 119 11.20 25.17 -28.51
CA LYS G 119 11.80 26.51 -28.66
C LYS G 119 12.29 26.79 -30.07
N LYS G 120 11.62 26.23 -31.08
CA LYS G 120 12.06 26.37 -32.45
C LYS G 120 11.01 27.06 -33.30
N THR H 1 -11.73 4.11 20.24
CA THR H 1 -11.33 4.43 21.60
C THR H 1 -10.50 5.69 21.63
N ARG H 2 -9.86 5.94 22.77
CA ARG H 2 -9.05 7.14 22.93
C ARG H 2 -7.77 7.01 22.11
N LYS H 3 -7.49 8.04 21.31
CA LYS H 3 -6.24 8.14 20.56
C LYS H 3 -5.90 9.62 20.45
N GLU H 4 -4.83 10.02 21.13
CA GLU H 4 -4.43 11.42 21.12
C GLU H 4 -3.82 11.80 19.78
N SER H 5 -3.94 13.07 19.43
CA SER H 5 -3.34 13.60 18.21
C SER H 5 -3.18 15.10 18.33
N TYR H 6 -2.35 15.65 17.47
CA TYR H 6 -2.14 17.10 17.42
C TYR H 6 -3.06 17.74 16.40
N ALA H 7 -4.35 17.48 16.49
CA ALA H 7 -5.24 18.05 15.48
C ALA H 7 -5.62 19.49 15.83
N ILE H 8 -6.12 19.68 17.05
CA ILE H 8 -6.73 20.95 17.42
C ILE H 8 -5.69 22.05 17.55
N TYR H 9 -4.46 21.69 17.90
CA TYR H 9 -3.42 22.70 18.02
C TYR H 9 -2.97 23.18 16.65
N VAL H 10 -2.90 22.26 15.69
CA VAL H 10 -2.63 22.64 14.30
C VAL H 10 -3.75 23.52 13.79
N TYR H 11 -4.99 23.21 14.14
CA TYR H 11 -6.09 24.06 13.73
C TYR H 11 -6.03 25.42 14.40
N LYS H 12 -5.55 25.48 15.64
CA LYS H 12 -5.41 26.75 16.35
C LYS H 12 -4.36 27.64 15.71
N VAL H 13 -3.20 27.07 15.37
CA VAL H 13 -2.17 27.90 14.77
C VAL H 13 -2.53 28.24 13.32
N LEU H 14 -3.34 27.39 12.69
CA LEU H 14 -3.82 27.72 11.35
C LEU H 14 -4.77 28.90 11.38
N LYS H 15 -5.72 28.91 12.32
CA LYS H 15 -6.59 30.05 12.47
C LYS H 15 -5.85 31.28 12.97
N GLN H 16 -4.77 31.10 13.71
CA GLN H 16 -3.96 32.24 14.15
C GLN H 16 -3.21 32.86 12.98
N VAL H 17 -2.63 32.03 12.11
CA VAL H 17 -1.90 32.54 10.96
C VAL H 17 -2.88 33.10 9.93
N HIS H 18 -3.81 32.27 9.47
CA HIS H 18 -4.80 32.70 8.49
C HIS H 18 -6.18 32.57 9.10
N PRO H 19 -6.88 33.68 9.37
CA PRO H 19 -8.14 33.60 10.11
C PRO H 19 -9.30 33.02 9.32
N ASP H 20 -9.22 32.98 8.00
CA ASP H 20 -10.25 32.36 7.16
C ASP H 20 -9.56 31.41 6.20
N THR H 21 -9.30 30.20 6.67
CA THR H 21 -8.63 29.18 5.87
C THR H 21 -8.90 27.84 6.50
N GLY H 22 -9.54 26.94 5.76
CA GLY H 22 -9.78 25.60 6.22
C GLY H 22 -8.61 24.70 5.94
N ILE H 23 -8.82 23.41 6.20
CA ILE H 23 -7.78 22.40 6.03
C ILE H 23 -8.50 21.07 5.91
N SER H 24 -7.88 20.13 5.20
CA SER H 24 -8.58 18.91 4.84
C SER H 24 -8.57 17.94 6.02
N SER H 25 -8.99 16.71 5.76
CA SER H 25 -8.72 15.64 6.71
C SER H 25 -7.32 15.08 6.52
N LYS H 26 -6.96 14.81 5.27
CA LYS H 26 -5.65 14.23 5.02
C LYS H 26 -4.53 15.24 5.22
N ALA H 27 -4.79 16.54 5.03
CA ALA H 27 -3.77 17.51 5.39
C ALA H 27 -3.57 17.58 6.88
N MET H 28 -4.63 17.31 7.65
CA MET H 28 -4.49 17.23 9.09
C MET H 28 -3.69 16.00 9.49
N SER H 29 -3.92 14.87 8.81
CA SER H 29 -3.11 13.68 9.07
C SER H 29 -1.66 13.88 8.68
N ILE H 30 -1.40 14.64 7.61
CA ILE H 30 -0.04 14.91 7.19
C ILE H 30 0.67 15.81 8.19
N MET H 31 0.00 16.87 8.65
CA MET H 31 0.61 17.75 9.63
C MET H 31 0.82 17.05 10.96
N ASN H 32 -0.10 16.16 11.34
CA ASN H 32 0.07 15.39 12.56
C ASN H 32 1.27 14.45 12.47
N SER H 33 1.42 13.76 11.33
CA SER H 33 2.56 12.88 11.16
C SER H 33 3.86 13.65 11.05
N PHE H 34 3.81 14.86 10.50
CA PHE H 34 4.99 15.69 10.42
C PHE H 34 5.46 16.14 11.79
N VAL H 35 4.52 16.57 12.64
CA VAL H 35 4.85 16.98 13.99
C VAL H 35 5.38 15.81 14.80
N ASN H 36 4.78 14.63 14.61
CA ASN H 36 5.27 13.42 15.28
C ASN H 36 6.70 13.11 14.88
N ASP H 37 7.01 13.21 13.58
CA ASP H 37 8.36 12.93 13.11
C ASP H 37 9.38 13.94 13.62
N VAL H 38 9.02 15.22 13.61
CA VAL H 38 9.97 16.25 14.03
C VAL H 38 10.25 16.16 15.52
N PHE H 39 9.19 15.98 16.31
CA PHE H 39 9.35 15.82 17.75
C PHE H 39 10.16 14.57 18.08
N GLU H 40 9.93 13.48 17.35
CA GLU H 40 10.69 12.26 17.57
C GLU H 40 12.16 12.45 17.24
N ARG H 41 12.45 13.17 16.16
CA ARG H 41 13.84 13.38 15.77
C ARG H 41 14.56 14.27 16.77
N ILE H 42 13.89 15.32 17.26
CA ILE H 42 14.54 16.22 18.21
C ILE H 42 14.72 15.54 19.56
N ALA H 43 13.74 14.74 20.00
CA ALA H 43 13.87 14.05 21.28
C ALA H 43 14.94 12.98 21.23
N GLY H 44 15.05 12.25 20.11
CA GLY H 44 16.12 11.28 19.97
C GLY H 44 17.49 11.93 19.94
N GLU H 45 17.59 13.09 19.30
CA GLU H 45 18.87 13.79 19.28
C GLU H 45 19.25 14.31 20.66
N ALA H 46 18.28 14.80 21.44
CA ALA H 46 18.62 15.26 22.78
C ALA H 46 18.97 14.09 23.69
N SER H 47 18.36 12.93 23.46
CA SER H 47 18.75 11.75 24.22
C SER H 47 20.18 11.34 23.91
N ARG H 48 20.57 11.40 22.63
CA ARG H 48 21.94 11.05 22.29
C ARG H 48 22.93 12.08 22.79
N LEU H 49 22.53 13.35 22.86
CA LEU H 49 23.39 14.37 23.47
C LEU H 49 23.59 14.11 24.96
N ALA H 50 22.51 13.73 25.65
CA ALA H 50 22.62 13.41 27.07
C ALA H 50 23.46 12.17 27.32
N HIS H 51 23.44 11.22 26.40
CA HIS H 51 24.33 10.07 26.55
C HIS H 51 25.78 10.45 26.25
N TYR H 52 26.00 11.37 25.32
CA TYR H 52 27.36 11.72 24.97
C TYR H 52 28.03 12.55 26.04
N ASN H 53 27.28 13.42 26.71
CA ASN H 53 27.88 14.26 27.74
C ASN H 53 27.83 13.62 29.12
N LYS H 54 27.60 12.31 29.19
CA LYS H 54 27.50 11.51 30.41
C LYS H 54 26.37 11.93 31.34
N ARG H 55 25.44 12.75 30.86
CA ARG H 55 24.36 13.23 31.70
C ARG H 55 23.25 12.21 31.79
N SER H 56 22.18 12.58 32.48
CA SER H 56 21.02 11.71 32.56
C SER H 56 19.70 12.46 32.44
N THR H 57 19.73 13.76 32.21
CA THR H 57 18.51 14.54 32.10
C THR H 57 18.51 15.31 30.79
N ILE H 58 17.35 15.86 30.46
CA ILE H 58 17.17 16.65 29.25
C ILE H 58 16.68 18.02 29.68
N THR H 59 17.57 19.01 29.71
CA THR H 59 17.11 20.35 29.94
C THR H 59 17.00 21.08 28.60
N SER H 60 16.73 22.38 28.67
CA SER H 60 16.52 23.17 27.46
C SER H 60 17.77 23.30 26.63
N ARG H 61 18.94 23.13 27.23
CA ARG H 61 20.19 23.28 26.49
C ARG H 61 20.38 22.15 25.50
N GLU H 62 20.02 20.92 25.87
CA GLU H 62 20.20 19.79 24.97
C GLU H 62 19.29 19.88 23.76
N ILE H 63 18.02 20.23 23.97
CA ILE H 63 17.14 20.37 22.82
C ILE H 63 17.44 21.63 22.02
N GLN H 64 18.01 22.66 22.66
CA GLN H 64 18.42 23.81 21.88
C GLN H 64 19.57 23.46 20.95
N THR H 65 20.52 22.66 21.42
CA THR H 65 21.54 22.24 20.48
C THR H 65 21.06 21.17 19.51
N ALA H 66 20.01 20.41 19.87
CA ALA H 66 19.43 19.50 18.88
C ALA H 66 18.73 20.26 17.77
N VAL H 67 18.13 21.40 18.10
CA VAL H 67 17.54 22.27 17.08
C VAL H 67 18.64 22.93 16.26
N ARG H 68 19.77 23.27 16.90
CA ARG H 68 20.93 23.77 16.18
C ARG H 68 21.45 22.75 15.19
N LEU H 69 21.41 21.47 15.55
CA LEU H 69 21.88 20.42 14.65
C LEU H 69 20.90 20.18 13.51
N LEU H 70 19.63 19.95 13.84
CA LEU H 70 18.69 19.39 12.87
C LEU H 70 18.27 20.39 11.81
N LEU H 71 18.25 21.63 12.13
CA LEU H 71 17.65 22.51 11.14
C LEU H 71 18.72 23.23 10.33
N PRO H 72 18.41 23.62 9.10
CA PRO H 72 19.28 24.54 8.37
C PRO H 72 19.25 25.95 8.96
N GLY H 73 20.09 26.84 8.42
CA GLY H 73 20.50 28.08 9.06
C GLY H 73 19.47 29.03 9.64
N GLU H 74 18.68 29.69 8.80
CA GLU H 74 17.77 30.70 9.32
C GLU H 74 16.60 30.07 10.04
N LEU H 75 16.22 28.86 9.64
CA LEU H 75 15.19 28.12 10.36
C LEU H 75 15.64 27.77 11.76
N ALA H 76 16.91 27.35 11.91
CA ALA H 76 17.45 27.06 13.23
C ALA H 76 17.55 28.32 14.07
N LYS H 77 17.94 29.44 13.45
CA LYS H 77 18.06 30.70 14.19
C LYS H 77 16.71 31.17 14.72
N HIS H 78 15.67 31.09 13.89
CA HIS H 78 14.37 31.56 14.35
C HIS H 78 13.71 30.58 15.32
N ALA H 79 13.96 29.28 15.17
CA ALA H 79 13.45 28.34 16.15
C ALA H 79 14.13 28.52 17.51
N VAL H 80 15.43 28.81 17.52
CA VAL H 80 16.13 29.08 18.77
C VAL H 80 15.60 30.36 19.41
N SER H 81 15.33 31.39 18.61
CA SER H 81 14.77 32.63 19.16
C SER H 81 13.37 32.40 19.75
N GLU H 82 12.55 31.61 19.07
CA GLU H 82 11.22 31.30 19.58
C GLU H 82 11.29 30.49 20.87
N GLY H 83 12.19 29.51 20.93
CA GLY H 83 12.29 28.70 22.13
C GLY H 83 12.79 29.47 23.33
N THR H 84 13.80 30.32 23.14
CA THR H 84 14.30 31.12 24.24
C THR H 84 13.28 32.13 24.71
N LYS H 85 12.52 32.73 23.78
CA LYS H 85 11.46 33.64 24.17
C LYS H 85 10.39 32.94 24.99
N ALA H 86 10.03 31.71 24.58
CA ALA H 86 8.99 30.99 25.29
C ALA H 86 9.44 30.54 26.68
N VAL H 87 10.69 30.10 26.81
CA VAL H 87 11.15 29.68 28.13
C VAL H 87 11.38 30.87 29.05
N THR H 88 11.71 32.05 28.52
CA THR H 88 11.77 33.23 29.38
C THR H 88 10.38 33.64 29.82
N LYS H 89 9.39 33.50 28.94
CA LYS H 89 8.01 33.73 29.33
C LYS H 89 7.56 32.74 30.42
N TYR H 90 7.97 31.48 30.31
CA TYR H 90 7.56 30.47 31.29
C TYR H 90 8.23 30.67 32.62
N THR H 91 9.52 31.00 32.61
CA THR H 91 10.25 31.18 33.87
C THR H 91 9.85 32.48 34.57
N SER H 92 9.76 33.58 33.82
CA SER H 92 9.37 34.86 34.40
C SER H 92 7.93 34.87 34.88
N ALA H 93 7.09 33.99 34.36
CA ALA H 93 5.72 33.87 34.83
C ALA H 93 5.47 32.46 35.33
N THR K 1 -66.20 -1.09 -5.49
CA THR K 1 -65.21 -0.04 -5.37
C THR K 1 -64.80 0.47 -6.74
N ARG K 2 -64.25 -0.43 -7.55
CA ARG K 2 -63.62 -0.08 -8.82
C ARG K 2 -64.07 -1.11 -9.85
N PHE K 3 -63.30 -1.25 -10.93
CA PHE K 3 -63.53 -2.26 -11.96
C PHE K 3 -63.66 -3.65 -11.35
N GLU K 4 -64.83 -4.25 -11.53
CA GLU K 4 -65.12 -5.59 -11.03
C GLU K 4 -64.97 -6.65 -12.11
N ASP K 5 -64.05 -6.46 -13.04
CA ASP K 5 -63.85 -7.39 -14.15
C ASP K 5 -62.45 -7.15 -14.71
N SER K 6 -62.09 -7.91 -15.72
CA SER K 6 -60.96 -7.56 -16.56
C SER K 6 -61.32 -6.30 -17.33
N PRO K 7 -60.68 -5.17 -17.08
CA PRO K 7 -61.21 -3.89 -17.55
C PRO K 7 -61.03 -3.65 -19.05
N SER K 8 -61.41 -2.45 -19.49
CA SER K 8 -61.50 -2.15 -20.91
C SER K 8 -60.35 -1.31 -21.43
N TYR K 9 -59.62 -0.60 -20.56
CA TYR K 9 -58.48 0.17 -21.03
C TYR K 9 -57.35 -0.73 -21.48
N VAL K 10 -57.22 -1.90 -20.88
CA VAL K 10 -56.25 -2.87 -21.35
C VAL K 10 -56.76 -3.47 -22.65
N LYS K 11 -55.88 -3.60 -23.62
CA LYS K 11 -56.24 -4.10 -24.94
C LYS K 11 -55.46 -5.39 -25.18
N TRP K 12 -56.15 -6.38 -25.77
CA TRP K 12 -55.80 -7.78 -25.64
C TRP K 12 -55.58 -8.11 -24.16
N GLY K 13 -56.59 -7.79 -23.37
CA GLY K 13 -56.46 -7.83 -21.93
C GLY K 13 -57.31 -8.85 -21.22
N LYS K 14 -56.66 -9.86 -20.64
CA LYS K 14 -57.33 -10.88 -19.85
C LYS K 14 -56.74 -10.81 -18.45
N LEU K 15 -57.28 -9.95 -17.61
CA LEU K 15 -56.90 -9.88 -16.21
C LEU K 15 -57.64 -10.96 -15.44
N ARG K 16 -56.89 -11.77 -14.71
CA ARG K 16 -57.52 -12.75 -13.85
C ARG K 16 -58.06 -12.04 -12.61
N ASP K 17 -59.04 -12.68 -11.97
CA ASP K 17 -59.86 -12.01 -10.97
C ASP K 17 -59.08 -11.63 -9.73
N TYR K 18 -58.12 -12.46 -9.31
CA TYR K 18 -57.34 -12.14 -8.14
C TYR K 18 -56.41 -10.96 -8.40
N GLN K 19 -55.95 -10.80 -9.64
CA GLN K 19 -55.22 -9.59 -10.00
C GLN K 19 -56.11 -8.36 -9.94
N VAL K 20 -57.39 -8.51 -10.30
CA VAL K 20 -58.32 -7.40 -10.23
C VAL K 20 -58.63 -7.05 -8.78
N ARG K 21 -58.70 -8.06 -7.92
CA ARG K 21 -58.84 -7.83 -6.49
C ARG K 21 -57.64 -7.08 -5.92
N GLY K 22 -56.44 -7.48 -6.37
CA GLY K 22 -55.25 -6.74 -6.02
C GLY K 22 -55.25 -5.32 -6.56
N LEU K 23 -55.86 -5.12 -7.72
CA LEU K 23 -55.99 -3.78 -8.28
C LEU K 23 -56.91 -2.92 -7.42
N ASN K 24 -57.99 -3.53 -6.92
CA ASN K 24 -58.88 -2.84 -5.98
C ASN K 24 -58.14 -2.51 -4.70
N TRP K 25 -57.23 -3.39 -4.27
CA TRP K 25 -56.39 -3.12 -3.11
C TRP K 25 -55.47 -1.93 -3.33
N LEU K 26 -54.83 -1.86 -4.51
CA LEU K 26 -53.94 -0.74 -4.82
C LEU K 26 -54.69 0.57 -4.93
N ILE K 27 -55.88 0.56 -5.55
CA ILE K 27 -56.63 1.81 -5.68
C ILE K 27 -57.20 2.22 -4.33
N SER K 28 -57.51 1.27 -3.46
CA SER K 28 -57.91 1.63 -2.10
C SER K 28 -56.74 2.22 -1.32
N LEU K 29 -55.53 1.71 -1.57
CA LEU K 29 -54.33 2.33 -1.00
C LEU K 29 -54.13 3.73 -1.52
N TYR K 30 -54.46 3.96 -2.79
CA TYR K 30 -54.35 5.28 -3.39
C TYR K 30 -55.39 6.24 -2.81
N GLU K 31 -56.59 5.73 -2.51
CA GLU K 31 -57.62 6.56 -1.89
C GLU K 31 -57.26 6.90 -0.46
N ASN K 32 -56.68 5.94 0.27
CA ASN K 32 -56.27 6.21 1.64
C ASN K 32 -54.98 7.01 1.71
N GLY K 33 -54.29 7.21 0.60
CA GLY K 33 -53.06 7.99 0.59
C GLY K 33 -51.90 7.32 1.29
N ILE K 34 -51.75 6.02 1.12
CA ILE K 34 -50.72 5.24 1.80
C ILE K 34 -49.91 4.48 0.76
N ASN K 35 -48.59 4.64 0.79
CA ASN K 35 -47.70 3.84 -0.02
C ASN K 35 -47.69 2.41 0.51
N GLY K 36 -47.80 1.45 -0.41
CA GLY K 36 -47.95 0.07 -0.03
C GLY K 36 -46.89 -0.80 -0.68
N ILE K 37 -46.93 -2.07 -0.36
CA ILE K 37 -46.01 -3.07 -0.90
C ILE K 37 -46.83 -4.20 -1.51
N LEU K 38 -46.77 -4.31 -2.82
CA LEU K 38 -47.37 -5.42 -3.53
C LEU K 38 -46.30 -6.47 -3.72
N ALA K 39 -46.30 -7.49 -2.87
CA ALA K 39 -45.18 -8.41 -2.78
C ALA K 39 -45.67 -9.85 -2.73
N ASP K 40 -46.55 -10.23 -3.65
CA ASP K 40 -47.00 -11.60 -3.74
C ASP K 40 -45.94 -12.44 -4.45
N GLU K 41 -46.31 -13.66 -4.84
CA GLU K 41 -45.38 -14.52 -5.56
C GLU K 41 -45.16 -13.98 -6.98
N MET K 42 -44.03 -14.37 -7.56
CA MET K 42 -43.78 -14.15 -8.98
C MET K 42 -44.76 -14.97 -9.82
N GLY K 43 -44.92 -14.56 -11.08
CA GLY K 43 -45.86 -15.24 -11.94
C GLY K 43 -47.31 -15.01 -11.57
N LEU K 44 -47.62 -13.85 -10.97
CA LEU K 44 -48.97 -13.52 -10.58
C LEU K 44 -49.45 -12.25 -11.28
N GLY K 45 -48.90 -11.98 -12.45
CA GLY K 45 -49.33 -10.83 -13.23
C GLY K 45 -48.98 -9.50 -12.61
N LYS K 46 -47.84 -9.43 -11.91
CA LYS K 46 -47.49 -8.24 -11.16
C LYS K 46 -47.14 -7.07 -12.07
N THR K 47 -46.41 -7.36 -13.15
CA THR K 47 -46.22 -6.35 -14.18
C THR K 47 -47.53 -5.99 -14.86
N LEU K 48 -48.40 -6.98 -15.07
CA LEU K 48 -49.74 -6.70 -15.57
C LEU K 48 -50.57 -5.96 -14.55
N GLN K 49 -50.29 -6.18 -13.26
CA GLN K 49 -51.00 -5.47 -12.20
C GLN K 49 -50.71 -3.98 -12.27
N THR K 50 -49.43 -3.61 -12.31
CA THR K 50 -49.13 -2.19 -12.32
C THR K 50 -49.43 -1.54 -13.67
N ILE K 51 -49.33 -2.30 -14.78
CA ILE K 51 -49.75 -1.77 -16.06
C ILE K 51 -51.25 -1.51 -16.08
N SER K 52 -52.03 -2.41 -15.47
CA SER K 52 -53.46 -2.19 -15.31
C SER K 52 -53.76 -1.03 -14.38
N LEU K 53 -52.90 -0.82 -13.38
CA LEU K 53 -53.08 0.32 -12.48
C LEU K 53 -52.90 1.63 -13.22
N LEU K 54 -51.85 1.74 -14.02
CA LEU K 54 -51.66 2.98 -14.77
C LEU K 54 -52.67 3.13 -15.91
N GLY K 55 -53.15 2.02 -16.46
CA GLY K 55 -54.23 2.09 -17.42
C GLY K 55 -55.54 2.55 -16.81
N TYR K 56 -55.75 2.26 -15.52
CA TYR K 56 -56.87 2.88 -14.83
C TYR K 56 -56.60 4.35 -14.54
N MET K 57 -55.35 4.67 -14.18
CA MET K 57 -55.00 6.02 -13.73
C MET K 57 -55.15 7.03 -14.86
N LYS K 58 -54.50 6.78 -16.00
CA LYS K 58 -54.55 7.69 -17.14
C LYS K 58 -55.95 7.85 -17.69
N HIS K 59 -56.71 6.76 -17.74
CA HIS K 59 -58.07 6.82 -18.28
C HIS K 59 -59.01 7.56 -17.35
N TYR K 60 -59.23 7.04 -16.15
CA TYR K 60 -60.32 7.50 -15.32
C TYR K 60 -59.93 8.45 -14.21
N ARG K 61 -58.64 8.66 -13.98
CA ARG K 61 -58.20 9.61 -12.97
C ARG K 61 -57.42 10.76 -13.60
N ASN K 62 -57.23 10.72 -14.92
CA ASN K 62 -56.62 11.79 -15.72
C ASN K 62 -55.20 12.10 -15.27
N ILE K 63 -54.42 11.05 -15.02
CA ILE K 63 -53.04 11.22 -14.62
C ILE K 63 -52.17 10.84 -15.81
N PRO K 64 -51.59 11.81 -16.51
CA PRO K 64 -50.83 11.51 -17.74
C PRO K 64 -49.34 11.28 -17.53
N GLY K 65 -48.85 11.27 -16.30
CA GLY K 65 -47.45 11.05 -16.05
C GLY K 65 -46.86 12.06 -15.09
N PRO K 66 -45.60 11.84 -14.68
CA PRO K 66 -44.77 10.68 -15.02
C PRO K 66 -44.80 9.60 -13.94
N HIS K 67 -44.62 8.35 -14.36
CA HIS K 67 -44.61 7.21 -13.44
C HIS K 67 -43.46 6.31 -13.87
N MET K 68 -42.32 6.45 -13.21
CA MET K 68 -41.16 5.66 -13.62
C MET K 68 -41.28 4.24 -13.09
N VAL K 69 -40.56 3.34 -13.74
CA VAL K 69 -40.56 1.92 -13.40
C VAL K 69 -39.11 1.48 -13.35
N LEU K 70 -38.67 0.98 -12.20
CA LEU K 70 -37.30 0.53 -12.02
C LEU K 70 -37.25 -0.98 -12.16
N VAL K 71 -36.38 -1.45 -13.05
CA VAL K 71 -36.24 -2.88 -13.31
C VAL K 71 -34.75 -3.20 -13.34
N PRO K 72 -34.39 -4.47 -13.18
CA PRO K 72 -33.07 -4.91 -13.64
C PRO K 72 -33.01 -4.83 -15.15
N LYS K 73 -31.79 -4.65 -15.68
CA LYS K 73 -31.61 -4.40 -17.10
C LYS K 73 -31.95 -5.61 -17.96
N SER K 74 -32.06 -6.79 -17.37
CA SER K 74 -32.53 -7.97 -18.08
C SER K 74 -34.03 -8.00 -18.23
N THR K 75 -34.77 -6.92 -17.95
CA THR K 75 -36.22 -6.98 -18.03
C THR K 75 -36.80 -5.76 -18.74
N LEU K 76 -35.94 -4.91 -19.32
CA LEU K 76 -36.40 -3.67 -19.93
C LEU K 76 -37.26 -3.92 -21.16
N HIS K 77 -36.78 -4.76 -22.08
CA HIS K 77 -37.55 -5.04 -23.28
C HIS K 77 -38.78 -5.87 -22.98
N ASN K 78 -38.72 -6.69 -21.92
CA ASN K 78 -39.92 -7.43 -21.48
C ASN K 78 -41.00 -6.48 -20.99
N TRP K 79 -40.62 -5.51 -20.14
CA TRP K 79 -41.59 -4.55 -19.64
C TRP K 79 -42.13 -3.66 -20.76
N MET K 80 -41.28 -3.28 -21.71
CA MET K 80 -41.76 -2.46 -22.82
C MET K 80 -42.67 -3.25 -23.75
N SER K 81 -42.40 -4.55 -23.92
CA SER K 81 -43.30 -5.39 -24.68
C SER K 81 -44.64 -5.55 -23.98
N GLU K 82 -44.64 -5.65 -22.66
CA GLU K 82 -45.90 -5.79 -21.95
C GLU K 82 -46.71 -4.50 -21.99
N PHE K 83 -46.04 -3.35 -21.89
CA PHE K 83 -46.72 -2.07 -22.10
C PHE K 83 -47.28 -1.93 -23.51
N LYS K 84 -46.49 -2.29 -24.52
CA LYS K 84 -46.97 -2.17 -25.90
C LYS K 84 -48.02 -3.23 -26.25
N ARG K 85 -48.12 -4.31 -25.48
CA ARG K 85 -49.07 -5.37 -25.79
C ARG K 85 -50.36 -5.30 -24.99
N TRP K 86 -50.37 -4.63 -23.83
CA TRP K 86 -51.57 -4.66 -23.00
C TRP K 86 -52.24 -3.29 -22.87
N VAL K 87 -51.52 -2.28 -22.40
CA VAL K 87 -52.11 -0.93 -22.31
C VAL K 87 -51.30 -0.02 -23.23
N PRO K 88 -51.73 0.16 -24.48
CA PRO K 88 -50.93 0.94 -25.43
C PRO K 88 -51.10 2.43 -25.30
N THR K 89 -52.14 2.90 -24.61
CA THR K 89 -52.44 4.32 -24.59
C THR K 89 -51.43 5.15 -23.82
N LEU K 90 -50.67 4.53 -22.91
CA LEU K 90 -49.59 5.22 -22.21
C LEU K 90 -48.42 5.40 -23.17
N ARG K 91 -47.86 6.60 -23.20
CA ARG K 91 -46.68 6.86 -24.01
C ARG K 91 -45.49 6.12 -23.41
N SER K 92 -44.91 5.22 -24.18
CA SER K 92 -43.95 4.24 -23.70
C SER K 92 -42.55 4.60 -24.18
N VAL K 93 -41.64 4.84 -23.23
CA VAL K 93 -40.25 5.14 -23.53
C VAL K 93 -39.37 4.23 -22.67
N CYS K 94 -38.08 4.20 -23.03
CA CYS K 94 -37.12 3.37 -22.33
C CYS K 94 -35.73 3.94 -22.55
N LEU K 95 -34.88 3.87 -21.52
CA LEU K 95 -33.57 4.49 -21.57
C LEU K 95 -32.50 3.45 -21.26
N ILE K 96 -31.52 3.32 -22.17
CA ILE K 96 -30.40 2.40 -21.98
C ILE K 96 -29.26 2.89 -22.86
N GLY K 97 -28.04 2.46 -22.54
CA GLY K 97 -26.88 2.71 -23.37
C GLY K 97 -25.91 3.66 -22.70
N ASP K 98 -24.90 4.07 -23.46
CA ASP K 98 -23.83 4.92 -22.94
C ASP K 98 -24.31 6.36 -22.85
N LYS K 99 -23.37 7.27 -22.55
CA LYS K 99 -23.72 8.68 -22.31
C LYS K 99 -24.19 9.38 -23.58
N GLU K 100 -23.80 8.88 -24.75
CA GLU K 100 -24.17 9.54 -26.00
C GLU K 100 -25.64 9.34 -26.31
N GLN K 101 -26.10 8.08 -26.31
CA GLN K 101 -27.51 7.85 -26.53
C GLN K 101 -28.35 8.26 -25.34
N ARG K 102 -27.77 8.30 -24.13
CA ARG K 102 -28.47 8.87 -23.00
C ARG K 102 -28.73 10.37 -23.20
N ALA K 103 -27.71 11.09 -23.68
CA ALA K 103 -27.86 12.52 -23.94
C ALA K 103 -28.85 12.77 -25.08
N ALA K 104 -28.79 11.93 -26.11
CA ALA K 104 -29.75 12.02 -27.21
C ALA K 104 -31.17 11.76 -26.73
N PHE K 105 -31.33 10.77 -25.84
CA PHE K 105 -32.66 10.42 -25.35
C PHE K 105 -33.24 11.51 -24.45
N VAL K 106 -32.41 12.11 -23.58
CA VAL K 106 -32.94 13.15 -22.72
C VAL K 106 -33.26 14.40 -23.54
N ARG K 107 -32.39 14.75 -24.50
CA ARG K 107 -32.62 15.90 -25.37
C ARG K 107 -33.86 15.73 -26.25
N ASP K 108 -34.16 14.50 -26.64
CA ASP K 108 -35.38 14.28 -27.43
C ASP K 108 -36.62 14.32 -26.54
N VAL K 109 -36.74 13.39 -25.61
CA VAL K 109 -38.03 13.13 -25.00
C VAL K 109 -38.12 13.53 -23.54
N LEU K 110 -37.01 13.71 -22.83
CA LEU K 110 -37.16 13.86 -21.39
C LEU K 110 -37.25 15.32 -20.95
N LEU K 111 -37.00 16.24 -21.85
CA LEU K 111 -37.26 17.65 -21.55
C LEU K 111 -38.76 17.98 -21.47
N PRO K 112 -39.60 17.76 -22.51
CA PRO K 112 -40.94 18.36 -22.44
C PRO K 112 -41.94 17.62 -21.56
N GLY K 113 -41.63 16.41 -21.12
CA GLY K 113 -42.61 15.65 -20.37
C GLY K 113 -43.59 14.96 -21.29
N GLU K 114 -43.15 14.71 -22.53
CA GLU K 114 -44.02 14.21 -23.58
C GLU K 114 -44.48 12.78 -23.34
N TRP K 115 -43.68 11.96 -22.68
CA TRP K 115 -44.04 10.57 -22.43
C TRP K 115 -45.05 10.50 -21.27
N ASP K 116 -45.47 9.30 -20.94
CA ASP K 116 -46.29 9.06 -19.76
C ASP K 116 -45.61 8.17 -18.74
N VAL K 117 -45.07 7.04 -19.17
CA VAL K 117 -44.40 6.08 -18.30
C VAL K 117 -43.00 5.84 -18.86
N CYS K 118 -41.99 5.85 -17.99
CA CYS K 118 -40.60 5.67 -18.38
C CYS K 118 -39.99 4.53 -17.58
N VAL K 119 -39.85 3.37 -18.21
CA VAL K 119 -39.06 2.30 -17.61
C VAL K 119 -37.60 2.69 -17.69
N THR K 120 -36.85 2.31 -16.67
CA THR K 120 -35.46 2.72 -16.54
C THR K 120 -34.78 1.71 -15.62
N SER K 121 -33.60 1.24 -16.04
CA SER K 121 -32.86 0.33 -15.18
C SER K 121 -32.22 1.08 -14.01
N TYR K 122 -31.55 0.32 -13.15
CA TYR K 122 -31.04 0.87 -11.89
C TYR K 122 -29.88 1.82 -12.12
N GLU K 123 -28.85 1.35 -12.83
CA GLU K 123 -27.62 2.13 -12.96
C GLU K 123 -27.84 3.36 -13.82
N MET K 124 -28.81 3.31 -14.72
CA MET K 124 -29.24 4.50 -15.45
C MET K 124 -29.81 5.55 -14.50
N LEU K 125 -30.52 5.11 -13.46
CA LEU K 125 -31.01 6.07 -12.48
C LEU K 125 -29.86 6.63 -11.65
N ILE K 126 -28.88 5.79 -11.33
CA ILE K 126 -27.71 6.28 -10.60
C ILE K 126 -26.92 7.27 -11.43
N LYS K 127 -26.94 7.13 -12.76
CA LYS K 127 -26.27 8.09 -13.62
C LYS K 127 -27.09 9.34 -13.91
N GLU K 128 -28.43 9.25 -13.90
CA GLU K 128 -29.27 10.37 -14.28
C GLU K 128 -30.16 10.85 -13.12
N LYS K 129 -29.66 10.69 -11.89
CA LYS K 129 -30.31 11.30 -10.73
C LYS K 129 -30.44 12.81 -10.87
N SER K 130 -29.46 13.46 -11.50
CA SER K 130 -29.53 14.91 -11.68
C SER K 130 -30.61 15.30 -12.67
N VAL K 131 -30.92 14.43 -13.62
CA VAL K 131 -32.05 14.68 -14.51
C VAL K 131 -33.36 14.42 -13.79
N PHE K 132 -33.48 13.25 -13.16
CA PHE K 132 -34.77 12.82 -12.66
C PHE K 132 -35.15 13.45 -11.33
N LYS K 133 -34.23 14.15 -10.66
CA LYS K 133 -34.61 14.95 -9.52
C LYS K 133 -35.27 16.26 -9.91
N LYS K 134 -35.30 16.59 -11.21
CA LYS K 134 -35.94 17.79 -11.72
C LYS K 134 -37.36 17.52 -12.20
N PHE K 135 -38.06 16.57 -11.60
CA PHE K 135 -39.41 16.22 -12.01
C PHE K 135 -40.31 16.09 -10.80
N ASN K 136 -41.61 16.03 -11.09
CA ASN K 136 -42.64 15.85 -10.08
C ASN K 136 -43.30 14.50 -10.38
N TRP K 137 -42.84 13.46 -9.69
CA TRP K 137 -43.27 12.10 -9.97
C TRP K 137 -44.54 11.78 -9.21
N ARG K 138 -45.56 11.31 -9.92
CA ARG K 138 -46.78 10.86 -9.26
C ARG K 138 -46.55 9.52 -8.56
N TYR K 139 -46.18 8.50 -9.33
CA TYR K 139 -45.99 7.17 -8.81
C TYR K 139 -44.50 6.85 -8.72
N LEU K 140 -44.21 5.69 -8.15
CA LEU K 140 -42.88 5.11 -8.15
C LEU K 140 -43.06 3.61 -7.94
N VAL K 141 -42.78 2.83 -8.98
CA VAL K 141 -42.93 1.39 -8.94
C VAL K 141 -41.57 0.78 -9.19
N ILE K 142 -41.10 -0.03 -8.26
CA ILE K 142 -39.81 -0.69 -8.35
C ILE K 142 -40.07 -2.17 -8.54
N ASP K 143 -39.90 -2.65 -9.77
CA ASP K 143 -39.88 -4.08 -10.01
C ASP K 143 -38.62 -4.68 -9.42
N GLU K 144 -38.76 -5.85 -8.80
CA GLU K 144 -37.69 -6.58 -8.11
C GLU K 144 -37.04 -5.70 -7.05
N ALA K 145 -37.87 -5.38 -6.04
CA ALA K 145 -37.49 -4.43 -5.02
C ALA K 145 -36.55 -5.04 -3.98
N HIS K 146 -35.39 -5.52 -4.41
CA HIS K 146 -34.43 -6.06 -3.47
C HIS K 146 -33.02 -5.55 -3.70
N ARG K 147 -32.80 -4.68 -4.67
CA ARG K 147 -31.63 -3.81 -4.61
C ARG K 147 -31.72 -2.91 -3.38
N ILE K 148 -32.93 -2.56 -2.96
CA ILE K 148 -33.15 -2.00 -1.63
C ILE K 148 -33.35 -3.19 -0.69
N LYS K 149 -32.23 -3.78 -0.29
CA LYS K 149 -32.20 -4.74 0.81
C LYS K 149 -31.61 -4.13 2.06
N ASN K 150 -30.48 -3.44 1.92
CA ASN K 150 -29.98 -2.56 2.94
C ASN K 150 -30.44 -1.14 2.65
N GLU K 151 -30.64 -0.37 3.71
CA GLU K 151 -31.06 1.02 3.57
C GLU K 151 -29.88 1.97 3.56
N LYS K 152 -28.67 1.49 3.28
CA LYS K 152 -27.49 2.32 3.24
C LYS K 152 -26.86 2.35 1.85
N SER K 153 -27.43 1.62 0.90
CA SER K 153 -26.91 1.62 -0.45
C SER K 153 -27.23 2.95 -1.13
N LYS K 154 -26.40 3.32 -2.10
CA LYS K 154 -26.56 4.61 -2.75
C LYS K 154 -27.82 4.65 -3.60
N LEU K 155 -28.23 3.50 -4.12
CA LEU K 155 -29.55 3.42 -4.74
C LEU K 155 -30.65 3.62 -3.72
N SER K 156 -30.47 3.09 -2.50
CA SER K 156 -31.48 3.25 -1.47
C SER K 156 -31.61 4.70 -1.05
N GLU K 157 -30.48 5.41 -0.95
CA GLU K 157 -30.51 6.85 -0.70
C GLU K 157 -31.21 7.57 -1.85
N ILE K 158 -30.73 7.37 -3.07
CA ILE K 158 -31.20 8.14 -4.21
C ILE K 158 -32.64 7.82 -4.58
N VAL K 159 -33.20 6.71 -4.10
CA VAL K 159 -34.64 6.53 -4.22
C VAL K 159 -35.37 7.05 -2.99
N ARG K 160 -34.67 7.22 -1.86
CA ARG K 160 -35.32 7.84 -0.71
C ARG K 160 -35.47 9.35 -0.90
N GLU K 161 -34.57 10.00 -1.64
CA GLU K 161 -34.66 11.45 -1.80
C GLU K 161 -35.34 11.85 -3.10
N PHE K 162 -36.34 11.10 -3.55
CA PHE K 162 -37.16 11.55 -4.66
C PHE K 162 -38.33 12.37 -4.14
N LYS K 163 -38.44 13.60 -4.63
CA LYS K 163 -39.60 14.45 -4.37
C LYS K 163 -40.72 13.91 -5.22
N THR K 164 -41.55 13.05 -4.62
CA THR K 164 -42.61 12.39 -5.35
C THR K 164 -43.81 12.16 -4.44
N THR K 165 -44.92 11.77 -5.04
CA THR K 165 -46.17 11.63 -4.29
C THR K 165 -46.39 10.20 -3.80
N ASN K 166 -46.45 9.23 -4.71
CA ASN K 166 -46.77 7.86 -4.34
C ASN K 166 -45.60 6.94 -4.63
N ARG K 167 -45.48 5.90 -3.81
CA ARG K 167 -44.49 4.84 -3.99
C ARG K 167 -45.21 3.50 -3.96
N LEU K 168 -44.83 2.61 -4.86
CA LEU K 168 -45.39 1.26 -4.90
C LEU K 168 -44.25 0.27 -5.13
N LEU K 169 -44.38 -0.92 -4.57
CA LEU K 169 -43.29 -1.87 -4.64
C LEU K 169 -43.76 -3.15 -5.29
N LEU K 170 -42.82 -3.87 -5.90
CA LEU K 170 -43.17 -5.05 -6.67
C LEU K 170 -42.00 -6.03 -6.60
N THR K 171 -42.11 -6.99 -5.69
CA THR K 171 -41.13 -8.06 -5.57
C THR K 171 -41.85 -9.38 -5.37
N GLY K 172 -41.06 -10.45 -5.35
CA GLY K 172 -41.60 -11.77 -5.13
C GLY K 172 -41.39 -12.28 -3.72
N THR K 173 -40.19 -12.05 -3.18
CA THR K 173 -39.77 -12.56 -1.88
C THR K 173 -39.42 -11.38 -0.98
N PRO K 174 -40.42 -10.75 -0.34
CA PRO K 174 -40.15 -9.48 0.35
C PRO K 174 -39.29 -9.60 1.58
N LEU K 175 -39.28 -10.75 2.24
CA LEU K 175 -38.33 -10.98 3.32
C LEU K 175 -36.99 -11.37 2.73
N GLN K 176 -35.90 -10.85 3.33
CA GLN K 176 -34.57 -11.28 2.91
C GLN K 176 -33.83 -12.06 3.99
N ASN K 177 -33.54 -11.47 5.15
CA ASN K 177 -32.80 -12.21 6.17
C ASN K 177 -33.57 -12.36 7.48
N ASN K 178 -33.78 -11.29 8.24
CA ASN K 178 -34.62 -11.44 9.43
C ASN K 178 -35.77 -10.45 9.54
N LEU K 179 -35.44 -9.17 9.76
CA LEU K 179 -36.42 -8.11 9.91
C LEU K 179 -36.05 -6.83 9.18
N HIS K 180 -34.75 -6.60 8.93
CA HIS K 180 -34.29 -5.30 8.45
C HIS K 180 -34.65 -5.06 6.99
N GLU K 181 -34.93 -6.11 6.22
CA GLU K 181 -35.40 -5.92 4.85
C GLU K 181 -36.79 -5.30 4.83
N LEU K 182 -37.73 -5.88 5.58
CA LEU K 182 -39.05 -5.29 5.75
C LEU K 182 -38.95 -3.93 6.44
N TRP K 183 -37.98 -3.76 7.32
CA TRP K 183 -37.77 -2.47 7.98
C TRP K 183 -37.38 -1.40 6.97
N SER K 184 -36.45 -1.72 6.08
CA SER K 184 -36.01 -0.75 5.08
C SER K 184 -37.09 -0.47 4.06
N LEU K 185 -37.88 -1.49 3.71
CA LEU K 185 -38.97 -1.26 2.76
C LEU K 185 -40.07 -0.40 3.39
N LEU K 186 -40.36 -0.61 4.67
CA LEU K 186 -41.34 0.22 5.35
C LEU K 186 -40.81 1.64 5.57
N ASN K 187 -39.50 1.78 5.80
CA ASN K 187 -38.91 3.10 5.93
C ASN K 187 -38.72 3.78 4.59
N PHE K 188 -38.87 3.04 3.49
CA PHE K 188 -38.88 3.66 2.17
C PHE K 188 -40.28 4.11 1.78
N LEU K 189 -41.24 3.18 1.83
CA LEU K 189 -42.58 3.45 1.29
C LEU K 189 -43.33 4.47 2.12
N LEU K 190 -43.57 4.16 3.40
CA LEU K 190 -44.23 5.06 4.34
C LEU K 190 -43.24 5.38 5.45
N PRO K 191 -42.33 6.32 5.23
CA PRO K 191 -41.26 6.58 6.21
C PRO K 191 -41.72 7.27 7.47
N ASP K 192 -42.90 7.89 7.48
CA ASP K 192 -43.36 8.69 8.59
C ASP K 192 -44.08 7.90 9.65
N VAL K 193 -43.87 6.59 9.72
CA VAL K 193 -44.46 5.76 10.76
C VAL K 193 -43.37 4.89 11.36
N PHE K 194 -42.13 5.14 10.97
CA PHE K 194 -41.04 4.21 11.24
C PHE K 194 -39.78 4.99 11.60
N ASN K 195 -39.22 4.70 12.78
CA ASN K 195 -38.10 5.48 13.33
C ASN K 195 -36.82 4.67 13.44
N SER K 196 -36.83 3.54 14.15
CA SER K 196 -35.64 2.74 14.32
C SER K 196 -36.00 1.26 14.19
N ALA K 197 -34.97 0.43 14.06
CA ALA K 197 -35.16 -1.01 13.96
C ALA K 197 -35.65 -1.63 15.27
N ASP K 198 -35.40 -0.96 16.40
CA ASP K 198 -35.91 -1.45 17.67
C ASP K 198 -37.43 -1.33 17.75
N ASP K 199 -38.01 -0.34 17.07
CA ASP K 199 -39.46 -0.27 16.96
C ASP K 199 -40.02 -1.44 16.20
N PHE K 200 -39.36 -1.84 15.11
CA PHE K 200 -39.77 -3.00 14.34
C PHE K 200 -39.59 -4.29 15.14
N ASP K 201 -38.55 -4.35 15.98
CA ASP K 201 -38.35 -5.54 16.80
C ASP K 201 -39.37 -5.62 17.92
N SER K 202 -39.75 -4.47 18.51
CA SER K 202 -40.75 -4.48 19.55
C SER K 202 -42.14 -4.77 19.00
N TRP K 203 -42.41 -4.34 17.77
CA TRP K 203 -43.63 -4.80 17.11
C TRP K 203 -43.54 -6.28 16.77
N PHE K 204 -42.34 -6.76 16.48
CA PHE K 204 -42.11 -8.19 16.25
C PHE K 204 -42.14 -8.96 17.55
N GLN K 211 -46.65 -16.45 19.13
CA GLN K 211 -47.72 -15.87 18.33
C GLN K 211 -47.44 -14.41 18.01
N LYS K 212 -46.35 -13.87 18.60
CA LYS K 212 -45.97 -12.50 18.34
C LYS K 212 -45.47 -12.30 16.91
N LEU K 213 -44.86 -13.34 16.34
CA LEU K 213 -44.40 -13.28 14.95
C LEU K 213 -45.58 -13.17 14.00
N VAL K 214 -46.63 -13.97 14.24
CA VAL K 214 -47.82 -13.90 13.39
C VAL K 214 -48.61 -12.64 13.68
N GLU K 215 -48.52 -12.11 14.90
CA GLU K 215 -49.18 -10.85 15.23
C GLU K 215 -48.54 -9.69 14.48
N ARG K 216 -47.21 -9.62 14.47
CA ARG K 216 -46.51 -8.61 13.66
C ARG K 216 -46.71 -8.86 12.18
N LEU K 217 -46.85 -10.13 11.79
CA LEU K 217 -47.13 -10.47 10.40
C LEU K 217 -48.47 -9.91 9.95
N HIS K 218 -49.49 -10.02 10.78
CA HIS K 218 -50.77 -9.42 10.41
C HIS K 218 -50.74 -7.90 10.57
N MET K 219 -49.89 -7.40 11.47
CA MET K 219 -49.68 -5.96 11.59
C MET K 219 -48.97 -5.38 10.37
N VAL K 220 -48.30 -6.21 9.58
CA VAL K 220 -47.84 -5.79 8.27
C VAL K 220 -48.92 -6.03 7.21
N LEU K 221 -49.61 -7.17 7.31
CA LEU K 221 -50.49 -7.63 6.24
C LEU K 221 -51.72 -6.77 6.09
N ARG K 222 -52.30 -6.31 7.20
CA ARG K 222 -53.53 -5.53 7.10
C ARG K 222 -53.32 -4.12 6.53
N PRO K 223 -52.39 -3.25 7.07
CA PRO K 223 -52.27 -1.92 6.46
C PRO K 223 -51.62 -1.92 5.08
N PHE K 224 -50.44 -2.54 4.92
CA PHE K 224 -49.73 -2.50 3.65
C PHE K 224 -48.89 -3.77 3.48
N LEU K 225 -49.50 -4.77 2.83
CA LEU K 225 -48.84 -5.98 2.32
C LEU K 225 -49.84 -6.81 1.53
N LEU K 226 -49.36 -7.57 0.56
CA LEU K 226 -50.19 -8.55 -0.12
C LEU K 226 -49.30 -9.71 -0.50
N ARG K 227 -49.76 -10.93 -0.21
CA ARG K 227 -48.92 -12.11 -0.40
C ARG K 227 -49.81 -13.28 -0.83
N ARG K 228 -49.44 -13.92 -1.93
CA ARG K 228 -50.17 -15.07 -2.44
C ARG K 228 -49.17 -16.07 -3.00
N ILE K 229 -49.68 -17.25 -3.36
CA ILE K 229 -48.93 -18.26 -4.09
C ILE K 229 -49.87 -18.83 -5.14
N LYS K 230 -49.30 -19.47 -6.16
CA LYS K 230 -50.10 -19.98 -7.27
C LYS K 230 -51.02 -21.11 -6.87
N ALA K 231 -50.72 -21.81 -5.78
CA ALA K 231 -51.65 -22.80 -5.26
C ALA K 231 -52.91 -22.19 -4.67
N ASP K 232 -52.89 -20.89 -4.35
CA ASP K 232 -54.10 -20.26 -3.82
C ASP K 232 -55.08 -19.86 -4.92
N VAL K 233 -54.58 -19.45 -6.08
CA VAL K 233 -55.41 -18.79 -7.06
C VAL K 233 -55.43 -19.47 -8.42
N GLU K 234 -54.43 -20.28 -8.77
CA GLU K 234 -54.34 -20.77 -10.14
C GLU K 234 -55.19 -22.02 -10.36
N LYS K 235 -54.94 -23.06 -9.56
CA LYS K 235 -55.62 -24.36 -9.59
C LYS K 235 -55.65 -25.01 -10.97
N SER K 236 -54.58 -24.83 -11.76
CA SER K 236 -54.53 -25.45 -13.08
C SER K 236 -53.15 -25.95 -13.43
N LEU K 237 -52.28 -26.17 -12.45
CA LEU K 237 -50.86 -26.35 -12.69
C LEU K 237 -50.29 -27.28 -11.65
N PRO K 238 -49.16 -27.94 -11.94
CA PRO K 238 -48.43 -28.64 -10.89
C PRO K 238 -47.83 -27.64 -9.93
N PRO K 239 -47.84 -27.95 -8.61
CA PRO K 239 -47.29 -27.00 -7.62
C PRO K 239 -45.78 -26.80 -7.78
N LYS K 240 -45.04 -27.90 -7.62
CA LYS K 240 -43.62 -28.01 -7.95
C LYS K 240 -43.37 -29.47 -8.34
N LYS K 241 -42.13 -29.79 -8.71
CA LYS K 241 -41.69 -31.18 -8.81
C LYS K 241 -40.18 -31.17 -8.56
N GLU K 242 -39.78 -31.49 -7.34
CA GLU K 242 -38.39 -31.38 -6.92
C GLU K 242 -37.88 -32.73 -6.45
N VAL K 243 -36.66 -33.06 -6.84
CA VAL K 243 -35.90 -34.15 -6.25
C VAL K 243 -34.51 -33.62 -5.92
N LYS K 244 -34.15 -33.69 -4.64
CA LYS K 244 -32.83 -33.25 -4.18
C LYS K 244 -31.86 -34.41 -4.36
N ILE K 245 -31.11 -34.38 -5.45
CA ILE K 245 -30.15 -35.44 -5.76
C ILE K 245 -28.77 -34.98 -5.35
N TYR K 246 -28.07 -35.83 -4.61
CA TYR K 246 -26.69 -35.58 -4.24
C TYR K 246 -25.77 -36.41 -5.12
N VAL K 247 -24.68 -35.82 -5.53
CA VAL K 247 -23.74 -36.47 -6.41
C VAL K 247 -22.59 -37.02 -5.58
N GLY K 248 -21.81 -37.89 -6.20
CA GLY K 248 -20.60 -38.36 -5.58
C GLY K 248 -19.47 -37.36 -5.74
N LEU K 249 -18.34 -37.68 -5.12
CA LEU K 249 -17.13 -36.89 -5.25
C LEU K 249 -16.13 -37.68 -6.06
N SER K 250 -15.60 -37.08 -7.12
CA SER K 250 -14.63 -37.75 -7.97
C SER K 250 -13.31 -37.92 -7.24
N LYS K 251 -12.45 -38.76 -7.80
CA LYS K 251 -11.13 -38.95 -7.20
C LYS K 251 -10.30 -37.69 -7.29
N MET K 252 -10.37 -36.99 -8.44
CA MET K 252 -9.75 -35.68 -8.56
C MET K 252 -10.35 -34.68 -7.59
N GLN K 253 -11.66 -34.78 -7.37
CA GLN K 253 -12.35 -33.94 -6.41
C GLN K 253 -11.85 -34.19 -5.00
N ARG K 254 -11.69 -35.45 -4.62
CA ARG K 254 -11.27 -35.77 -3.25
C ARG K 254 -9.81 -35.39 -3.03
N GLU K 255 -8.94 -35.63 -4.02
CA GLU K 255 -7.54 -35.25 -3.82
C GLU K 255 -7.36 -33.74 -3.87
N TRP K 256 -8.18 -33.04 -4.65
CA TRP K 256 -8.14 -31.57 -4.62
C TRP K 256 -8.68 -31.03 -3.30
N TYR K 257 -9.67 -31.72 -2.71
CA TYR K 257 -10.19 -31.33 -1.42
C TYR K 257 -9.15 -31.48 -0.32
N THR K 258 -8.45 -32.62 -0.30
CA THR K 258 -7.36 -32.77 0.67
C THR K 258 -6.22 -31.79 0.38
N ARG K 259 -5.95 -31.53 -0.91
CA ARG K 259 -4.89 -30.62 -1.29
C ARG K 259 -5.18 -29.20 -0.85
N ILE K 260 -6.45 -28.78 -0.92
CA ILE K 260 -6.78 -27.44 -0.47
C ILE K 260 -6.96 -27.42 1.04
N LEU K 261 -7.20 -28.56 1.68
CA LEU K 261 -7.28 -28.57 3.13
C LEU K 261 -5.92 -28.62 3.81
N MET K 262 -4.87 -29.07 3.13
CA MET K 262 -3.53 -28.94 3.69
C MET K 262 -2.88 -27.58 3.41
N LYS K 263 -3.48 -26.77 2.52
CA LYS K 263 -3.12 -25.40 2.15
C LYS K 263 -1.79 -25.25 1.43
N ASP K 264 -1.01 -26.32 1.32
CA ASP K 264 0.35 -26.25 0.79
C ASP K 264 0.43 -26.77 -0.64
N ILE K 265 -0.25 -26.11 -1.57
CA ILE K 265 -0.31 -26.58 -2.96
C ILE K 265 -0.13 -25.40 -3.91
N ASP K 266 0.81 -25.56 -4.86
CA ASP K 266 0.90 -25.00 -6.21
C ASP K 266 2.23 -25.41 -6.83
N ILE K 267 2.28 -25.29 -8.16
CA ILE K 267 3.41 -25.77 -8.97
C ILE K 267 3.91 -24.69 -9.91
N LEU K 268 3.17 -23.58 -10.05
CA LEU K 268 3.41 -22.65 -11.16
C LEU K 268 4.55 -21.66 -10.92
N ASN K 269 5.67 -22.16 -10.42
CA ASN K 269 6.91 -21.43 -10.20
C ASN K 269 7.98 -22.47 -9.91
N SER K 270 9.15 -22.02 -9.47
CA SER K 270 10.20 -22.96 -9.10
C SER K 270 9.93 -23.60 -7.74
N ALA K 271 9.06 -23.00 -6.93
CA ALA K 271 8.77 -23.47 -5.58
C ALA K 271 7.31 -23.93 -5.47
N GLY K 272 7.01 -24.62 -4.37
CA GLY K 272 5.66 -25.02 -4.07
C GLY K 272 4.89 -24.02 -3.24
N LYS K 273 4.48 -22.91 -3.84
CA LYS K 273 3.85 -21.82 -3.09
C LYS K 273 2.36 -22.08 -2.96
N MET K 274 1.63 -21.06 -2.50
CA MET K 274 0.18 -21.12 -2.36
C MET K 274 -0.56 -20.22 -3.34
N ASP K 275 0.08 -19.11 -3.78
CA ASP K 275 -0.44 -18.18 -4.80
C ASP K 275 -1.82 -17.62 -4.41
N LYS K 276 -1.99 -17.29 -3.13
CA LYS K 276 -3.07 -16.49 -2.55
C LYS K 276 -4.43 -17.20 -2.57
N MET K 277 -4.55 -18.38 -3.17
CA MET K 277 -5.86 -18.99 -3.40
C MET K 277 -6.52 -19.51 -2.13
N ARG K 278 -5.78 -19.64 -1.04
CA ARG K 278 -6.35 -20.14 0.21
C ARG K 278 -6.25 -19.06 1.28
N LEU K 279 -6.57 -17.82 0.91
CA LEU K 279 -6.24 -16.70 1.78
C LEU K 279 -7.19 -16.59 2.96
N LEU K 280 -8.44 -16.24 2.71
CA LEU K 280 -9.40 -16.09 3.80
C LEU K 280 -10.61 -16.99 3.66
N ASN K 281 -11.32 -16.90 2.54
CA ASN K 281 -12.66 -17.48 2.43
C ASN K 281 -12.52 -18.87 1.83
N ILE K 282 -12.24 -19.82 2.71
CA ILE K 282 -11.95 -21.18 2.25
C ILE K 282 -13.23 -21.92 1.90
N LEU K 283 -14.38 -21.49 2.42
CA LEU K 283 -15.63 -22.18 2.12
C LEU K 283 -16.03 -22.00 0.67
N MET K 284 -15.88 -20.80 0.12
CA MET K 284 -16.17 -20.64 -1.30
C MET K 284 -15.09 -21.24 -2.17
N GLN K 285 -13.87 -21.37 -1.65
CA GLN K 285 -12.86 -22.14 -2.36
C GLN K 285 -13.24 -23.61 -2.43
N LEU K 286 -13.86 -24.13 -1.38
CA LEU K 286 -14.39 -25.48 -1.44
C LEU K 286 -15.62 -25.57 -2.33
N ARG K 287 -16.39 -24.49 -2.44
CA ARG K 287 -17.48 -24.45 -3.41
C ARG K 287 -16.93 -24.54 -4.83
N LYS K 288 -15.87 -23.78 -5.11
CA LYS K 288 -15.22 -23.82 -6.41
C LYS K 288 -14.63 -25.19 -6.69
N CYS K 289 -14.08 -25.83 -5.64
CA CYS K 289 -13.55 -27.17 -5.79
C CYS K 289 -14.66 -28.18 -6.10
N CYS K 290 -15.74 -28.15 -5.31
CA CYS K 290 -16.83 -29.10 -5.47
C CYS K 290 -17.62 -28.89 -6.76
N ASN K 291 -17.59 -27.70 -7.32
CA ASN K 291 -18.19 -27.52 -8.64
C ASN K 291 -17.34 -28.18 -9.71
N HIS K 292 -16.11 -27.72 -9.87
CA HIS K 292 -15.15 -28.38 -10.76
C HIS K 292 -13.74 -27.98 -10.38
N PRO K 293 -12.80 -28.94 -10.31
CA PRO K 293 -11.40 -28.59 -10.03
C PRO K 293 -10.75 -27.75 -11.11
N TYR K 294 -11.24 -27.81 -12.36
CA TYR K 294 -10.62 -27.10 -13.48
C TYR K 294 -10.77 -25.59 -13.40
N LEU K 295 -11.61 -25.08 -12.49
CA LEU K 295 -11.61 -23.65 -12.20
C LEU K 295 -10.27 -23.20 -11.65
N PHE K 296 -9.63 -24.04 -10.83
CA PHE K 296 -8.31 -23.71 -10.32
C PHE K 296 -7.27 -23.85 -11.43
N ASP K 297 -6.08 -23.33 -11.16
CA ASP K 297 -5.01 -23.33 -12.16
C ASP K 297 -4.43 -24.72 -12.28
N GLY K 298 -4.21 -25.17 -13.51
CA GLY K 298 -3.46 -26.37 -13.79
C GLY K 298 -4.08 -27.67 -13.32
N ALA K 299 -5.39 -27.72 -13.13
CA ALA K 299 -6.02 -28.98 -12.80
C ALA K 299 -6.13 -29.89 -14.01
N GLU K 300 -6.42 -29.32 -15.18
CA GLU K 300 -6.10 -29.96 -16.43
C GLU K 300 -4.58 -29.97 -16.58
N PRO K 301 -4.02 -30.93 -17.33
CA PRO K 301 -2.56 -30.90 -17.60
C PRO K 301 -2.10 -29.70 -18.44
N GLY K 302 -0.80 -29.65 -18.74
CA GLY K 302 -0.24 -28.62 -19.59
C GLY K 302 -0.88 -28.67 -20.96
N PRO K 303 -1.76 -27.71 -21.21
CA PRO K 303 -2.95 -28.00 -22.01
C PRO K 303 -2.76 -27.71 -23.48
N PRO K 304 -3.01 -28.70 -24.33
CA PRO K 304 -3.64 -28.40 -25.62
C PRO K 304 -5.14 -28.38 -25.38
N TYR K 305 -5.77 -27.22 -25.56
CA TYR K 305 -7.12 -26.99 -25.04
C TYR K 305 -8.16 -27.77 -25.86
N THR K 306 -8.24 -29.05 -25.56
CA THR K 306 -9.33 -29.90 -26.00
C THR K 306 -10.18 -30.27 -24.78
N THR K 307 -11.45 -30.55 -25.04
CA THR K 307 -12.42 -30.81 -23.99
C THR K 307 -12.72 -32.31 -23.98
N ASP K 308 -11.91 -33.06 -23.23
CA ASP K 308 -12.08 -34.49 -23.12
C ASP K 308 -13.26 -34.82 -22.20
N MET K 309 -13.55 -36.11 -22.09
CA MET K 309 -14.51 -36.58 -21.10
C MET K 309 -13.91 -36.66 -19.71
N HIS K 310 -12.61 -36.42 -19.56
CA HIS K 310 -12.04 -36.26 -18.25
C HIS K 310 -12.39 -34.91 -17.64
N LEU K 311 -12.73 -33.93 -18.49
CA LEU K 311 -13.27 -32.68 -17.99
C LEU K 311 -14.64 -32.89 -17.35
N VAL K 312 -15.39 -33.89 -17.79
CA VAL K 312 -16.73 -34.13 -17.26
C VAL K 312 -16.76 -35.28 -16.27
N THR K 313 -15.70 -36.08 -16.19
CA THR K 313 -15.60 -37.14 -15.21
C THR K 313 -14.58 -36.82 -14.13
N ASN K 314 -14.48 -35.54 -13.76
CA ASN K 314 -13.65 -35.15 -12.63
C ASN K 314 -14.41 -34.34 -11.60
N SER K 315 -15.74 -34.32 -11.68
CA SER K 315 -16.60 -33.75 -10.65
C SER K 315 -17.96 -34.41 -10.77
N GLY K 316 -18.47 -34.91 -9.64
CA GLY K 316 -19.64 -35.79 -9.68
C GLY K 316 -20.91 -35.11 -10.14
N LYS K 317 -21.01 -33.80 -9.94
CA LYS K 317 -22.07 -33.01 -10.56
C LYS K 317 -22.02 -33.15 -12.07
N MET K 318 -20.82 -33.03 -12.65
CA MET K 318 -20.68 -33.21 -14.08
C MET K 318 -20.91 -34.65 -14.51
N VAL K 319 -20.61 -35.62 -13.64
CA VAL K 319 -20.84 -37.02 -13.97
C VAL K 319 -22.33 -37.32 -14.07
N VAL K 320 -23.09 -36.92 -13.06
CA VAL K 320 -24.55 -37.11 -13.10
C VAL K 320 -25.17 -36.27 -14.20
N LEU K 321 -24.59 -35.10 -14.48
CA LEU K 321 -25.08 -34.24 -15.55
C LEU K 321 -24.86 -34.85 -16.92
N ASP K 322 -23.69 -35.43 -17.17
CA ASP K 322 -23.46 -36.06 -18.48
C ASP K 322 -24.26 -37.33 -18.62
N LYS K 323 -24.53 -38.02 -17.51
CA LYS K 323 -25.40 -39.18 -17.59
C LYS K 323 -26.85 -38.79 -17.81
N LEU K 324 -27.23 -37.58 -17.39
CA LEU K 324 -28.64 -37.18 -17.42
C LEU K 324 -29.02 -36.35 -18.64
N LEU K 325 -28.07 -35.73 -19.34
CA LEU K 325 -28.46 -34.97 -20.54
C LEU K 325 -28.98 -35.83 -21.69
N PRO K 326 -28.44 -37.01 -21.99
CA PRO K 326 -29.18 -37.92 -22.88
C PRO K 326 -30.45 -38.46 -22.25
N LYS K 327 -30.49 -38.58 -20.92
CA LYS K 327 -31.70 -39.05 -20.25
C LYS K 327 -32.80 -38.00 -20.34
N LEU K 328 -32.45 -36.72 -20.42
CA LEU K 328 -33.45 -35.70 -20.67
C LEU K 328 -33.67 -35.48 -22.16
N LYS K 329 -32.71 -35.90 -23.00
CA LYS K 329 -32.92 -35.83 -24.43
C LYS K 329 -33.95 -36.85 -24.89
N GLU K 330 -33.90 -38.06 -24.33
CA GLU K 330 -34.95 -39.03 -24.62
C GLU K 330 -36.26 -38.64 -23.94
N GLN K 331 -36.17 -37.90 -22.83
CA GLN K 331 -37.36 -37.27 -22.27
C GLN K 331 -37.91 -36.22 -23.22
N GLY K 332 -37.04 -35.48 -23.88
CA GLY K 332 -37.46 -34.60 -24.95
C GLY K 332 -38.11 -33.31 -24.54
N SER K 333 -37.51 -32.57 -23.60
CA SER K 333 -37.98 -31.24 -23.26
C SER K 333 -36.80 -30.33 -22.99
N ARG K 334 -37.08 -29.04 -22.98
CA ARG K 334 -36.04 -28.03 -22.84
C ARG K 334 -35.46 -28.02 -21.43
N VAL K 335 -34.14 -27.98 -21.34
CA VAL K 335 -33.44 -28.04 -20.07
C VAL K 335 -32.96 -26.65 -19.69
N LEU K 336 -32.71 -26.46 -18.40
CA LEU K 336 -32.48 -25.13 -17.86
C LEU K 336 -31.45 -25.23 -16.74
N ILE K 337 -30.23 -24.78 -17.01
CA ILE K 337 -29.12 -24.84 -16.06
C ILE K 337 -28.88 -23.43 -15.51
N PHE K 338 -28.65 -23.34 -14.20
CA PHE K 338 -28.43 -22.07 -13.53
C PHE K 338 -27.13 -22.16 -12.74
N SER K 339 -26.05 -21.77 -13.38
CA SER K 339 -24.74 -21.77 -12.74
C SER K 339 -24.51 -20.44 -12.03
N GLN K 340 -24.09 -20.50 -10.77
CA GLN K 340 -23.75 -19.28 -10.06
C GLN K 340 -22.41 -18.74 -10.55
N MET K 341 -21.38 -19.57 -10.52
CA MET K 341 -20.07 -19.15 -10.96
C MET K 341 -20.02 -19.09 -12.48
N THR K 342 -19.57 -17.94 -13.00
CA THR K 342 -19.54 -17.74 -14.44
C THR K 342 -18.50 -18.59 -15.13
N ARG K 343 -17.42 -18.95 -14.43
CA ARG K 343 -16.43 -19.85 -15.01
C ARG K 343 -17.00 -21.24 -15.17
N VAL K 344 -17.88 -21.66 -14.26
CA VAL K 344 -18.56 -22.93 -14.41
C VAL K 344 -19.51 -22.87 -15.61
N LEU K 345 -20.11 -21.71 -15.84
CA LEU K 345 -20.93 -21.52 -17.04
C LEU K 345 -20.08 -21.60 -18.30
N ASP K 346 -18.85 -21.10 -18.26
CA ASP K 346 -17.95 -21.23 -19.40
C ASP K 346 -17.57 -22.69 -19.64
N ILE K 347 -17.35 -23.44 -18.57
CA ILE K 347 -16.99 -24.85 -18.71
C ILE K 347 -18.17 -25.64 -19.26
N LEU K 348 -19.39 -25.32 -18.83
CA LEU K 348 -20.57 -25.93 -19.42
C LEU K 348 -20.77 -25.53 -20.87
N GLU K 349 -20.35 -24.31 -21.23
CA GLU K 349 -20.37 -23.89 -22.63
C GLU K 349 -19.44 -24.76 -23.47
N ASP K 350 -18.23 -25.00 -22.97
CA ASP K 350 -17.28 -25.88 -23.65
C ASP K 350 -17.81 -27.31 -23.75
N TYR K 351 -18.49 -27.77 -22.70
CA TYR K 351 -18.95 -29.14 -22.69
C TYR K 351 -20.14 -29.35 -23.60
N CYS K 352 -21.09 -28.40 -23.63
CA CYS K 352 -22.23 -28.54 -24.53
C CYS K 352 -21.83 -28.28 -25.97
N MET K 353 -20.77 -27.52 -26.20
CA MET K 353 -20.18 -27.49 -27.54
C MET K 353 -19.58 -28.84 -27.90
N TRP K 354 -18.95 -29.50 -26.92
CA TRP K 354 -18.37 -30.82 -27.14
C TRP K 354 -19.45 -31.87 -27.36
N ARG K 355 -20.61 -31.72 -26.73
CA ARG K 355 -21.70 -32.66 -26.93
C ARG K 355 -22.74 -32.14 -27.92
N ASN K 356 -22.51 -30.96 -28.48
CA ASN K 356 -23.19 -30.43 -29.67
C ASN K 356 -24.69 -30.26 -29.46
N TYR K 357 -25.03 -29.49 -28.43
CA TYR K 357 -26.37 -28.95 -28.30
C TYR K 357 -26.32 -27.43 -28.48
N GLU K 358 -27.48 -26.84 -28.58
CA GLU K 358 -27.61 -25.40 -28.84
C GLU K 358 -27.76 -24.67 -27.52
N TYR K 359 -26.82 -23.78 -27.24
CA TYR K 359 -26.78 -23.01 -26.01
C TYR K 359 -27.02 -21.54 -26.31
N CYS K 360 -27.53 -20.83 -25.30
CA CYS K 360 -27.59 -19.37 -25.31
C CYS K 360 -27.09 -18.92 -23.94
N ARG K 361 -25.88 -18.38 -23.89
CA ARG K 361 -25.24 -18.05 -22.63
C ARG K 361 -25.77 -16.73 -22.10
N LEU K 362 -26.30 -16.76 -20.88
CA LEU K 362 -26.72 -15.54 -20.17
C LEU K 362 -25.78 -15.34 -19.00
N ASP K 363 -24.65 -14.69 -19.29
CA ASP K 363 -23.60 -14.59 -18.29
C ASP K 363 -23.86 -13.48 -17.30
N GLY K 364 -24.51 -12.42 -17.73
CA GLY K 364 -24.65 -11.22 -16.93
C GLY K 364 -23.78 -10.09 -17.39
N GLN K 365 -22.82 -10.34 -18.28
CA GLN K 365 -22.13 -9.26 -18.96
C GLN K 365 -22.51 -9.17 -20.43
N THR K 366 -23.46 -9.97 -20.89
CA THR K 366 -23.90 -9.88 -22.27
C THR K 366 -24.71 -8.60 -22.47
N PRO K 367 -24.58 -7.95 -23.62
CA PRO K 367 -25.42 -6.78 -23.90
C PRO K 367 -26.87 -7.17 -24.08
N HIS K 368 -27.74 -6.18 -23.84
CA HIS K 368 -29.18 -6.41 -23.81
C HIS K 368 -29.73 -6.73 -25.19
N ASP K 369 -29.09 -6.22 -26.23
CA ASP K 369 -29.56 -6.48 -27.58
C ASP K 369 -29.31 -7.93 -28.00
N GLU K 370 -28.31 -8.57 -27.40
CA GLU K 370 -28.07 -9.99 -27.59
C GLU K 370 -28.69 -10.83 -26.49
N ARG K 371 -29.57 -10.24 -25.68
CA ARG K 371 -30.19 -10.90 -24.56
C ARG K 371 -31.66 -11.23 -24.80
N GLN K 372 -32.46 -10.21 -25.14
CA GLN K 372 -33.89 -10.39 -25.29
C GLN K 372 -34.23 -11.29 -26.48
N ASP K 373 -33.48 -11.14 -27.58
CA ASP K 373 -33.65 -12.03 -28.72
C ASP K 373 -33.24 -13.45 -28.39
N SER K 374 -32.28 -13.62 -27.50
CA SER K 374 -31.89 -14.96 -27.05
C SER K 374 -33.02 -15.60 -26.25
N ILE K 375 -33.64 -14.82 -25.37
CA ILE K 375 -34.78 -15.32 -24.60
C ILE K 375 -35.96 -15.63 -25.54
N ASN K 376 -36.12 -14.82 -26.57
CA ASN K 376 -37.20 -15.04 -27.53
C ASN K 376 -36.96 -16.30 -28.37
N ALA K 377 -35.70 -16.52 -28.78
CA ALA K 377 -35.36 -17.72 -29.54
C ALA K 377 -35.47 -18.96 -28.68
N TYR K 378 -35.25 -18.82 -27.37
CA TYR K 378 -35.52 -19.94 -26.48
C TYR K 378 -37.02 -20.15 -26.31
N ASN K 379 -37.79 -19.07 -26.35
CA ASN K 379 -39.23 -19.11 -26.14
C ASN K 379 -40.02 -19.02 -27.44
N GLU K 380 -39.38 -19.32 -28.58
CA GLU K 380 -40.08 -19.37 -29.84
C GLU K 380 -41.06 -20.54 -29.86
N PRO K 381 -42.12 -20.43 -30.65
CA PRO K 381 -42.98 -21.60 -30.89
C PRO K 381 -42.22 -22.69 -31.63
N ASN K 382 -42.19 -23.88 -31.03
CA ASN K 382 -41.40 -25.04 -31.46
C ASN K 382 -39.93 -24.68 -31.56
N SER K 383 -39.37 -24.36 -30.40
CA SER K 383 -38.00 -23.87 -30.32
C SER K 383 -36.99 -24.98 -30.58
N THR K 384 -35.73 -24.58 -30.66
CA THR K 384 -34.64 -25.47 -31.04
C THR K 384 -33.48 -25.46 -30.04
N LYS K 385 -33.24 -24.33 -29.37
CA LYS K 385 -32.12 -24.17 -28.43
C LYS K 385 -32.38 -25.04 -27.21
N PHE K 386 -31.67 -26.18 -27.14
CA PHE K 386 -31.99 -27.19 -26.14
C PHE K 386 -31.53 -26.78 -24.75
N VAL K 387 -30.26 -26.44 -24.61
CA VAL K 387 -29.71 -26.06 -23.31
C VAL K 387 -29.68 -24.54 -23.23
N PHE K 388 -29.86 -24.02 -22.02
CA PHE K 388 -29.97 -22.58 -21.79
C PHE K 388 -29.16 -22.27 -20.53
N MET K 389 -27.97 -21.71 -20.72
CA MET K 389 -27.05 -21.47 -19.64
C MET K 389 -27.18 -20.03 -19.15
N LEU K 390 -27.41 -19.87 -17.86
CA LEU K 390 -27.63 -18.57 -17.27
C LEU K 390 -26.80 -18.43 -16.01
N SER K 391 -26.36 -17.20 -15.75
CA SER K 391 -26.03 -16.84 -14.38
C SER K 391 -27.32 -16.82 -13.58
N THR K 392 -27.20 -17.16 -12.29
CA THR K 392 -28.38 -17.22 -11.44
C THR K 392 -28.95 -15.84 -11.20
N ARG K 393 -28.09 -14.87 -10.91
CA ARG K 393 -28.55 -13.54 -10.54
C ARG K 393 -29.15 -12.78 -11.71
N ALA K 394 -28.32 -12.41 -12.68
CA ALA K 394 -28.74 -11.54 -13.76
C ALA K 394 -29.64 -12.23 -14.77
N GLY K 395 -29.65 -13.56 -14.77
CA GLY K 395 -30.58 -14.28 -15.61
C GLY K 395 -31.87 -14.63 -14.89
N GLY K 396 -31.76 -15.32 -13.76
CA GLY K 396 -32.93 -15.75 -13.06
C GLY K 396 -33.60 -14.71 -12.20
N LEU K 397 -33.21 -13.44 -12.32
CA LEU K 397 -33.83 -12.42 -11.49
C LEU K 397 -35.26 -12.13 -11.93
N GLY K 398 -35.50 -11.85 -13.21
CA GLY K 398 -36.84 -11.42 -13.60
C GLY K 398 -37.41 -11.84 -14.94
N ILE K 399 -36.88 -12.90 -15.55
CA ILE K 399 -37.33 -13.35 -16.86
C ILE K 399 -38.48 -14.35 -16.76
N ASN K 400 -39.14 -14.61 -17.89
CA ASN K 400 -40.21 -15.60 -17.99
C ASN K 400 -39.84 -16.65 -19.02
N LEU K 401 -39.84 -17.92 -18.60
CA LEU K 401 -39.35 -19.04 -19.39
C LEU K 401 -40.31 -20.22 -19.35
N ALA K 402 -41.57 -19.97 -19.66
CA ALA K 402 -42.58 -21.02 -19.63
C ALA K 402 -42.43 -22.08 -20.74
N THR K 403 -41.40 -22.08 -21.59
CA THR K 403 -41.24 -23.13 -22.58
C THR K 403 -40.73 -24.42 -21.95
N ALA K 404 -39.69 -24.31 -21.13
CA ALA K 404 -39.06 -25.46 -20.50
C ALA K 404 -39.93 -26.00 -19.37
N ASP K 405 -39.50 -27.15 -18.83
CA ASP K 405 -40.10 -27.66 -17.60
C ASP K 405 -39.10 -28.21 -16.60
N VAL K 406 -37.86 -28.49 -16.99
CA VAL K 406 -36.86 -29.03 -16.08
C VAL K 406 -35.79 -27.98 -15.83
N VAL K 407 -35.53 -27.70 -14.57
CA VAL K 407 -34.58 -26.68 -14.16
C VAL K 407 -33.48 -27.35 -13.35
N ILE K 408 -32.24 -27.04 -13.71
CA ILE K 408 -31.07 -27.65 -13.10
C ILE K 408 -30.43 -26.56 -12.25
N LEU K 409 -30.74 -26.56 -10.96
CA LEU K 409 -30.09 -25.66 -10.02
C LEU K 409 -28.74 -26.28 -9.68
N TYR K 410 -27.68 -25.68 -10.21
CA TYR K 410 -26.36 -26.31 -10.11
C TYR K 410 -25.77 -26.14 -8.72
N ASP K 411 -25.93 -24.96 -8.12
CA ASP K 411 -25.36 -24.68 -6.81
C ASP K 411 -26.22 -23.66 -6.11
N SER K 412 -26.88 -24.06 -5.03
CA SER K 412 -27.67 -23.14 -4.24
C SER K 412 -26.75 -22.22 -3.45
N ASP K 413 -27.00 -20.92 -3.54
CA ASP K 413 -26.14 -19.94 -2.89
C ASP K 413 -26.59 -19.75 -1.43
N TRP K 414 -26.06 -18.70 -0.79
CA TRP K 414 -26.33 -18.49 0.63
C TRP K 414 -27.74 -18.00 0.90
N ASN K 415 -28.40 -17.40 -0.09
CA ASN K 415 -29.76 -16.93 0.09
C ASN K 415 -30.72 -17.91 -0.57
N PRO K 416 -31.66 -18.50 0.17
CA PRO K 416 -32.57 -19.46 -0.45
C PRO K 416 -33.65 -18.83 -1.31
N GLN K 417 -33.89 -17.53 -1.18
CA GLN K 417 -34.98 -16.92 -1.92
C GLN K 417 -34.59 -16.60 -3.36
N VAL K 418 -33.33 -16.25 -3.62
CA VAL K 418 -32.90 -16.15 -5.00
C VAL K 418 -32.81 -17.53 -5.63
N ASP K 419 -32.60 -18.57 -4.81
CA ASP K 419 -32.71 -19.92 -5.29
C ASP K 419 -34.14 -20.25 -5.67
N LEU K 420 -35.10 -19.74 -4.91
CA LEU K 420 -36.51 -19.89 -5.27
C LEU K 420 -36.86 -19.11 -6.53
N GLN K 421 -36.21 -17.96 -6.74
CA GLN K 421 -36.46 -17.16 -7.94
C GLN K 421 -35.97 -17.90 -9.18
N ALA K 422 -34.72 -18.36 -9.16
CA ALA K 422 -34.21 -19.17 -10.26
C ALA K 422 -34.87 -20.54 -10.34
N MET K 423 -35.49 -20.99 -9.24
CA MET K 423 -36.26 -22.22 -9.24
C MET K 423 -37.52 -22.04 -10.06
N ASP K 424 -38.27 -20.99 -9.77
CA ASP K 424 -39.59 -20.80 -10.34
C ASP K 424 -39.58 -19.93 -11.58
N ARG K 425 -38.39 -19.59 -12.12
CA ARG K 425 -38.31 -19.05 -13.48
C ARG K 425 -39.05 -19.92 -14.49
N ALA K 426 -38.87 -21.24 -14.42
CA ALA K 426 -39.60 -22.14 -15.28
C ALA K 426 -41.06 -22.25 -14.87
N HIS K 427 -41.35 -22.05 -13.59
CA HIS K 427 -42.72 -22.11 -13.08
C HIS K 427 -43.35 -20.72 -13.06
N ARG K 428 -43.30 -20.03 -14.20
CA ARG K 428 -43.74 -18.64 -14.24
C ARG K 428 -45.25 -18.54 -14.35
N ILE K 429 -45.81 -18.98 -15.47
CA ILE K 429 -47.25 -18.97 -15.67
C ILE K 429 -47.84 -20.36 -15.44
N GLY K 430 -47.06 -21.26 -14.90
CA GLY K 430 -47.36 -22.67 -15.00
C GLY K 430 -46.75 -23.24 -16.25
N GLN K 431 -46.90 -24.55 -16.40
CA GLN K 431 -46.28 -25.27 -17.49
C GLN K 431 -47.28 -26.31 -17.98
N THR K 432 -47.29 -26.52 -19.31
CA THR K 432 -48.07 -27.61 -19.88
C THR K 432 -47.63 -28.96 -19.34
N LYS K 433 -46.33 -29.15 -19.15
CA LYS K 433 -45.80 -30.31 -18.47
C LYS K 433 -45.68 -30.00 -16.98
N THR K 434 -45.05 -30.90 -16.22
CA THR K 434 -44.80 -30.65 -14.81
C THR K 434 -43.40 -30.10 -14.62
N VAL K 435 -43.23 -29.32 -13.56
CA VAL K 435 -42.01 -28.54 -13.37
C VAL K 435 -40.92 -29.32 -12.63
N ARG K 436 -40.19 -30.15 -13.37
CA ARG K 436 -39.18 -31.01 -12.77
C ARG K 436 -37.98 -30.19 -12.31
N VAL K 437 -37.41 -30.61 -11.18
CA VAL K 437 -36.22 -29.98 -10.62
C VAL K 437 -35.16 -31.04 -10.40
N PHE K 438 -34.00 -30.86 -11.01
CA PHE K 438 -32.86 -31.74 -10.81
C PHE K 438 -31.75 -30.84 -10.27
N ARG K 439 -31.66 -30.70 -8.95
CA ARG K 439 -30.68 -29.82 -8.34
C ARG K 439 -29.58 -30.63 -7.67
N PHE K 440 -28.34 -30.18 -7.86
CA PHE K 440 -27.17 -30.93 -7.42
C PHE K 440 -26.68 -30.43 -6.07
N ILE K 441 -26.04 -31.34 -5.32
CA ILE K 441 -25.44 -31.01 -4.03
C ILE K 441 -24.31 -31.99 -3.75
N THR K 442 -23.16 -31.47 -3.36
CA THR K 442 -22.02 -32.30 -2.98
C THR K 442 -21.91 -32.36 -1.46
N ASP K 443 -21.45 -33.51 -0.97
CA ASP K 443 -21.30 -33.75 0.46
C ASP K 443 -19.84 -33.59 0.86
N ASN K 444 -19.57 -33.80 2.15
CA ASN K 444 -18.23 -33.74 2.77
C ASN K 444 -17.57 -32.38 2.57
N THR K 445 -18.35 -31.32 2.61
CA THR K 445 -17.87 -29.98 2.29
C THR K 445 -18.69 -28.97 3.09
N VAL K 446 -18.65 -27.70 2.68
CA VAL K 446 -19.44 -26.66 3.31
C VAL K 446 -20.79 -26.49 2.64
N GLU K 447 -21.03 -27.16 1.51
CA GLU K 447 -22.27 -26.97 0.77
C GLU K 447 -23.48 -27.54 1.49
N GLU K 448 -23.28 -28.57 2.31
CA GLU K 448 -24.36 -29.03 3.18
C GLU K 448 -24.67 -27.99 4.25
N ARG K 449 -23.66 -27.29 4.75
CA ARG K 449 -23.90 -26.19 5.67
C ARG K 449 -24.60 -25.03 4.97
N ILE K 450 -24.30 -24.85 3.68
CA ILE K 450 -24.98 -23.82 2.88
C ILE K 450 -26.46 -24.11 2.79
N VAL K 451 -26.81 -25.33 2.37
CA VAL K 451 -28.23 -25.65 2.22
C VAL K 451 -28.91 -25.77 3.58
N GLU K 452 -28.16 -26.07 4.64
CA GLU K 452 -28.77 -26.11 5.96
C GLU K 452 -29.09 -24.72 6.49
N ARG K 453 -28.18 -23.76 6.33
CA ARG K 453 -28.50 -22.39 6.73
C ARG K 453 -29.58 -21.80 5.84
N ALA K 454 -29.59 -22.19 4.56
CA ALA K 454 -30.67 -21.79 3.68
C ALA K 454 -32.00 -22.39 4.11
N GLU K 455 -31.97 -23.61 4.65
CA GLU K 455 -33.20 -24.23 5.15
C GLU K 455 -33.69 -23.57 6.42
N MET K 456 -32.78 -23.13 7.29
CA MET K 456 -33.22 -22.40 8.49
C MET K 456 -33.78 -21.03 8.12
N LYS K 457 -33.15 -20.35 7.16
CA LYS K 457 -33.68 -19.09 6.65
C LYS K 457 -35.05 -19.30 5.99
N LEU K 458 -35.19 -20.39 5.23
CA LEU K 458 -36.45 -20.71 4.59
C LEU K 458 -37.52 -21.10 5.61
N ARG K 459 -37.12 -21.69 6.73
CA ARG K 459 -38.08 -22.02 7.78
C ARG K 459 -38.61 -20.77 8.47
N LEU K 460 -37.70 -19.86 8.86
CA LEU K 460 -38.13 -18.62 9.47
C LEU K 460 -38.84 -17.70 8.48
N ASP K 461 -38.63 -17.91 7.18
CA ASP K 461 -39.45 -17.24 6.17
C ASP K 461 -40.79 -17.94 6.03
N SER K 462 -40.82 -19.27 6.24
CA SER K 462 -42.02 -20.05 5.98
C SER K 462 -43.10 -19.80 7.02
N ILE K 463 -42.69 -19.68 8.30
CA ILE K 463 -43.64 -19.47 9.39
C ILE K 463 -44.42 -18.16 9.20
N VAL K 464 -43.79 -17.14 8.60
CA VAL K 464 -44.51 -15.92 8.31
C VAL K 464 -45.08 -15.87 6.89
N ILE K 465 -44.59 -16.70 5.97
CA ILE K 465 -45.07 -16.61 4.59
C ILE K 465 -46.29 -17.51 4.36
N GLN K 466 -46.62 -18.38 5.31
CA GLN K 466 -47.87 -19.13 5.20
C GLN K 466 -49.11 -18.25 5.28
N GLN K 467 -49.02 -17.05 5.87
CA GLN K 467 -50.12 -16.10 5.87
C GLN K 467 -49.73 -14.82 5.13
PB ADP L . -42.47 -10.04 -12.55
O1B ADP L . -43.47 -9.35 -11.67
O2B ADP L . -41.80 -11.23 -11.89
O3B ADP L . -41.54 -9.11 -13.28
PA ADP L . -44.80 -11.31 -13.32
O1A ADP L . -45.80 -10.18 -13.19
O2A ADP L . -44.58 -12.24 -12.17
O3A ADP L . -43.37 -10.68 -13.71
O5' ADP L . -45.23 -12.16 -14.62
C5' ADP L . -46.51 -12.79 -14.63
C4' ADP L . -46.80 -13.43 -15.96
O4' ADP L . -48.14 -13.94 -15.98
C3' ADP L . -46.73 -12.40 -17.07
O3' ADP L . -45.46 -12.44 -17.70
C2' ADP L . -47.83 -12.81 -18.03
O2' ADP L . -47.23 -13.48 -19.14
C1' ADP L . -48.71 -13.79 -17.27
N9 ADP L . -50.06 -13.20 -17.19
C8 ADP L . -50.47 -12.31 -16.28
N7 ADP L . -51.77 -11.95 -16.49
C5 ADP L . -52.20 -12.61 -17.56
C6 ADP L . -53.46 -12.69 -18.34
N6 ADP L . -54.57 -11.97 -17.98
N1 ADP L . -53.49 -13.52 -19.41
C2 ADP L . -52.42 -14.24 -19.77
N3 ADP L . -51.25 -14.22 -19.12
C4 ADP L . -51.08 -13.43 -18.04
#